data_9JUA
# 
_entry.id   9JUA 
# 
_audit_conform.dict_name       mmcif_pdbx.dic 
_audit_conform.dict_version    5.406 
_audit_conform.dict_location   http://mmcif.pdb.org/dictionaries/ascii/mmcif_pdbx.dic 
# 
loop_
_database_2.database_id 
_database_2.database_code 
_database_2.pdbx_database_accession 
_database_2.pdbx_DOI 
PDB   9JUA         pdb_00009jua 10.2210/pdb9jua/pdb 
WWPDB D_1300052262 ?            ?                   
# 
_pdbx_audit_revision_history.ordinal             1 
_pdbx_audit_revision_history.data_content_type   'Structure model' 
_pdbx_audit_revision_history.major_revision      1 
_pdbx_audit_revision_history.minor_revision      0 
_pdbx_audit_revision_history.revision_date       2025-10-08 
_pdbx_audit_revision_history.part_number         ? 
# 
_pdbx_audit_revision_details.ordinal             1 
_pdbx_audit_revision_details.revision_ordinal    1 
_pdbx_audit_revision_details.data_content_type   'Structure model' 
_pdbx_audit_revision_details.provider            repository 
_pdbx_audit_revision_details.type                'Initial release' 
_pdbx_audit_revision_details.description         ? 
_pdbx_audit_revision_details.details             ? 
# 
_pdbx_database_status.status_code                     REL 
_pdbx_database_status.status_code_sf                  REL 
_pdbx_database_status.status_code_mr                  ? 
_pdbx_database_status.entry_id                        9JUA 
_pdbx_database_status.recvd_initial_deposition_date   2024-10-07 
_pdbx_database_status.SG_entry                        N 
_pdbx_database_status.deposit_site                    PDBJ 
_pdbx_database_status.process_site                    PDBJ 
_pdbx_database_status.status_code_cs                  ? 
_pdbx_database_status.status_code_nmr_data            ? 
_pdbx_database_status.methods_development_category    ? 
_pdbx_database_status.pdb_format_compatible           Y 
# 
loop_
_pdbx_contact_author.id 
_pdbx_contact_author.email 
_pdbx_contact_author.name_first 
_pdbx_contact_author.name_last 
_pdbx_contact_author.name_mi 
_pdbx_contact_author.role 
_pdbx_contact_author.identifier_ORCID 
3 kmb@inbi.ras.ru Konstantin Boyko M. 'principal investigator/group leader' 0000-0001-8229-189X 
4 vpopov@fbras.ru Vladimir   Popov O. 'principal investigator/group leader' 0000-0002-0133-7962 
# 
loop_
_audit_author.name 
_audit_author.pdbx_ordinal 
_audit_author.identifier_ORCID 
'Boyko, K.M.'     1 ? 
'Bonchuk, A.N.'   2 ? 
'Nikolaeva, A.Y.' 3 ? 
'Arkova, O.V.'    4 ? 
'Belova, E.V.'    5 ? 
'Georgiev, P.G.'  6 ? 
'Popov, V.O.'     7 ? 
# 
_citation.abstract                  ? 
_citation.abstract_id_CAS           ? 
_citation.book_id_ISBN              ? 
_citation.book_publisher            ? 
_citation.book_publisher_city       ? 
_citation.book_title                ? 
_citation.coordinate_linkage        ? 
_citation.country                   ? 
_citation.database_id_Medline       ? 
_citation.details                   ? 
_citation.id                        primary 
_citation.journal_abbrev            'To Be Published' 
_citation.journal_id_ASTM           ? 
_citation.journal_id_CSD            0353 
_citation.journal_id_ISSN           ? 
_citation.journal_full              ? 
_citation.journal_issue             ? 
_citation.journal_volume            ? 
_citation.language                  ? 
_citation.page_first                ? 
_citation.page_last                 ? 
_citation.title                     'The complex of Eny2B and Sgf11 of Drosophila melanogaster' 
_citation.year                      ? 
_citation.database_id_CSD           ? 
_citation.pdbx_database_id_DOI      ? 
_citation.pdbx_database_id_PubMed   ? 
_citation.pdbx_database_id_patent   ? 
_citation.unpublished_flag          ? 
# 
loop_
_citation_author.citation_id 
_citation_author.name 
_citation_author.ordinal 
_citation_author.identifier_ORCID 
primary 'Boyko, K.M.'     1 ? 
primary 'Nikolaeva, A.Y.' 2 ? 
primary 'Bonchuk, A.N.'   3 ? 
primary 'Arkova, O.V.'    4 ? 
primary 'Belova, E.V.'    5 ? 
primary 'Georgiev, P.G.'  6 ? 
primary 'Popov, V.O.'     7 ? 
# 
loop_
_entity.id 
_entity.type 
_entity.src_method 
_entity.pdbx_description 
_entity.formula_weight 
_entity.pdbx_number_of_molecules 
_entity.pdbx_ec 
_entity.pdbx_mutation 
_entity.pdbx_fragment 
_entity.details 
1 polymer man 'Enhancer of yellow 2b transcription factor' 10846.636 2 ? ? ? ? 
2 polymer man 'SAGA-associated factor 11 homolog'          4478.885  2 ? ? ? ? 
# 
_entity_name_com.entity_id   1 
_entity_name_com.name        'Testis-specific e(y)2 paralog' 
# 
loop_
_entity_poly.entity_id 
_entity_poly.type 
_entity_poly.nstd_linkage 
_entity_poly.nstd_monomer 
_entity_poly.pdbx_seq_one_letter_code 
_entity_poly.pdbx_seq_one_letter_code_can 
_entity_poly.pdbx_strand_id 
_entity_poly.pdbx_target_identifier 
1 'polypeptide(L)' no no 
;MTINKETGTDPDPGYKPTLRSQDKAALKELLHTRLVECGWHKDIKEMIRNIIMERGVDNINRDQLAAQIVPQARALVPEV
VKNEMMLRVHAALDK
;
;MTINKETGTDPDPGYKPTLRSQDKAALKELLHTRLVECGWHKDIKEMIRNIIMERGVDNINRDQLAAQIVPQARALVPEV
VKNEMMLRVHAALDK
;
A,C ? 
2 'polypeptide(L)' no no SGSLDEAANYLYQSLLDDAVVGIFNETHHLRKSGNLAALDGV                                                         
SGSLDEAANYLYQSLLDDAVVGIFNETHHLRKSGNLAALDGV                                                         B,D ? 
# 
loop_
_entity_poly_seq.entity_id 
_entity_poly_seq.num 
_entity_poly_seq.mon_id 
_entity_poly_seq.hetero 
1 1  MET n 
1 2  THR n 
1 3  ILE n 
1 4  ASN n 
1 5  LYS n 
1 6  GLU n 
1 7  THR n 
1 8  GLY n 
1 9  THR n 
1 10 ASP n 
1 11 PRO n 
1 12 ASP n 
1 13 PRO n 
1 14 GLY n 
1 15 TYR n 
1 16 LYS n 
1 17 PRO n 
1 18 THR n 
1 19 LEU n 
1 20 ARG n 
1 21 SER n 
1 22 GLN n 
1 23 ASP n 
1 24 LYS n 
1 25 ALA n 
1 26 ALA n 
1 27 LEU n 
1 28 LYS n 
1 29 GLU n 
1 30 LEU n 
1 31 LEU n 
1 32 HIS n 
1 33 THR n 
1 34 ARG n 
1 35 LEU n 
1 36 VAL n 
1 37 GLU n 
1 38 CYS n 
1 39 GLY n 
1 40 TRP n 
1 41 HIS n 
1 42 LYS n 
1 43 ASP n 
1 44 ILE n 
1 45 LYS n 
1 46 GLU n 
1 47 MET n 
1 48 ILE n 
1 49 ARG n 
1 50 ASN n 
1 51 ILE n 
1 52 ILE n 
1 53 MET n 
1 54 GLU n 
1 55 ARG n 
1 56 GLY n 
1 57 VAL n 
1 58 ASP n 
1 59 ASN n 
1 60 ILE n 
1 61 ASN n 
1 62 ARG n 
1 63 ASP n 
1 64 GLN n 
1 65 LEU n 
1 66 ALA n 
1 67 ALA n 
1 68 GLN n 
1 69 ILE n 
1 70 VAL n 
1 71 PRO n 
1 72 GLN n 
1 73 ALA n 
1 74 ARG n 
1 75 ALA n 
1 76 LEU n 
1 77 VAL n 
1 78 PRO n 
1 79 GLU n 
1 80 VAL n 
1 81 VAL n 
1 82 LYS n 
1 83 ASN n 
1 84 GLU n 
1 85 MET n 
1 86 MET n 
1 87 LEU n 
1 88 ARG n 
1 89 VAL n 
1 90 HIS n 
1 91 ALA n 
1 92 ALA n 
1 93 LEU n 
1 94 ASP n 
1 95 LYS n 
2 1  SER n 
2 2  GLY n 
2 3  SER n 
2 4  LEU n 
2 5  ASP n 
2 6  GLU n 
2 7  ALA n 
2 8  ALA n 
2 9  ASN n 
2 10 TYR n 
2 11 LEU n 
2 12 TYR n 
2 13 GLN n 
2 14 SER n 
2 15 LEU n 
2 16 LEU n 
2 17 ASP n 
2 18 ASP n 
2 19 ALA n 
2 20 VAL n 
2 21 VAL n 
2 22 GLY n 
2 23 ILE n 
2 24 PHE n 
2 25 ASN n 
2 26 GLU n 
2 27 THR n 
2 28 HIS n 
2 29 HIS n 
2 30 LEU n 
2 31 ARG n 
2 32 LYS n 
2 33 SER n 
2 34 GLY n 
2 35 ASN n 
2 36 LEU n 
2 37 ALA n 
2 38 ALA n 
2 39 LEU n 
2 40 ASP n 
2 41 GLY n 
2 42 VAL n 
# 
loop_
_entity_src_gen.entity_id 
_entity_src_gen.pdbx_src_id 
_entity_src_gen.pdbx_alt_source_flag 
_entity_src_gen.pdbx_seq_type 
_entity_src_gen.pdbx_beg_seq_num 
_entity_src_gen.pdbx_end_seq_num 
_entity_src_gen.gene_src_common_name 
_entity_src_gen.gene_src_genus 
_entity_src_gen.pdbx_gene_src_gene 
_entity_src_gen.gene_src_species 
_entity_src_gen.gene_src_strain 
_entity_src_gen.gene_src_tissue 
_entity_src_gen.gene_src_tissue_fraction 
_entity_src_gen.gene_src_details 
_entity_src_gen.pdbx_gene_src_fragment 
_entity_src_gen.pdbx_gene_src_scientific_name 
_entity_src_gen.pdbx_gene_src_ncbi_taxonomy_id 
_entity_src_gen.pdbx_gene_src_variant 
_entity_src_gen.pdbx_gene_src_cell_line 
_entity_src_gen.pdbx_gene_src_atcc 
_entity_src_gen.pdbx_gene_src_organ 
_entity_src_gen.pdbx_gene_src_organelle 
_entity_src_gen.pdbx_gene_src_cell 
_entity_src_gen.pdbx_gene_src_cellular_location 
_entity_src_gen.host_org_common_name 
_entity_src_gen.pdbx_host_org_scientific_name 
_entity_src_gen.pdbx_host_org_ncbi_taxonomy_id 
_entity_src_gen.host_org_genus 
_entity_src_gen.pdbx_host_org_gene 
_entity_src_gen.pdbx_host_org_organ 
_entity_src_gen.host_org_species 
_entity_src_gen.pdbx_host_org_tissue 
_entity_src_gen.pdbx_host_org_tissue_fraction 
_entity_src_gen.pdbx_host_org_strain 
_entity_src_gen.pdbx_host_org_variant 
_entity_src_gen.pdbx_host_org_cell_line 
_entity_src_gen.pdbx_host_org_atcc 
_entity_src_gen.pdbx_host_org_culture_collection 
_entity_src_gen.pdbx_host_org_cell 
_entity_src_gen.pdbx_host_org_organelle 
_entity_src_gen.pdbx_host_org_cellular_location 
_entity_src_gen.pdbx_host_org_vector_type 
_entity_src_gen.pdbx_host_org_vector 
_entity_src_gen.host_org_details 
_entity_src_gen.expression_system_id 
_entity_src_gen.plasmid_name 
_entity_src_gen.plasmid_details 
_entity_src_gen.pdbx_description 
1 1 sample 'Biological sequence' 1 95 'fruit fly' ? 'e(y)2b, CG14612' ? ? ? ? ? ? 'Drosophila melanogaster' 7227 ? ? ? ? ? ? ? ? 
'Escherichia coli' 562 ? ? ? ? ? ? ? ? ? ? ? ? ? ? ? ? ? ? ? ? ? 
2 1 sample 'Biological sequence' 1 42 'fruit fly' ? 'Sgf11, CG13379'  ? ? ? ? ? ? 'Drosophila melanogaster' 7227 ? ? ? ? ? ? ? ? 
'Escherichia coli' 562 ? ? ? ? ? ? ? ? ? ? ? ? ? ? ? ? ? ? ? ? ? 
# 
loop_
_chem_comp.id 
_chem_comp.type 
_chem_comp.mon_nstd_flag 
_chem_comp.name 
_chem_comp.pdbx_synonyms 
_chem_comp.formula 
_chem_comp.formula_weight 
ALA 'L-peptide linking' y ALANINE         ? 'C3 H7 N O2'     89.093  
ARG 'L-peptide linking' y ARGININE        ? 'C6 H15 N4 O2 1' 175.209 
ASN 'L-peptide linking' y ASPARAGINE      ? 'C4 H8 N2 O3'    132.118 
ASP 'L-peptide linking' y 'ASPARTIC ACID' ? 'C4 H7 N O4'     133.103 
CYS 'L-peptide linking' y CYSTEINE        ? 'C3 H7 N O2 S'   121.158 
GLN 'L-peptide linking' y GLUTAMINE       ? 'C5 H10 N2 O3'   146.144 
GLU 'L-peptide linking' y 'GLUTAMIC ACID' ? 'C5 H9 N O4'     147.129 
GLY 'peptide linking'   y GLYCINE         ? 'C2 H5 N O2'     75.067  
HIS 'L-peptide linking' y HISTIDINE       ? 'C6 H10 N3 O2 1' 156.162 
ILE 'L-peptide linking' y ISOLEUCINE      ? 'C6 H13 N O2'    131.173 
LEU 'L-peptide linking' y LEUCINE         ? 'C6 H13 N O2'    131.173 
LYS 'L-peptide linking' y LYSINE          ? 'C6 H15 N2 O2 1' 147.195 
MET 'L-peptide linking' y METHIONINE      ? 'C5 H11 N O2 S'  149.211 
PHE 'L-peptide linking' y PHENYLALANINE   ? 'C9 H11 N O2'    165.189 
PRO 'L-peptide linking' y PROLINE         ? 'C5 H9 N O2'     115.130 
SER 'L-peptide linking' y SERINE          ? 'C3 H7 N O3'     105.093 
THR 'L-peptide linking' y THREONINE       ? 'C4 H9 N O3'     119.119 
TRP 'L-peptide linking' y TRYPTOPHAN      ? 'C11 H12 N2 O2'  204.225 
TYR 'L-peptide linking' y TYROSINE        ? 'C9 H11 N O3'    181.189 
VAL 'L-peptide linking' y VALINE          ? 'C5 H11 N O2'    117.146 
# 
loop_
_pdbx_poly_seq_scheme.asym_id 
_pdbx_poly_seq_scheme.entity_id 
_pdbx_poly_seq_scheme.seq_id 
_pdbx_poly_seq_scheme.mon_id 
_pdbx_poly_seq_scheme.ndb_seq_num 
_pdbx_poly_seq_scheme.pdb_seq_num 
_pdbx_poly_seq_scheme.auth_seq_num 
_pdbx_poly_seq_scheme.pdb_mon_id 
_pdbx_poly_seq_scheme.auth_mon_id 
_pdbx_poly_seq_scheme.pdb_strand_id 
_pdbx_poly_seq_scheme.pdb_ins_code 
_pdbx_poly_seq_scheme.hetero 
A 1 1  MET 1  1  ?  ?   ?   A . n 
A 1 2  THR 2  2  ?  ?   ?   A . n 
A 1 3  ILE 3  3  ?  ?   ?   A . n 
A 1 4  ASN 4  4  ?  ?   ?   A . n 
A 1 5  LYS 5  5  ?  ?   ?   A . n 
A 1 6  GLU 6  6  ?  ?   ?   A . n 
A 1 7  THR 7  7  ?  ?   ?   A . n 
A 1 8  GLY 8  8  ?  ?   ?   A . n 
A 1 9  THR 9  9  ?  ?   ?   A . n 
A 1 10 ASP 10 10 ?  ?   ?   A . n 
A 1 11 PRO 11 11 ?  ?   ?   A . n 
A 1 12 ASP 12 12 ?  ?   ?   A . n 
A 1 13 PRO 13 13 ?  ?   ?   A . n 
A 1 14 GLY 14 14 ?  ?   ?   A . n 
A 1 15 TYR 15 15 ?  ?   ?   A . n 
A 1 16 LYS 16 16 ?  ?   ?   A . n 
A 1 17 PRO 17 17 ?  ?   ?   A . n 
A 1 18 THR 18 18 18 THR THR A . n 
A 1 19 LEU 19 19 19 LEU LEU A . n 
A 1 20 ARG 20 20 20 ARG ARG A . n 
A 1 21 SER 21 21 21 SER SER A . n 
A 1 22 GLN 22 22 22 GLN GLN A . n 
A 1 23 ASP 23 23 23 ASP ASP A . n 
A 1 24 LYS 24 24 24 LYS LYS A . n 
A 1 25 ALA 25 25 25 ALA ALA A . n 
A 1 26 ALA 26 26 26 ALA ALA A . n 
A 1 27 LEU 27 27 27 LEU LEU A . n 
A 1 28 LYS 28 28 28 LYS LYS A . n 
A 1 29 GLU 29 29 29 GLU GLU A . n 
A 1 30 LEU 30 30 30 LEU LEU A . n 
A 1 31 LEU 31 31 31 LEU LEU A . n 
A 1 32 HIS 32 32 32 HIS HIS A . n 
A 1 33 THR 33 33 33 THR THR A . n 
A 1 34 ARG 34 34 34 ARG ARG A . n 
A 1 35 LEU 35 35 35 LEU LEU A . n 
A 1 36 VAL 36 36 36 VAL VAL A . n 
A 1 37 GLU 37 37 37 GLU GLU A . n 
A 1 38 CYS 38 38 38 CYS CYS A . n 
A 1 39 GLY 39 39 39 GLY GLY A . n 
A 1 40 TRP 40 40 40 TRP TRP A . n 
A 1 41 HIS 41 41 41 HIS HIS A . n 
A 1 42 LYS 42 42 42 LYS LYS A . n 
A 1 43 ASP 43 43 43 ASP ASP A . n 
A 1 44 ILE 44 44 44 ILE ILE A . n 
A 1 45 LYS 45 45 45 LYS LYS A . n 
A 1 46 GLU 46 46 46 GLU GLU A . n 
A 1 47 MET 47 47 47 MET MET A . n 
A 1 48 ILE 48 48 48 ILE ILE A . n 
A 1 49 ARG 49 49 49 ARG ARG A . n 
A 1 50 ASN 50 50 50 ASN ASN A . n 
A 1 51 ILE 51 51 51 ILE ILE A . n 
A 1 52 ILE 52 52 52 ILE ILE A . n 
A 1 53 MET 53 53 53 MET MET A . n 
A 1 54 GLU 54 54 54 GLU GLU A . n 
A 1 55 ARG 55 55 55 ARG ARG A . n 
A 1 56 GLY 56 56 56 GLY GLY A . n 
A 1 57 VAL 57 57 57 VAL VAL A . n 
A 1 58 ASP 58 58 58 ASP ASP A . n 
A 1 59 ASN 59 59 59 ASN ASN A . n 
A 1 60 ILE 60 60 60 ILE ILE A . n 
A 1 61 ASN 61 61 61 ASN ASN A . n 
A 1 62 ARG 62 62 62 ARG ARG A . n 
A 1 63 ASP 63 63 63 ASP ASP A . n 
A 1 64 GLN 64 64 64 GLN GLN A . n 
A 1 65 LEU 65 65 65 LEU LEU A . n 
A 1 66 ALA 66 66 66 ALA ALA A . n 
A 1 67 ALA 67 67 67 ALA ALA A . n 
A 1 68 GLN 68 68 68 GLN GLN A . n 
A 1 69 ILE 69 69 69 ILE ILE A . n 
A 1 70 VAL 70 70 70 VAL VAL A . n 
A 1 71 PRO 71 71 71 PRO PRO A . n 
A 1 72 GLN 72 72 72 GLN GLN A . n 
A 1 73 ALA 73 73 73 ALA ALA A . n 
A 1 74 ARG 74 74 74 ARG ARG A . n 
A 1 75 ALA 75 75 75 ALA ALA A . n 
A 1 76 LEU 76 76 76 LEU LEU A . n 
A 1 77 VAL 77 77 77 VAL VAL A . n 
A 1 78 PRO 78 78 78 PRO PRO A . n 
A 1 79 GLU 79 79 79 GLU GLU A . n 
A 1 80 VAL 80 80 80 VAL VAL A . n 
A 1 81 VAL 81 81 81 VAL VAL A . n 
A 1 82 LYS 82 82 82 LYS LYS A . n 
A 1 83 ASN 83 83 83 ASN ASN A . n 
A 1 84 GLU 84 84 84 GLU GLU A . n 
A 1 85 MET 85 85 85 MET MET A . n 
A 1 86 MET 86 86 86 MET MET A . n 
A 1 87 LEU 87 87 87 LEU LEU A . n 
A 1 88 ARG 88 88 88 ARG ARG A . n 
A 1 89 VAL 89 89 89 VAL VAL A . n 
A 1 90 HIS 90 90 90 HIS HIS A . n 
A 1 91 ALA 91 91 91 ALA ALA A . n 
A 1 92 ALA 92 92 92 ALA ALA A . n 
A 1 93 LEU 93 93 93 LEU LEU A . n 
A 1 94 ASP 94 94 94 ASP ASP A . n 
A 1 95 LYS 95 95 95 LYS LYS A . n 
B 1 1  MET 1  1  ?  ?   ?   C . n 
B 1 2  THR 2  2  ?  ?   ?   C . n 
B 1 3  ILE 3  3  ?  ?   ?   C . n 
B 1 4  ASN 4  4  ?  ?   ?   C . n 
B 1 5  LYS 5  5  ?  ?   ?   C . n 
B 1 6  GLU 6  6  ?  ?   ?   C . n 
B 1 7  THR 7  7  ?  ?   ?   C . n 
B 1 8  GLY 8  8  ?  ?   ?   C . n 
B 1 9  THR 9  9  ?  ?   ?   C . n 
B 1 10 ASP 10 10 ?  ?   ?   C . n 
B 1 11 PRO 11 11 ?  ?   ?   C . n 
B 1 12 ASP 12 12 ?  ?   ?   C . n 
B 1 13 PRO 13 13 ?  ?   ?   C . n 
B 1 14 GLY 14 14 ?  ?   ?   C . n 
B 1 15 TYR 15 15 ?  ?   ?   C . n 
B 1 16 LYS 16 16 ?  ?   ?   C . n 
B 1 17 PRO 17 17 ?  ?   ?   C . n 
B 1 18 THR 18 18 18 THR THR C . n 
B 1 19 LEU 19 19 19 LEU LEU C . n 
B 1 20 ARG 20 20 20 ARG ARG C . n 
B 1 21 SER 21 21 21 SER SER C . n 
B 1 22 GLN 22 22 22 GLN GLN C . n 
B 1 23 ASP 23 23 23 ASP ASP C . n 
B 1 24 LYS 24 24 24 LYS LYS C . n 
B 1 25 ALA 25 25 25 ALA ALA C . n 
B 1 26 ALA 26 26 26 ALA ALA C . n 
B 1 27 LEU 27 27 27 LEU LEU C . n 
B 1 28 LYS 28 28 28 LYS LYS C . n 
B 1 29 GLU 29 29 29 GLU GLU C . n 
B 1 30 LEU 30 30 30 LEU LEU C . n 
B 1 31 LEU 31 31 31 LEU LEU C . n 
B 1 32 HIS 32 32 32 HIS HIS C . n 
B 1 33 THR 33 33 33 THR THR C . n 
B 1 34 ARG 34 34 34 ARG ARG C . n 
B 1 35 LEU 35 35 35 LEU LEU C . n 
B 1 36 VAL 36 36 36 VAL VAL C . n 
B 1 37 GLU 37 37 37 GLU GLU C . n 
B 1 38 CYS 38 38 38 CYS CYS C . n 
B 1 39 GLY 39 39 39 GLY GLY C . n 
B 1 40 TRP 40 40 40 TRP TRP C . n 
B 1 41 HIS 41 41 41 HIS HIS C . n 
B 1 42 LYS 42 42 42 LYS LYS C . n 
B 1 43 ASP 43 43 43 ASP ASP C . n 
B 1 44 ILE 44 44 44 ILE ILE C . n 
B 1 45 LYS 45 45 45 LYS LYS C . n 
B 1 46 GLU 46 46 46 GLU GLU C . n 
B 1 47 MET 47 47 47 MET MET C . n 
B 1 48 ILE 48 48 48 ILE ILE C . n 
B 1 49 ARG 49 49 49 ARG ARG C . n 
B 1 50 ASN 50 50 50 ASN ASN C . n 
B 1 51 ILE 51 51 51 ILE ILE C . n 
B 1 52 ILE 52 52 52 ILE ILE C . n 
B 1 53 MET 53 53 53 MET MET C . n 
B 1 54 GLU 54 54 54 GLU GLU C . n 
B 1 55 ARG 55 55 55 ARG ARG C . n 
B 1 56 GLY 56 56 56 GLY GLY C . n 
B 1 57 VAL 57 57 57 VAL VAL C . n 
B 1 58 ASP 58 58 58 ASP ASP C . n 
B 1 59 ASN 59 59 59 ASN ASN C . n 
B 1 60 ILE 60 60 60 ILE ILE C . n 
B 1 61 ASN 61 61 61 ASN ASN C . n 
B 1 62 ARG 62 62 62 ARG ARG C . n 
B 1 63 ASP 63 63 63 ASP ASP C . n 
B 1 64 GLN 64 64 64 GLN GLN C . n 
B 1 65 LEU 65 65 65 LEU LEU C . n 
B 1 66 ALA 66 66 66 ALA ALA C . n 
B 1 67 ALA 67 67 67 ALA ALA C . n 
B 1 68 GLN 68 68 68 GLN GLN C . n 
B 1 69 ILE 69 69 69 ILE ILE C . n 
B 1 70 VAL 70 70 70 VAL VAL C . n 
B 1 71 PRO 71 71 71 PRO PRO C . n 
B 1 72 GLN 72 72 72 GLN GLN C . n 
B 1 73 ALA 73 73 73 ALA ALA C . n 
B 1 74 ARG 74 74 74 ARG ARG C . n 
B 1 75 ALA 75 75 75 ALA ALA C . n 
B 1 76 LEU 76 76 76 LEU LEU C . n 
B 1 77 VAL 77 77 77 VAL VAL C . n 
B 1 78 PRO 78 78 78 PRO PRO C . n 
B 1 79 GLU 79 79 79 GLU GLU C . n 
B 1 80 VAL 80 80 80 VAL VAL C . n 
B 1 81 VAL 81 81 81 VAL VAL C . n 
B 1 82 LYS 82 82 82 LYS LYS C . n 
B 1 83 ASN 83 83 83 ASN ASN C . n 
B 1 84 GLU 84 84 84 GLU GLU C . n 
B 1 85 MET 85 85 85 MET MET C . n 
B 1 86 MET 86 86 86 MET MET C . n 
B 1 87 LEU 87 87 87 LEU LEU C . n 
B 1 88 ARG 88 88 88 ARG ARG C . n 
B 1 89 VAL 89 89 89 VAL VAL C . n 
B 1 90 HIS 90 90 90 HIS HIS C . n 
B 1 91 ALA 91 91 91 ALA ALA C . n 
B 1 92 ALA 92 92 92 ALA ALA C . n 
B 1 93 LEU 93 93 93 LEU LEU C . n 
B 1 94 ASP 94 94 94 ASP ASP C . n 
B 1 95 LYS 95 95 95 LYS LYS C . n 
C 2 1  SER 1  1  ?  ?   ?   B . n 
C 2 2  GLY 2  2  ?  ?   ?   B . n 
C 2 3  SER 3  3  3  SER SER B . n 
C 2 4  LEU 4  4  4  LEU LEU B . n 
C 2 5  ASP 5  5  5  ASP ASP B . n 
C 2 6  GLU 6  6  6  GLU GLU B . n 
C 2 7  ALA 7  7  7  ALA ALA B . n 
C 2 8  ALA 8  8  8  ALA ALA B . n 
C 2 9  ASN 9  9  9  ASN ASN B . n 
C 2 10 TYR 10 10 10 TYR TYR B . n 
C 2 11 LEU 11 11 11 LEU LEU B . n 
C 2 12 TYR 12 12 12 TYR TYR B . n 
C 2 13 GLN 13 13 13 GLN GLN B . n 
C 2 14 SER 14 14 14 SER SER B . n 
C 2 15 LEU 15 15 15 LEU LEU B . n 
C 2 16 LEU 16 16 16 LEU LEU B . n 
C 2 17 ASP 17 17 17 ASP ASP B . n 
C 2 18 ASP 18 18 18 ASP ASP B . n 
C 2 19 ALA 19 19 19 ALA ALA B . n 
C 2 20 VAL 20 20 20 VAL VAL B . n 
C 2 21 VAL 21 21 21 VAL VAL B . n 
C 2 22 GLY 22 22 22 GLY GLY B . n 
C 2 23 ILE 23 23 23 ILE ILE B . n 
C 2 24 PHE 24 24 24 PHE PHE B . n 
C 2 25 ASN 25 25 25 ASN ASN B . n 
C 2 26 GLU 26 26 26 GLU GLU B . n 
C 2 27 THR 27 27 ?  ?   ?   B . n 
C 2 28 HIS 28 28 ?  ?   ?   B . n 
C 2 29 HIS 29 29 ?  ?   ?   B . n 
C 2 30 LEU 30 30 ?  ?   ?   B . n 
C 2 31 ARG 31 31 ?  ?   ?   B . n 
C 2 32 LYS 32 32 ?  ?   ?   B . n 
C 2 33 SER 33 33 ?  ?   ?   B . n 
C 2 34 GLY 34 34 ?  ?   ?   B . n 
C 2 35 ASN 35 35 ?  ?   ?   B . n 
C 2 36 LEU 36 36 ?  ?   ?   B . n 
C 2 37 ALA 37 37 ?  ?   ?   B . n 
C 2 38 ALA 38 38 ?  ?   ?   B . n 
C 2 39 LEU 39 39 ?  ?   ?   B . n 
C 2 40 ASP 40 40 ?  ?   ?   B . n 
C 2 41 GLY 41 41 ?  ?   ?   B . n 
C 2 42 VAL 42 42 ?  ?   ?   B . n 
D 2 1  SER 1  1  1  SER ALA D . n 
D 2 2  GLY 2  2  2  GLY GLY D . n 
D 2 3  SER 3  3  3  SER SER D . n 
D 2 4  LEU 4  4  4  LEU LEU D . n 
D 2 5  ASP 5  5  5  ASP ASP D . n 
D 2 6  GLU 6  6  6  GLU GLU D . n 
D 2 7  ALA 7  7  7  ALA ALA D . n 
D 2 8  ALA 8  8  8  ALA ALA D . n 
D 2 9  ASN 9  9  9  ASN ASN D . n 
D 2 10 TYR 10 10 10 TYR TYR D . n 
D 2 11 LEU 11 11 11 LEU LEU D . n 
D 2 12 TYR 12 12 12 TYR TYR D . n 
D 2 13 GLN 13 13 13 GLN GLN D . n 
D 2 14 SER 14 14 14 SER SER D . n 
D 2 15 LEU 15 15 15 LEU LEU D . n 
D 2 16 LEU 16 16 16 LEU LEU D . n 
D 2 17 ASP 17 17 17 ASP ASP D . n 
D 2 18 ASP 18 18 18 ASP ASP D . n 
D 2 19 ALA 19 19 19 ALA ALA D . n 
D 2 20 VAL 20 20 20 VAL VAL D . n 
D 2 21 VAL 21 21 21 VAL VAL D . n 
D 2 22 GLY 22 22 22 GLY GLY D . n 
D 2 23 ILE 23 23 23 ILE ILE D . n 
D 2 24 PHE 24 24 24 PHE PHE D . n 
D 2 25 ASN 25 25 25 ASN ASN D . n 
D 2 26 GLU 26 26 26 GLU GLU D . n 
D 2 27 THR 27 27 27 THR THR D . n 
D 2 28 HIS 28 28 ?  ?   ?   D . n 
D 2 29 HIS 29 29 ?  ?   ?   D . n 
D 2 30 LEU 30 30 ?  ?   ?   D . n 
D 2 31 ARG 31 31 ?  ?   ?   D . n 
D 2 32 LYS 32 32 ?  ?   ?   D . n 
D 2 33 SER 33 33 ?  ?   ?   D . n 
D 2 34 GLY 34 34 ?  ?   ?   D . n 
D 2 35 ASN 35 35 ?  ?   ?   D . n 
D 2 36 LEU 36 36 ?  ?   ?   D . n 
D 2 37 ALA 37 37 ?  ?   ?   D . n 
D 2 38 ALA 38 38 ?  ?   ?   D . n 
D 2 39 LEU 39 39 ?  ?   ?   D . n 
D 2 40 ASP 40 40 ?  ?   ?   D . n 
D 2 41 GLY 41 41 ?  ?   ?   D . n 
D 2 42 VAL 42 42 ?  ?   ?   D . n 
# 
loop_
_pdbx_unobs_or_zero_occ_atoms.id 
_pdbx_unobs_or_zero_occ_atoms.PDB_model_num 
_pdbx_unobs_or_zero_occ_atoms.polymer_flag 
_pdbx_unobs_or_zero_occ_atoms.occupancy_flag 
_pdbx_unobs_or_zero_occ_atoms.auth_asym_id 
_pdbx_unobs_or_zero_occ_atoms.auth_comp_id 
_pdbx_unobs_or_zero_occ_atoms.auth_seq_id 
_pdbx_unobs_or_zero_occ_atoms.PDB_ins_code 
_pdbx_unobs_or_zero_occ_atoms.auth_atom_id 
_pdbx_unobs_or_zero_occ_atoms.label_alt_id 
_pdbx_unobs_or_zero_occ_atoms.label_asym_id 
_pdbx_unobs_or_zero_occ_atoms.label_comp_id 
_pdbx_unobs_or_zero_occ_atoms.label_seq_id 
_pdbx_unobs_or_zero_occ_atoms.label_atom_id 
1   1 Y 1 A LEU 19 ? CG  ? A LEU 19 CG  
2   1 Y 1 A LEU 19 ? CD1 ? A LEU 19 CD1 
3   1 Y 1 A LEU 19 ? CD2 ? A LEU 19 CD2 
4   1 Y 1 A ARG 20 ? CG  ? A ARG 20 CG  
5   1 Y 1 A ARG 20 ? CD  ? A ARG 20 CD  
6   1 Y 1 A ARG 20 ? NE  ? A ARG 20 NE  
7   1 Y 1 A ARG 20 ? CZ  ? A ARG 20 CZ  
8   1 Y 1 A ARG 20 ? NH1 ? A ARG 20 NH1 
9   1 Y 1 A ARG 20 ? NH2 ? A ARG 20 NH2 
10  1 Y 1 A GLN 22 ? CG  ? A GLN 22 CG  
11  1 Y 1 A GLN 22 ? CD  ? A GLN 22 CD  
12  1 Y 1 A GLN 22 ? OE1 ? A GLN 22 OE1 
13  1 Y 1 A GLN 22 ? NE2 ? A GLN 22 NE2 
14  1 Y 1 A GLU 29 ? CG  ? A GLU 29 CG  
15  1 Y 1 A GLU 29 ? CD  ? A GLU 29 CD  
16  1 Y 1 A GLU 29 ? OE1 ? A GLU 29 OE1 
17  1 Y 1 A GLU 29 ? OE2 ? A GLU 29 OE2 
18  1 Y 1 A LYS 42 ? CG  ? A LYS 42 CG  
19  1 Y 1 A LYS 42 ? CD  ? A LYS 42 CD  
20  1 Y 1 A LYS 42 ? CE  ? A LYS 42 CE  
21  1 Y 1 A LYS 42 ? NZ  ? A LYS 42 NZ  
22  1 Y 1 A LYS 45 ? CG  ? A LYS 45 CG  
23  1 Y 1 A LYS 45 ? CD  ? A LYS 45 CD  
24  1 Y 1 A LYS 45 ? CE  ? A LYS 45 CE  
25  1 Y 1 A LYS 45 ? NZ  ? A LYS 45 NZ  
26  1 Y 1 A ILE 51 ? CG1 ? A ILE 51 CG1 
27  1 Y 1 A ILE 51 ? CG2 ? A ILE 51 CG2 
28  1 Y 1 A ILE 51 ? CD1 ? A ILE 51 CD1 
29  1 Y 1 A MET 53 ? CG  ? A MET 53 CG  
30  1 Y 1 A MET 53 ? SD  ? A MET 53 SD  
31  1 Y 1 A MET 53 ? CE  ? A MET 53 CE  
32  1 Y 1 A ARG 55 ? CG  ? A ARG 55 CG  
33  1 Y 1 A ARG 55 ? CD  ? A ARG 55 CD  
34  1 Y 1 A ARG 55 ? NE  ? A ARG 55 NE  
35  1 Y 1 A ARG 55 ? CZ  ? A ARG 55 CZ  
36  1 Y 1 A ARG 55 ? NH1 ? A ARG 55 NH1 
37  1 Y 1 A ARG 55 ? NH2 ? A ARG 55 NH2 
38  1 Y 1 A ILE 60 ? CG1 ? A ILE 60 CG1 
39  1 Y 1 A ILE 60 ? CG2 ? A ILE 60 CG2 
40  1 Y 1 A ILE 60 ? CD1 ? A ILE 60 CD1 
41  1 Y 1 A ASN 61 ? CG  ? A ASN 61 CG  
42  1 Y 1 A ASN 61 ? OD1 ? A ASN 61 OD1 
43  1 Y 1 A ASN 61 ? ND2 ? A ASN 61 ND2 
44  1 Y 1 A GLN 64 ? CG  ? A GLN 64 CG  
45  1 Y 1 A GLN 64 ? CD  ? A GLN 64 CD  
46  1 Y 1 A GLN 64 ? OE1 ? A GLN 64 OE1 
47  1 Y 1 A GLN 64 ? NE2 ? A GLN 64 NE2 
48  1 Y 1 A LEU 65 ? CG  ? A LEU 65 CG  
49  1 Y 1 A LEU 65 ? CD1 ? A LEU 65 CD1 
50  1 Y 1 A LEU 65 ? CD2 ? A LEU 65 CD2 
51  1 Y 1 A LEU 87 ? CG  ? A LEU 87 CG  
52  1 Y 1 A LEU 87 ? CD1 ? A LEU 87 CD1 
53  1 Y 1 A LEU 87 ? CD2 ? A LEU 87 CD2 
54  1 Y 1 A ASP 94 ? CG  ? A ASP 94 CG  
55  1 Y 1 A ASP 94 ? OD1 ? A ASP 94 OD1 
56  1 Y 1 A ASP 94 ? OD2 ? A ASP 94 OD2 
57  1 Y 1 A LYS 95 ? CG  ? A LYS 95 CG  
58  1 Y 1 A LYS 95 ? CD  ? A LYS 95 CD  
59  1 Y 1 A LYS 95 ? CE  ? A LYS 95 CE  
60  1 Y 1 A LYS 95 ? NZ  ? A LYS 95 NZ  
61  1 Y 1 C LEU 19 ? CG  ? B LEU 19 CG  
62  1 Y 1 C LEU 19 ? CD1 ? B LEU 19 CD1 
63  1 Y 1 C LEU 19 ? CD2 ? B LEU 19 CD2 
64  1 Y 1 C ARG 20 ? CG  ? B ARG 20 CG  
65  1 Y 1 C ARG 20 ? CD  ? B ARG 20 CD  
66  1 Y 1 C ARG 20 ? NE  ? B ARG 20 NE  
67  1 Y 1 C ARG 20 ? CZ  ? B ARG 20 CZ  
68  1 Y 1 C ARG 20 ? NH1 ? B ARG 20 NH1 
69  1 Y 1 C ARG 20 ? NH2 ? B ARG 20 NH2 
70  1 Y 1 C GLU 29 ? CG  ? B GLU 29 CG  
71  1 Y 1 C GLU 29 ? CD  ? B GLU 29 CD  
72  1 Y 1 C GLU 29 ? OE1 ? B GLU 29 OE1 
73  1 Y 1 C GLU 29 ? OE2 ? B GLU 29 OE2 
74  1 Y 1 C LYS 42 ? CG  ? B LYS 42 CG  
75  1 Y 1 C LYS 42 ? CD  ? B LYS 42 CD  
76  1 Y 1 C LYS 42 ? CE  ? B LYS 42 CE  
77  1 Y 1 C LYS 42 ? NZ  ? B LYS 42 NZ  
78  1 Y 1 C LYS 45 ? CG  ? B LYS 45 CG  
79  1 Y 1 C LYS 45 ? CD  ? B LYS 45 CD  
80  1 Y 1 C LYS 45 ? CE  ? B LYS 45 CE  
81  1 Y 1 C LYS 45 ? NZ  ? B LYS 45 NZ  
82  1 Y 1 C ARG 55 ? CG  ? B ARG 55 CG  
83  1 Y 1 C ARG 55 ? CD  ? B ARG 55 CD  
84  1 Y 1 C ARG 55 ? NE  ? B ARG 55 NE  
85  1 Y 1 C ARG 55 ? CZ  ? B ARG 55 CZ  
86  1 Y 1 C ARG 55 ? NH1 ? B ARG 55 NH1 
87  1 Y 1 C ARG 55 ? NH2 ? B ARG 55 NH2 
88  1 Y 1 C ILE 60 ? CG1 ? B ILE 60 CG1 
89  1 Y 1 C ILE 60 ? CG2 ? B ILE 60 CG2 
90  1 Y 1 C ILE 60 ? CD1 ? B ILE 60 CD1 
91  1 Y 1 C ARG 62 ? NE  ? B ARG 62 NE  
92  1 Y 1 C ARG 62 ? CZ  ? B ARG 62 CZ  
93  1 Y 1 C ARG 62 ? NH1 ? B ARG 62 NH1 
94  1 Y 1 C ARG 62 ? NH2 ? B ARG 62 NH2 
95  1 Y 1 C LEU 65 ? CG  ? B LEU 65 CG  
96  1 Y 1 C LEU 65 ? CD1 ? B LEU 65 CD1 
97  1 Y 1 C LEU 65 ? CD2 ? B LEU 65 CD2 
98  1 Y 1 C ASP 94 ? CG  ? B ASP 94 CG  
99  1 Y 1 C ASP 94 ? OD1 ? B ASP 94 OD1 
100 1 Y 1 C ASP 94 ? OD2 ? B ASP 94 OD2 
101 1 Y 1 B LEU 4  ? CG  ? C LEU 4  CG  
102 1 Y 1 B LEU 4  ? CD1 ? C LEU 4  CD1 
103 1 Y 1 B LEU 4  ? CD2 ? C LEU 4  CD2 
104 1 Y 1 B ASP 5  ? CG  ? C ASP 5  CG  
105 1 Y 1 B ASP 5  ? OD1 ? C ASP 5  OD1 
106 1 Y 1 B ASP 5  ? OD2 ? C ASP 5  OD2 
107 1 Y 1 B GLU 6  ? CG  ? C GLU 6  CG  
108 1 Y 1 B GLU 6  ? CD  ? C GLU 6  CD  
109 1 Y 1 B GLU 6  ? OE1 ? C GLU 6  OE1 
110 1 Y 1 B GLU 6  ? OE2 ? C GLU 6  OE2 
111 1 Y 1 D SER 1  ? OG  ? D SER 1  OG  
# 
loop_
_software.citation_id 
_software.classification 
_software.compiler_name 
_software.compiler_version 
_software.contact_author 
_software.contact_author_email 
_software.date 
_software.description 
_software.dependencies 
_software.hardware 
_software.language 
_software.location 
_software.mods 
_software.name 
_software.os 
_software.os_version 
_software.type 
_software.version 
_software.pdbx_ordinal 
? refinement       ? ? ? ? ? ? ? ? ? ? ? REFMAC      ? ? ? 5.8.0430 1 
? 'data scaling'   ? ? ? ? ? ? ? ? ? ? ? Aimless     ? ? ? .        2 
? 'data reduction' ? ? ? ? ? ? ? ? ? ? ? CrysalisPro ? ? ? .        3 
? phasing          ? ? ? ? ? ? ? ? ? ? ? PHASER      ? ? ? .        4 
# 
_cell.angle_alpha                  90.00 
_cell.angle_alpha_esd              ? 
_cell.angle_beta                   90.03 
_cell.angle_beta_esd               ? 
_cell.angle_gamma                  90.00 
_cell.angle_gamma_esd              ? 
_cell.entry_id                     9JUA 
_cell.details                      ? 
_cell.formula_units_Z              ? 
_cell.length_a                     45.958 
_cell.length_a_esd                 ? 
_cell.length_b                     57.554 
_cell.length_b_esd                 ? 
_cell.length_c                     98.886 
_cell.length_c_esd                 ? 
_cell.volume                       ? 
_cell.volume_esd                   ? 
_cell.Z_PDB                        8 
_cell.reciprocal_angle_alpha       ? 
_cell.reciprocal_angle_beta        ? 
_cell.reciprocal_angle_gamma       ? 
_cell.reciprocal_angle_alpha_esd   ? 
_cell.reciprocal_angle_beta_esd    ? 
_cell.reciprocal_angle_gamma_esd   ? 
_cell.reciprocal_length_a          ? 
_cell.reciprocal_length_b          ? 
_cell.reciprocal_length_c          ? 
_cell.reciprocal_length_a_esd      ? 
_cell.reciprocal_length_b_esd      ? 
_cell.reciprocal_length_c_esd      ? 
_cell.pdbx_unique_axis             ? 
_cell.pdbx_esd_method              ? 
# 
_symmetry.entry_id                         9JUA 
_symmetry.cell_setting                     ? 
_symmetry.Int_Tables_number                5 
_symmetry.space_group_name_Hall            ? 
_symmetry.space_group_name_H-M             'C 1 2 1' 
_symmetry.pdbx_full_space_group_name_H-M   ? 
# 
_exptl.absorpt_coefficient_mu     ? 
_exptl.absorpt_correction_T_max   ? 
_exptl.absorpt_correction_T_min   ? 
_exptl.absorpt_correction_type    ? 
_exptl.absorpt_process_details    ? 
_exptl.entry_id                   9JUA 
_exptl.crystals_number            1 
_exptl.details                    ? 
_exptl.method                     'X-RAY DIFFRACTION' 
_exptl.method_details             ? 
# 
_exptl_crystal.colour                       ? 
_exptl_crystal.density_diffrn               ? 
_exptl_crystal.density_Matthews             2.13 
_exptl_crystal.density_method               ? 
_exptl_crystal.density_percent_sol          42.34 
_exptl_crystal.description                  ? 
_exptl_crystal.F_000                        ? 
_exptl_crystal.id                           1 
_exptl_crystal.preparation                  ? 
_exptl_crystal.size_max                     ? 
_exptl_crystal.size_mid                     ? 
_exptl_crystal.size_min                     ? 
_exptl_crystal.size_rad                     ? 
_exptl_crystal.colour_lustre                ? 
_exptl_crystal.colour_modifier              ? 
_exptl_crystal.colour_primary               ? 
_exptl_crystal.density_meas                 ? 
_exptl_crystal.density_meas_esd             ? 
_exptl_crystal.density_meas_gt              ? 
_exptl_crystal.density_meas_lt              ? 
_exptl_crystal.density_meas_temp            ? 
_exptl_crystal.density_meas_temp_esd        ? 
_exptl_crystal.density_meas_temp_gt         ? 
_exptl_crystal.density_meas_temp_lt         ? 
_exptl_crystal.pdbx_crystal_image_url       ? 
_exptl_crystal.pdbx_crystal_image_format    ? 
_exptl_crystal.pdbx_mosaicity               ? 
_exptl_crystal.pdbx_mosaicity_esd           ? 
_exptl_crystal.pdbx_mosaic_method           ? 
_exptl_crystal.pdbx_mosaic_block_size       ? 
_exptl_crystal.pdbx_mosaic_block_size_esd   ? 
# 
_exptl_crystal_grow.apparatus       ? 
_exptl_crystal_grow.atmosphere      ? 
_exptl_crystal_grow.crystal_id      1 
_exptl_crystal_grow.details         ? 
_exptl_crystal_grow.method          'VAPOR DIFFUSION, HANGING DROP' 
_exptl_crystal_grow.method_ref      ? 
_exptl_crystal_grow.pH              ? 
_exptl_crystal_grow.pressure        ? 
_exptl_crystal_grow.pressure_esd    ? 
_exptl_crystal_grow.seeding         ? 
_exptl_crystal_grow.seeding_ref     ? 
_exptl_crystal_grow.temp_details    ? 
_exptl_crystal_grow.temp_esd        ? 
_exptl_crystal_grow.time            ? 
_exptl_crystal_grow.pdbx_details    '0.1 M MES pH 6.0; 20% isopropanol, 22% PEG 2000 MME' 
_exptl_crystal_grow.pdbx_pH_range   ? 
_exptl_crystal_grow.temp            277 
# 
_diffrn.ambient_environment              ? 
_diffrn.ambient_temp                     100 
_diffrn.ambient_temp_details             ? 
_diffrn.ambient_temp_esd                 ? 
_diffrn.crystal_id                       1 
_diffrn.crystal_support                  ? 
_diffrn.crystal_treatment                ? 
_diffrn.details                          ? 
_diffrn.id                               1 
_diffrn.ambient_pressure                 ? 
_diffrn.ambient_pressure_esd             ? 
_diffrn.ambient_pressure_gt              ? 
_diffrn.ambient_pressure_lt              ? 
_diffrn.ambient_temp_gt                  ? 
_diffrn.ambient_temp_lt                  ? 
_diffrn.pdbx_serial_crystal_experiment   N 
# 
_diffrn_detector.details                      ? 
_diffrn_detector.detector                     PIXEL 
_diffrn_detector.diffrn_id                    1 
_diffrn_detector.type                         'DECTRIS EIGER X 4M' 
_diffrn_detector.area_resol_mean              ? 
_diffrn_detector.dtime                        ? 
_diffrn_detector.pdbx_frames_total            ? 
_diffrn_detector.pdbx_collection_time_total   ? 
_diffrn_detector.pdbx_collection_date         2021-05-05 
_diffrn_detector.pdbx_frequency               ? 
_diffrn_detector.id                           ? 
_diffrn_detector.number_of_axes               ? 
# 
_diffrn_radiation.collimation                      ? 
_diffrn_radiation.diffrn_id                        1 
_diffrn_radiation.filter_edge                      ? 
_diffrn_radiation.inhomogeneity                    ? 
_diffrn_radiation.monochromator                    ? 
_diffrn_radiation.polarisn_norm                    ? 
_diffrn_radiation.polarisn_ratio                   ? 
_diffrn_radiation.probe                            ? 
_diffrn_radiation.type                             ? 
_diffrn_radiation.xray_symbol                      ? 
_diffrn_radiation.wavelength_id                    1 
_diffrn_radiation.pdbx_monochromatic_or_laue_m_l   M 
_diffrn_radiation.pdbx_wavelength_list             ? 
_diffrn_radiation.pdbx_wavelength                  ? 
_diffrn_radiation.pdbx_diffrn_protocol             'SINGLE WAVELENGTH' 
_diffrn_radiation.pdbx_analyzer                    ? 
_diffrn_radiation.pdbx_scattering_type             x-ray 
# 
_diffrn_radiation_wavelength.id           1 
_diffrn_radiation_wavelength.wavelength   0.96770 
_diffrn_radiation_wavelength.wt           1.0 
# 
_diffrn_source.current                     ? 
_diffrn_source.details                     ? 
_diffrn_source.diffrn_id                   1 
_diffrn_source.power                       ? 
_diffrn_source.size                        ? 
_diffrn_source.source                      SYNCHROTRON 
_diffrn_source.target                      ? 
_diffrn_source.type                        'ESRF BEAMLINE MASSIF-3' 
_diffrn_source.voltage                     ? 
_diffrn_source.take-off_angle              ? 
_diffrn_source.pdbx_wavelength_list        0.96770 
_diffrn_source.pdbx_wavelength             ? 
_diffrn_source.pdbx_synchrotron_beamline   MASSIF-3 
_diffrn_source.pdbx_synchrotron_site       ESRF 
# 
_reflns.B_iso_Wilson_estimate                          ? 
_reflns.entry_id                                       9JUA 
_reflns.data_reduction_details                         ? 
_reflns.data_reduction_method                          ? 
_reflns.d_resolution_high                              2.55 
_reflns.d_resolution_low                               18.75 
_reflns.details                                        ? 
_reflns.limit_h_max                                    ? 
_reflns.limit_h_min                                    ? 
_reflns.limit_k_max                                    ? 
_reflns.limit_k_min                                    ? 
_reflns.limit_l_max                                    ? 
_reflns.limit_l_min                                    ? 
_reflns.number_all                                     ? 
_reflns.number_obs                                     8047 
_reflns.observed_criterion                             ? 
_reflns.observed_criterion_F_max                       ? 
_reflns.observed_criterion_F_min                       ? 
_reflns.observed_criterion_I_max                       ? 
_reflns.observed_criterion_I_min                       ? 
_reflns.observed_criterion_sigma_F                     ? 
_reflns.observed_criterion_sigma_I                     ? 
_reflns.percent_possible_obs                           94.6 
_reflns.R_free_details                                 ? 
_reflns.Rmerge_F_all                                   ? 
_reflns.Rmerge_F_obs                                   ? 
_reflns.Friedel_coverage                               ? 
_reflns.number_gt                                      ? 
_reflns.threshold_expression                           ? 
_reflns.pdbx_redundancy                                2.7 
_reflns.pdbx_netI_over_av_sigmaI                       ? 
_reflns.pdbx_netI_over_sigmaI                          4.9 
_reflns.pdbx_res_netI_over_av_sigmaI_2                 ? 
_reflns.pdbx_res_netI_over_sigmaI_2                    ? 
_reflns.pdbx_chi_squared                               0.94 
_reflns.pdbx_scaling_rejects                           ? 
_reflns.pdbx_d_res_high_opt                            ? 
_reflns.pdbx_d_res_low_opt                             ? 
_reflns.pdbx_d_res_opt_method                          ? 
_reflns.phase_calculation_details                      ? 
_reflns.pdbx_Rrim_I_all                                0.076 
_reflns.pdbx_Rpim_I_all                                0.042 
_reflns.pdbx_d_opt                                     ? 
_reflns.pdbx_number_measured_all                       21826 
_reflns.pdbx_diffrn_id                                 1 
_reflns.pdbx_ordinal                                   1 
_reflns.pdbx_CC_half                                   0.999 
_reflns.pdbx_CC_star                                   ? 
_reflns.pdbx_R_split                                   ? 
_reflns.pdbx_Rmerge_I_obs                              0.062 
_reflns.pdbx_Rmerge_I_all                              ? 
_reflns.pdbx_Rsym_value                                ? 
_reflns.pdbx_CC_split_method                           ? 
_reflns.pdbx_aniso_diffraction_limit_axis_1_ortho[1]   ? 
_reflns.pdbx_aniso_diffraction_limit_axis_1_ortho[2]   ? 
_reflns.pdbx_aniso_diffraction_limit_axis_1_ortho[3]   ? 
_reflns.pdbx_aniso_diffraction_limit_axis_2_ortho[1]   ? 
_reflns.pdbx_aniso_diffraction_limit_axis_2_ortho[2]   ? 
_reflns.pdbx_aniso_diffraction_limit_axis_2_ortho[3]   ? 
_reflns.pdbx_aniso_diffraction_limit_axis_3_ortho[1]   ? 
_reflns.pdbx_aniso_diffraction_limit_axis_3_ortho[2]   ? 
_reflns.pdbx_aniso_diffraction_limit_axis_3_ortho[3]   ? 
_reflns.pdbx_aniso_diffraction_limit_1                 ? 
_reflns.pdbx_aniso_diffraction_limit_2                 ? 
_reflns.pdbx_aniso_diffraction_limit_3                 ? 
_reflns.pdbx_aniso_B_tensor_eigenvector_1_ortho[1]     ? 
_reflns.pdbx_aniso_B_tensor_eigenvector_1_ortho[2]     ? 
_reflns.pdbx_aniso_B_tensor_eigenvector_1_ortho[3]     ? 
_reflns.pdbx_aniso_B_tensor_eigenvector_2_ortho[1]     ? 
_reflns.pdbx_aniso_B_tensor_eigenvector_2_ortho[2]     ? 
_reflns.pdbx_aniso_B_tensor_eigenvector_2_ortho[3]     ? 
_reflns.pdbx_aniso_B_tensor_eigenvector_3_ortho[1]     ? 
_reflns.pdbx_aniso_B_tensor_eigenvector_3_ortho[2]     ? 
_reflns.pdbx_aniso_B_tensor_eigenvector_3_ortho[3]     ? 
_reflns.pdbx_aniso_B_tensor_eigenvalue_1               ? 
_reflns.pdbx_aniso_B_tensor_eigenvalue_2               ? 
_reflns.pdbx_aniso_B_tensor_eigenvalue_3               ? 
_reflns.pdbx_orthogonalization_convention              ? 
_reflns.pdbx_percent_possible_ellipsoidal              ? 
_reflns.pdbx_percent_possible_spherical                ? 
_reflns.pdbx_percent_possible_ellipsoidal_anomalous    ? 
_reflns.pdbx_percent_possible_spherical_anomalous      ? 
_reflns.pdbx_redundancy_anomalous                      ? 
_reflns.pdbx_CC_half_anomalous                         ? 
_reflns.pdbx_absDiff_over_sigma_anomalous              ? 
_reflns.pdbx_percent_possible_anomalous                ? 
_reflns.pdbx_observed_signal_threshold                 ? 
_reflns.pdbx_signal_type                               ? 
_reflns.pdbx_signal_details                            ? 
_reflns.pdbx_signal_software_id                        ? 
# 
_reflns_shell.d_res_high                                    2.55 
_reflns_shell.d_res_low                                     2.66 
_reflns_shell.meanI_over_sigI_all                           ? 
_reflns_shell.meanI_over_sigI_obs                           ? 
_reflns_shell.number_measured_all                           2832 
_reflns_shell.number_measured_obs                           ? 
_reflns_shell.number_possible                               ? 
_reflns_shell.number_unique_all                             ? 
_reflns_shell.number_unique_obs                             1028 
_reflns_shell.percent_possible_obs                          98.9 
_reflns_shell.Rmerge_F_all                                  ? 
_reflns_shell.Rmerge_F_obs                                  ? 
_reflns_shell.meanI_over_sigI_gt                            ? 
_reflns_shell.meanI_over_uI_all                             ? 
_reflns_shell.meanI_over_uI_gt                              ? 
_reflns_shell.number_measured_gt                            ? 
_reflns_shell.number_unique_gt                              ? 
_reflns_shell.percent_possible_gt                           ? 
_reflns_shell.Rmerge_F_gt                                   ? 
_reflns_shell.Rmerge_I_gt                                   ? 
_reflns_shell.pdbx_redundancy                               2.8 
_reflns_shell.pdbx_chi_squared                              0.93 
_reflns_shell.pdbx_netI_over_sigmaI_all                     ? 
_reflns_shell.pdbx_netI_over_sigmaI_obs                     1.0 
_reflns_shell.pdbx_Rrim_I_all                               1.387 
_reflns_shell.pdbx_Rpim_I_all                               0.763 
_reflns_shell.pdbx_rejects                                  ? 
_reflns_shell.pdbx_ordinal                                  1 
_reflns_shell.pdbx_diffrn_id                                1 
_reflns_shell.pdbx_CC_half                                  0.415 
_reflns_shell.pdbx_CC_star                                  ? 
_reflns_shell.pdbx_R_split                                  ? 
_reflns_shell.percent_possible_all                          ? 
_reflns_shell.Rmerge_I_all                                  ? 
_reflns_shell.Rmerge_I_obs                                  1.151 
_reflns_shell.pdbx_Rsym_value                               ? 
_reflns_shell.pdbx_percent_possible_ellipsoidal             ? 
_reflns_shell.pdbx_percent_possible_spherical               ? 
_reflns_shell.pdbx_percent_possible_ellipsoidal_anomalous   ? 
_reflns_shell.pdbx_percent_possible_spherical_anomalous     ? 
_reflns_shell.pdbx_redundancy_anomalous                     ? 
_reflns_shell.pdbx_CC_half_anomalous                        ? 
_reflns_shell.pdbx_absDiff_over_sigma_anomalous             ? 
_reflns_shell.pdbx_percent_possible_anomalous               ? 
# 
_refine.aniso_B[1][1]                            -41.70 
_refine.aniso_B[1][2]                            -0.00 
_refine.aniso_B[1][3]                            -18.46 
_refine.aniso_B[2][2]                            32.25 
_refine.aniso_B[2][3]                            0.00 
_refine.aniso_B[3][3]                            9.45 
_refine.B_iso_max                                ? 
_refine.B_iso_mean                               96.134 
_refine.B_iso_min                                ? 
_refine.correlation_coeff_Fo_to_Fc               0.968 
_refine.correlation_coeff_Fo_to_Fc_free          0.927 
_refine.details                                  'HYDROGENS HAVE BEEN USED IF PRESENT IN THE INPUT' 
_refine.diff_density_max                         ? 
_refine.diff_density_max_esd                     ? 
_refine.diff_density_min                         ? 
_refine.diff_density_min_esd                     ? 
_refine.diff_density_rms                         ? 
_refine.diff_density_rms_esd                     ? 
_refine.entry_id                                 9JUA 
_refine.pdbx_refine_id                           'X-RAY DIFFRACTION' 
_refine.ls_abs_structure_details                 ? 
_refine.ls_abs_structure_Flack                   ? 
_refine.ls_abs_structure_Flack_esd               ? 
_refine.ls_abs_structure_Rogers                  ? 
_refine.ls_abs_structure_Rogers_esd              ? 
_refine.ls_d_res_high                            2.55 
_refine.ls_d_res_low                             18.75 
_refine.ls_extinction_coef                       ? 
_refine.ls_extinction_coef_esd                   ? 
_refine.ls_extinction_expression                 ? 
_refine.ls_extinction_method                     ? 
_refine.ls_goodness_of_fit_all                   ? 
_refine.ls_goodness_of_fit_all_esd               ? 
_refine.ls_goodness_of_fit_obs                   ? 
_refine.ls_goodness_of_fit_obs_esd               ? 
_refine.ls_hydrogen_treatment                    ? 
_refine.ls_matrix_type                           ? 
_refine.ls_number_constraints                    ? 
_refine.ls_number_parameters                     ? 
_refine.ls_number_reflns_all                     ? 
_refine.ls_number_reflns_obs                     7656 
_refine.ls_number_reflns_R_free                  389 
_refine.ls_number_reflns_R_work                  ? 
_refine.ls_number_restraints                     ? 
_refine.ls_percent_reflns_obs                    94.39 
_refine.ls_percent_reflns_R_free                 4.8 
_refine.ls_R_factor_all                          ? 
_refine.ls_R_factor_obs                          0.21635 
_refine.ls_R_factor_R_free                       0.26205 
_refine.ls_R_factor_R_free_error                 ? 
_refine.ls_R_factor_R_free_error_details         ? 
_refine.ls_R_factor_R_work                       0.21405 
_refine.ls_R_Fsqd_factor_obs                     ? 
_refine.ls_R_I_factor_obs                        ? 
_refine.ls_redundancy_reflns_all                 ? 
_refine.ls_redundancy_reflns_obs                 ? 
_refine.ls_restrained_S_all                      ? 
_refine.ls_restrained_S_obs                      ? 
_refine.ls_shift_over_esd_max                    ? 
_refine.ls_shift_over_esd_mean                   ? 
_refine.ls_structure_factor_coef                 ? 
_refine.ls_weighting_details                     ? 
_refine.ls_weighting_scheme                      ? 
_refine.ls_wR_factor_all                         ? 
_refine.ls_wR_factor_obs                         ? 
_refine.ls_wR_factor_R_free                      ? 
_refine.ls_wR_factor_R_work                      ? 
_refine.occupancy_max                            ? 
_refine.occupancy_min                            ? 
_refine.solvent_model_details                    MASK 
_refine.solvent_model_param_bsol                 ? 
_refine.solvent_model_param_ksol                 ? 
_refine.pdbx_R_complete                          ? 
_refine.ls_R_factor_gt                           ? 
_refine.ls_goodness_of_fit_gt                    ? 
_refine.ls_goodness_of_fit_ref                   ? 
_refine.ls_shift_over_su_max                     ? 
_refine.ls_shift_over_su_max_lt                  ? 
_refine.ls_shift_over_su_mean                    ? 
_refine.ls_shift_over_su_mean_lt                 ? 
_refine.pdbx_ls_sigma_I                          ? 
_refine.pdbx_ls_sigma_F                          ? 
_refine.pdbx_ls_sigma_Fsqd                       ? 
_refine.pdbx_data_cutoff_high_absF               ? 
_refine.pdbx_data_cutoff_high_rms_absF           ? 
_refine.pdbx_data_cutoff_low_absF                ? 
_refine.pdbx_isotropic_thermal_model             ? 
_refine.pdbx_ls_cross_valid_method               THROUGHOUT 
_refine.pdbx_method_to_determine_struct          'MOLECULAR REPLACEMENT' 
_refine.pdbx_starting_model                      AlphaFold 
_refine.pdbx_stereochemistry_target_values       'MAXIMUM LIKELIHOOD' 
_refine.pdbx_R_Free_selection_details            RANDOM 
_refine.pdbx_stereochem_target_val_spec_case     ? 
_refine.pdbx_overall_ESU_R                       0.120 
_refine.pdbx_overall_ESU_R_Free                  0.066 
_refine.pdbx_solvent_vdw_probe_radii             1.20 
_refine.pdbx_solvent_ion_probe_radii             0.80 
_refine.pdbx_solvent_shrinkage_radii             0.80 
_refine.pdbx_real_space_R                        ? 
_refine.pdbx_density_correlation                 ? 
_refine.pdbx_pd_number_of_powder_patterns        ? 
_refine.pdbx_pd_number_of_points                 ? 
_refine.pdbx_pd_meas_number_of_points            ? 
_refine.pdbx_pd_proc_ls_prof_R_factor            ? 
_refine.pdbx_pd_proc_ls_prof_wR_factor           ? 
_refine.pdbx_pd_Marquardt_correlation_coeff      ? 
_refine.pdbx_pd_Fsqrd_R_factor                   ? 
_refine.pdbx_pd_ls_matrix_band_width             ? 
_refine.pdbx_overall_phase_error                 ? 
_refine.pdbx_overall_SU_R_free_Cruickshank_DPI   ? 
_refine.pdbx_overall_SU_R_free_Blow_DPI          ? 
_refine.pdbx_overall_SU_R_Blow_DPI               ? 
_refine.pdbx_TLS_residual_ADP_flag               ? 
_refine.pdbx_diffrn_id                           1 
_refine.overall_SU_B                             5.843 
_refine.overall_SU_ML                            0.148 
_refine.overall_SU_R_Cruickshank_DPI             ? 
_refine.overall_SU_R_free                        ? 
_refine.overall_FOM_free_R_set                   ? 
_refine.overall_FOM_work_R_set                   ? 
_refine.pdbx_average_fsc_overall                 ? 
_refine.pdbx_average_fsc_work                    ? 
_refine.pdbx_average_fsc_free                    ? 
# 
_refine_hist.pdbx_refine_id                   'X-RAY DIFFRACTION' 
_refine_hist.cycle_id                         1 
_refine_hist.details                          ? 
_refine_hist.d_res_high                       2.55 
_refine_hist.d_res_low                        18.75 
_refine_hist.number_atoms_solvent             0 
_refine_hist.number_atoms_total               1532 
_refine_hist.number_reflns_all                ? 
_refine_hist.number_reflns_obs                ? 
_refine_hist.number_reflns_R_free             ? 
_refine_hist.number_reflns_R_work             ? 
_refine_hist.R_factor_all                     ? 
_refine_hist.R_factor_obs                     ? 
_refine_hist.R_factor_R_free                  ? 
_refine_hist.R_factor_R_work                  ? 
_refine_hist.pdbx_number_residues_total       ? 
_refine_hist.pdbx_B_iso_mean_ligand           ? 
_refine_hist.pdbx_B_iso_mean_solvent          ? 
_refine_hist.pdbx_number_atoms_protein        1532 
_refine_hist.pdbx_number_atoms_nucleic_acid   0 
_refine_hist.pdbx_number_atoms_ligand         0 
_refine_hist.pdbx_number_atoms_lipid          ? 
_refine_hist.pdbx_number_atoms_carb           ? 
_refine_hist.pdbx_pseudo_atom_details         ? 
# 
loop_
_refine_ls_restr.pdbx_refine_id 
_refine_ls_restr.criterion 
_refine_ls_restr.dev_ideal 
_refine_ls_restr.dev_ideal_target 
_refine_ls_restr.number 
_refine_ls_restr.rejects 
_refine_ls_restr.type 
_refine_ls_restr.weight 
_refine_ls_restr.pdbx_restraint_function 
'X-RAY DIFFRACTION' ? 0.012  0.012  1548 ? r_bond_refined_d             ? ? 
'X-RAY DIFFRACTION' ? 0.003  0.016  1436 ? r_bond_other_d               ? ? 
'X-RAY DIFFRACTION' ? 2.341  1.809  2101 ? r_angle_refined_deg          ? ? 
'X-RAY DIFFRACTION' ? 1.123  1.767  3298 ? r_angle_other_deg            ? ? 
'X-RAY DIFFRACTION' ? 9.401  5.000  203  ? r_dihedral_angle_1_deg       ? ? 
'X-RAY DIFFRACTION' ? 19.652 5.000  9    ? r_dihedral_angle_2_deg       ? ? 
'X-RAY DIFFRACTION' ? 20.225 10.000 251  ? r_dihedral_angle_3_deg       ? ? 
'X-RAY DIFFRACTION' ? ?      ?      ?    ? r_dihedral_angle_4_deg       ? ? 
'X-RAY DIFFRACTION' ? 0.134  0.200  254  ? r_chiral_restr               ? ? 
'X-RAY DIFFRACTION' ? 0.012  0.020  1856 ? r_gen_planes_refined         ? ? 
'X-RAY DIFFRACTION' ? 0.005  0.020  332  ? r_gen_planes_other           ? ? 
'X-RAY DIFFRACTION' ? ?      ?      ?    ? r_nbd_refined                ? ? 
'X-RAY DIFFRACTION' ? ?      ?      ?    ? r_nbd_other                  ? ? 
'X-RAY DIFFRACTION' ? ?      ?      ?    ? r_nbtor_refined              ? ? 
'X-RAY DIFFRACTION' ? ?      ?      ?    ? r_nbtor_other                ? ? 
'X-RAY DIFFRACTION' ? ?      ?      ?    ? r_xyhbond_nbd_refined        ? ? 
'X-RAY DIFFRACTION' ? ?      ?      ?    ? r_xyhbond_nbd_other          ? ? 
'X-RAY DIFFRACTION' ? ?      ?      ?    ? r_metal_ion_refined          ? ? 
'X-RAY DIFFRACTION' ? ?      ?      ?    ? r_metal_ion_other            ? ? 
'X-RAY DIFFRACTION' ? ?      ?      ?    ? r_symmetry_vdw_refined       ? ? 
'X-RAY DIFFRACTION' ? ?      ?      ?    ? r_symmetry_vdw_other         ? ? 
'X-RAY DIFFRACTION' ? ?      ?      ?    ? r_symmetry_hbond_refined     ? ? 
'X-RAY DIFFRACTION' ? ?      ?      ?    ? r_symmetry_hbond_other       ? ? 
'X-RAY DIFFRACTION' ? ?      ?      ?    ? r_symmetry_metal_ion_refined ? ? 
'X-RAY DIFFRACTION' ? ?      ?      ?    ? r_symmetry_metal_ion_other   ? ? 
'X-RAY DIFFRACTION' ? 14.511 9.874  824  ? r_mcbond_it                  ? ? 
'X-RAY DIFFRACTION' ? 14.508 9.873  824  ? r_mcbond_other               ? ? 
'X-RAY DIFFRACTION' ? 19.831 17.866 1023 ? r_mcangle_it                 ? ? 
'X-RAY DIFFRACTION' ? 19.826 17.869 1024 ? r_mcangle_other              ? ? 
'X-RAY DIFFRACTION' ? 14.851 9.987  724  ? r_scbond_it                  ? ? 
'X-RAY DIFFRACTION' ? 14.842 9.988  725  ? r_scbond_other               ? ? 
'X-RAY DIFFRACTION' ? ?      ?      ?    ? r_scangle_it                 ? ? 
'X-RAY DIFFRACTION' ? 19.866 18.366 1079 ? r_scangle_other              ? ? 
'X-RAY DIFFRACTION' ? 27.508 116.25 5871 ? r_long_range_B_refined       ? ? 
'X-RAY DIFFRACTION' ? 27.508 116.24 5872 ? r_long_range_B_other         ? ? 
'X-RAY DIFFRACTION' ? ?      ?      ?    ? r_rigid_bond_restr           ? ? 
'X-RAY DIFFRACTION' ? ?      ?      ?    ? r_sphericity_free            ? ? 
'X-RAY DIFFRACTION' ? ?      ?      ?    ? r_sphericity_bonded          ? ? 
# 
_refine_ls_shell.pdbx_refine_id                   'X-RAY DIFFRACTION' 
_refine_ls_shell.d_res_high                       2.550 
_refine_ls_shell.d_res_low                        2.615 
_refine_ls_shell.number_reflns_all                ? 
_refine_ls_shell.number_reflns_obs                ? 
_refine_ls_shell.number_reflns_R_free             25 
_refine_ls_shell.number_reflns_R_work             595 
_refine_ls_shell.percent_reflns_obs               98.10 
_refine_ls_shell.percent_reflns_R_free            ? 
_refine_ls_shell.R_factor_all                     ? 
_refine_ls_shell.R_factor_obs                     ? 
_refine_ls_shell.R_factor_R_free_error            ? 
_refine_ls_shell.R_factor_R_work                  0.187 
_refine_ls_shell.redundancy_reflns_all            ? 
_refine_ls_shell.redundancy_reflns_obs            ? 
_refine_ls_shell.wR_factor_all                    ? 
_refine_ls_shell.wR_factor_obs                    ? 
_refine_ls_shell.wR_factor_R_free                 ? 
_refine_ls_shell.wR_factor_R_work                 ? 
_refine_ls_shell.pdbx_R_complete                  ? 
_refine_ls_shell.pdbx_total_number_of_bins_used   20 
_refine_ls_shell.pdbx_phase_error                 ? 
_refine_ls_shell.pdbx_fsc_work                    ? 
_refine_ls_shell.pdbx_fsc_free                    ? 
_refine_ls_shell.R_factor_R_free                  0.228 
# 
_struct.entry_id                     9JUA 
_struct.title                        'The complex of Eny2B and Sgf11 of Drosophila melanogaster' 
_struct.pdbx_model_details           ? 
_struct.pdbx_formula_weight          ? 
_struct.pdbx_formula_weight_method   ? 
_struct.pdbx_model_type_details      ? 
_struct.pdbx_CASP_flag               N 
# 
_struct_keywords.entry_id        9JUA 
_struct_keywords.text            'transcription regulation, TRANSCRIPTION' 
_struct_keywords.pdbx_keywords   TRANSCRIPTION 
# 
loop_
_struct_asym.id 
_struct_asym.pdbx_blank_PDB_chainid_flag 
_struct_asym.pdbx_modified 
_struct_asym.entity_id 
_struct_asym.details 
A N N 1 ? 
B N N 1 ? 
C N N 2 ? 
D N N 2 ? 
# 
loop_
_struct_ref.id 
_struct_ref.db_name 
_struct_ref.db_code 
_struct_ref.pdbx_db_accession 
_struct_ref.pdbx_db_isoform 
_struct_ref.entity_id 
_struct_ref.pdbx_seq_one_letter_code 
_struct_ref.pdbx_align_begin 
1 UNP ENY2B_DROME Q9VI60 ? 1 
;MTINKETGTDPDPGYKPTLRSQDKAALKELLHTRLVECGWHKDIKEMIRNIIMERGVDNINRDQLAAQIVPQARALVPEV
VKNEMMLRVHAALDK
;
1  
2 UNP SGF11_DROME Q9VVR6 ? 2 LDEAANYLYQSLLDDAVVGIFNETHHLRKSGNLAALDGV                                                            40 
# 
loop_
_struct_ref_seq.align_id 
_struct_ref_seq.ref_id 
_struct_ref_seq.pdbx_PDB_id_code 
_struct_ref_seq.pdbx_strand_id 
_struct_ref_seq.seq_align_beg 
_struct_ref_seq.pdbx_seq_align_beg_ins_code 
_struct_ref_seq.seq_align_end 
_struct_ref_seq.pdbx_seq_align_end_ins_code 
_struct_ref_seq.pdbx_db_accession 
_struct_ref_seq.db_align_beg 
_struct_ref_seq.pdbx_db_align_beg_ins_code 
_struct_ref_seq.db_align_end 
_struct_ref_seq.pdbx_db_align_end_ins_code 
_struct_ref_seq.pdbx_auth_seq_align_beg 
_struct_ref_seq.pdbx_auth_seq_align_end 
1 1 9JUA A 1 ? 95 ? Q9VI60 1  ? 95 ? 1 95 
2 1 9JUA C 1 ? 95 ? Q9VI60 1  ? 95 ? 1 95 
3 2 9JUA B 4 ? 42 ? Q9VVR6 40 ? 78 ? 4 42 
4 2 9JUA D 4 ? 42 ? Q9VVR6 40 ? 78 ? 4 42 
# 
loop_
_struct_ref_seq_dif.align_id 
_struct_ref_seq_dif.pdbx_pdb_id_code 
_struct_ref_seq_dif.mon_id 
_struct_ref_seq_dif.pdbx_pdb_strand_id 
_struct_ref_seq_dif.seq_num 
_struct_ref_seq_dif.pdbx_pdb_ins_code 
_struct_ref_seq_dif.pdbx_seq_db_name 
_struct_ref_seq_dif.pdbx_seq_db_accession_code 
_struct_ref_seq_dif.db_mon_id 
_struct_ref_seq_dif.pdbx_seq_db_seq_num 
_struct_ref_seq_dif.details 
_struct_ref_seq_dif.pdbx_auth_seq_num 
_struct_ref_seq_dif.pdbx_ordinal 
3 9JUA SER B 1 ? UNP Q9VVR6 ? ? 'expression tag' 1 1 
3 9JUA GLY B 2 ? UNP Q9VVR6 ? ? 'expression tag' 2 2 
3 9JUA SER B 3 ? UNP Q9VVR6 ? ? 'expression tag' 3 3 
4 9JUA SER D 1 ? UNP Q9VVR6 ? ? 'expression tag' 1 4 
4 9JUA GLY D 2 ? UNP Q9VVR6 ? ? 'expression tag' 2 5 
4 9JUA SER D 3 ? UNP Q9VVR6 ? ? 'expression tag' 3 6 
# 
loop_
_pdbx_struct_assembly.id 
_pdbx_struct_assembly.details 
_pdbx_struct_assembly.method_details 
_pdbx_struct_assembly.oligomeric_details 
_pdbx_struct_assembly.oligomeric_count 
1 author_and_software_defined_assembly PISA dimeric 2 
2 author_and_software_defined_assembly PISA dimeric 2 
# 
loop_
_pdbx_struct_assembly_prop.biol_id 
_pdbx_struct_assembly_prop.type 
_pdbx_struct_assembly_prop.value 
_pdbx_struct_assembly_prop.details 
1 'ABSA (A^2)' 1910 ? 
1 MORE         -22  ? 
1 'SSA (A^2)'  6490 ? 
2 'ABSA (A^2)' 2020 ? 
2 MORE         -24  ? 
2 'SSA (A^2)'  6660 ? 
# 
loop_
_pdbx_struct_assembly_gen.assembly_id 
_pdbx_struct_assembly_gen.oper_expression 
_pdbx_struct_assembly_gen.asym_id_list 
1 1 A,C 
2 1 B,D 
# 
_pdbx_struct_assembly_auth_evidence.id                     1 
_pdbx_struct_assembly_auth_evidence.assembly_id            1 
_pdbx_struct_assembly_auth_evidence.experimental_support   'gel filtration' 
_pdbx_struct_assembly_auth_evidence.details                ? 
# 
_pdbx_struct_oper_list.id                   1 
_pdbx_struct_oper_list.type                 'identity operation' 
_pdbx_struct_oper_list.name                 1_555 
_pdbx_struct_oper_list.symmetry_operation   x,y,z 
_pdbx_struct_oper_list.matrix[1][1]         1.0000000000 
_pdbx_struct_oper_list.matrix[1][2]         0.0000000000 
_pdbx_struct_oper_list.matrix[1][3]         0.0000000000 
_pdbx_struct_oper_list.vector[1]            0.0000000000 
_pdbx_struct_oper_list.matrix[2][1]         0.0000000000 
_pdbx_struct_oper_list.matrix[2][2]         1.0000000000 
_pdbx_struct_oper_list.matrix[2][3]         0.0000000000 
_pdbx_struct_oper_list.vector[2]            0.0000000000 
_pdbx_struct_oper_list.matrix[3][1]         0.0000000000 
_pdbx_struct_oper_list.matrix[3][2]         0.0000000000 
_pdbx_struct_oper_list.matrix[3][3]         1.0000000000 
_pdbx_struct_oper_list.vector[3]            0.0000000000 
# 
loop_
_struct_conf.conf_type_id 
_struct_conf.id 
_struct_conf.pdbx_PDB_helix_id 
_struct_conf.beg_label_comp_id 
_struct_conf.beg_label_asym_id 
_struct_conf.beg_label_seq_id 
_struct_conf.pdbx_beg_PDB_ins_code 
_struct_conf.end_label_comp_id 
_struct_conf.end_label_asym_id 
_struct_conf.end_label_seq_id 
_struct_conf.pdbx_end_PDB_ins_code 
_struct_conf.beg_auth_comp_id 
_struct_conf.beg_auth_asym_id 
_struct_conf.beg_auth_seq_id 
_struct_conf.end_auth_comp_id 
_struct_conf.end_auth_asym_id 
_struct_conf.end_auth_seq_id 
_struct_conf.pdbx_PDB_helix_class 
_struct_conf.details 
_struct_conf.pdbx_PDB_helix_length 
HELX_P HELX_P1  AA1 ARG A 20 ? CYS A 38 ? ARG A 20 CYS A 38 1 ? 19 
HELX_P HELX_P2  AA2 GLY A 39 ? GLY A 56 ? GLY A 39 GLY A 56 1 ? 18 
HELX_P HELX_P3  AA3 ILE A 69 ? LEU A 76 ? ILE A 69 LEU A 76 1 ? 8  
HELX_P HELX_P4  AA4 PRO A 78 ? ASP A 94 ? PRO A 78 ASP A 94 1 ? 17 
HELX_P HELX_P5  AA5 ARG B 20 ? CYS B 38 ? ARG C 20 CYS C 38 1 ? 19 
HELX_P HELX_P6  AA6 GLY B 39 ? ARG B 55 ? GLY C 39 ARG C 55 1 ? 17 
HELX_P HELX_P7  AA7 ASP B 63 ? ILE B 69 ? ASP C 63 ILE C 69 1 ? 7  
HELX_P HELX_P8  AA8 ILE B 69 ? LEU B 76 ? ILE C 69 LEU C 76 1 ? 8  
HELX_P HELX_P9  AA9 PRO B 78 ? ASP B 94 ? PRO C 78 ASP C 94 1 ? 17 
HELX_P HELX_P10 AB1 LEU C 4  ? GLU C 26 ? LEU B 4  GLU B 26 1 ? 23 
HELX_P HELX_P11 AB2 GLY D 2  ? GLU D 26 ? GLY D 2  GLU D 26 1 ? 25 
# 
_struct_conf_type.id          HELX_P 
_struct_conf_type.criteria    ? 
_struct_conf_type.reference   ? 
# 
_pdbx_entry_details.entry_id                   9JUA 
_pdbx_entry_details.compound_details           ? 
_pdbx_entry_details.source_details             ? 
_pdbx_entry_details.nonpolymer_details         ? 
_pdbx_entry_details.sequence_details           ? 
_pdbx_entry_details.has_ligand_of_interest     ? 
_pdbx_entry_details.has_protein_modification   N 
# 
_pdbx_validate_rmsd_bond.id                        1 
_pdbx_validate_rmsd_bond.PDB_model_num             1 
_pdbx_validate_rmsd_bond.auth_atom_id_1            CD 
_pdbx_validate_rmsd_bond.auth_asym_id_1            A 
_pdbx_validate_rmsd_bond.auth_comp_id_1            GLU 
_pdbx_validate_rmsd_bond.auth_seq_id_1             79 
_pdbx_validate_rmsd_bond.PDB_ins_code_1            ? 
_pdbx_validate_rmsd_bond.label_alt_id_1            ? 
_pdbx_validate_rmsd_bond.auth_atom_id_2            OE2 
_pdbx_validate_rmsd_bond.auth_asym_id_2            A 
_pdbx_validate_rmsd_bond.auth_comp_id_2            GLU 
_pdbx_validate_rmsd_bond.auth_seq_id_2             79 
_pdbx_validate_rmsd_bond.PDB_ins_code_2            ? 
_pdbx_validate_rmsd_bond.label_alt_id_2            ? 
_pdbx_validate_rmsd_bond.bond_value                1.323 
_pdbx_validate_rmsd_bond.bond_target_value         1.252 
_pdbx_validate_rmsd_bond.bond_deviation            0.071 
_pdbx_validate_rmsd_bond.bond_standard_deviation   0.011 
_pdbx_validate_rmsd_bond.linker_flag               N 
# 
loop_
_pdbx_validate_rmsd_angle.id 
_pdbx_validate_rmsd_angle.PDB_model_num 
_pdbx_validate_rmsd_angle.auth_atom_id_1 
_pdbx_validate_rmsd_angle.auth_asym_id_1 
_pdbx_validate_rmsd_angle.auth_comp_id_1 
_pdbx_validate_rmsd_angle.auth_seq_id_1 
_pdbx_validate_rmsd_angle.PDB_ins_code_1 
_pdbx_validate_rmsd_angle.label_alt_id_1 
_pdbx_validate_rmsd_angle.auth_atom_id_2 
_pdbx_validate_rmsd_angle.auth_asym_id_2 
_pdbx_validate_rmsd_angle.auth_comp_id_2 
_pdbx_validate_rmsd_angle.auth_seq_id_2 
_pdbx_validate_rmsd_angle.PDB_ins_code_2 
_pdbx_validate_rmsd_angle.label_alt_id_2 
_pdbx_validate_rmsd_angle.auth_atom_id_3 
_pdbx_validate_rmsd_angle.auth_asym_id_3 
_pdbx_validate_rmsd_angle.auth_comp_id_3 
_pdbx_validate_rmsd_angle.auth_seq_id_3 
_pdbx_validate_rmsd_angle.PDB_ins_code_3 
_pdbx_validate_rmsd_angle.label_alt_id_3 
_pdbx_validate_rmsd_angle.angle_value 
_pdbx_validate_rmsd_angle.angle_target_value 
_pdbx_validate_rmsd_angle.angle_deviation 
_pdbx_validate_rmsd_angle.angle_standard_deviation 
_pdbx_validate_rmsd_angle.linker_flag 
1 1 NE A ARG 34 ? ? CZ A ARG 34 ? ? NH1 A ARG 34 ? ? 123.66 120.30 3.36  0.50 N 
2 1 NE A ARG 88 ? ? CZ A ARG 88 ? ? NH1 A ARG 88 ? ? 116.82 120.30 -3.48 0.50 N 
3 1 CB B ASN 25 ? ? CA B ASN 25 ? ? C   B ASN 25 ? ? 122.54 110.40 12.14 2.00 N 
# 
loop_
_pdbx_validate_torsion.id 
_pdbx_validate_torsion.PDB_model_num 
_pdbx_validate_torsion.auth_comp_id 
_pdbx_validate_torsion.auth_asym_id 
_pdbx_validate_torsion.auth_seq_id 
_pdbx_validate_torsion.PDB_ins_code 
_pdbx_validate_torsion.label_alt_id 
_pdbx_validate_torsion.phi 
_pdbx_validate_torsion.psi 
1  1 ARG A 62 ? ? -39.65  138.74 
2  1 ASP A 63 ? ? 82.64   -25.73 
3  1 GLN A 64 ? ? -64.62  26.50  
4  1 LEU A 65 ? ? -162.48 -62.42 
5  1 PRO A 78 ? ? -37.67  138.65 
6  1 ALA A 92 ? ? 177.63  -63.01 
7  1 ILE C 60 ? ? -27.40  110.96 
8  1 ASN C 61 ? ? -143.02 43.41  
9  1 ASP C 63 ? ? 10.29   57.35  
10 1 PRO C 78 ? ? -37.39  137.81 
11 1 ALA C 92 ? ? 169.50  -61.88 
12 1 ASP D 5  ? ? -76.30  -87.27 
13 1 GLU D 26 ? ? -67.18  84.78  
# 
loop_
_pdbx_validate_peptide_omega.id 
_pdbx_validate_peptide_omega.PDB_model_num 
_pdbx_validate_peptide_omega.auth_comp_id_1 
_pdbx_validate_peptide_omega.auth_asym_id_1 
_pdbx_validate_peptide_omega.auth_seq_id_1 
_pdbx_validate_peptide_omega.PDB_ins_code_1 
_pdbx_validate_peptide_omega.label_alt_id_1 
_pdbx_validate_peptide_omega.auth_comp_id_2 
_pdbx_validate_peptide_omega.auth_asym_id_2 
_pdbx_validate_peptide_omega.auth_seq_id_2 
_pdbx_validate_peptide_omega.PDB_ins_code_2 
_pdbx_validate_peptide_omega.label_alt_id_2 
_pdbx_validate_peptide_omega.omega 
1 1 GLN A 64 ? ? LEU A 65 ? ? -144.61 
2 1 ASP C 63 ? ? GLN C 64 ? ? 148.57  
# 
_pdbx_validate_planes.id              1 
_pdbx_validate_planes.PDB_model_num   1 
_pdbx_validate_planes.auth_comp_id    ARG 
_pdbx_validate_planes.auth_asym_id    A 
_pdbx_validate_planes.auth_seq_id     88 
_pdbx_validate_planes.PDB_ins_code    ? 
_pdbx_validate_planes.label_alt_id    ? 
_pdbx_validate_planes.rmsd            0.274 
_pdbx_validate_planes.type            'SIDE CHAIN' 
# 
loop_
_pdbx_unobs_or_zero_occ_residues.id 
_pdbx_unobs_or_zero_occ_residues.PDB_model_num 
_pdbx_unobs_or_zero_occ_residues.polymer_flag 
_pdbx_unobs_or_zero_occ_residues.occupancy_flag 
_pdbx_unobs_or_zero_occ_residues.auth_asym_id 
_pdbx_unobs_or_zero_occ_residues.auth_comp_id 
_pdbx_unobs_or_zero_occ_residues.auth_seq_id 
_pdbx_unobs_or_zero_occ_residues.PDB_ins_code 
_pdbx_unobs_or_zero_occ_residues.label_asym_id 
_pdbx_unobs_or_zero_occ_residues.label_comp_id 
_pdbx_unobs_or_zero_occ_residues.label_seq_id 
1  1 Y 1 A MET 1  ? A MET 1  
2  1 Y 1 A THR 2  ? A THR 2  
3  1 Y 1 A ILE 3  ? A ILE 3  
4  1 Y 1 A ASN 4  ? A ASN 4  
5  1 Y 1 A LYS 5  ? A LYS 5  
6  1 Y 1 A GLU 6  ? A GLU 6  
7  1 Y 1 A THR 7  ? A THR 7  
8  1 Y 1 A GLY 8  ? A GLY 8  
9  1 Y 1 A THR 9  ? A THR 9  
10 1 Y 1 A ASP 10 ? A ASP 10 
11 1 Y 1 A PRO 11 ? A PRO 11 
12 1 Y 1 A ASP 12 ? A ASP 12 
13 1 Y 1 A PRO 13 ? A PRO 13 
14 1 Y 1 A GLY 14 ? A GLY 14 
15 1 Y 1 A TYR 15 ? A TYR 15 
16 1 Y 1 A LYS 16 ? A LYS 16 
17 1 Y 1 A PRO 17 ? A PRO 17 
18 1 Y 1 C MET 1  ? B MET 1  
19 1 Y 1 C THR 2  ? B THR 2  
20 1 Y 1 C ILE 3  ? B ILE 3  
21 1 Y 1 C ASN 4  ? B ASN 4  
22 1 Y 1 C LYS 5  ? B LYS 5  
23 1 Y 1 C GLU 6  ? B GLU 6  
24 1 Y 1 C THR 7  ? B THR 7  
25 1 Y 1 C GLY 8  ? B GLY 8  
26 1 Y 1 C THR 9  ? B THR 9  
27 1 Y 1 C ASP 10 ? B ASP 10 
28 1 Y 1 C PRO 11 ? B PRO 11 
29 1 Y 1 C ASP 12 ? B ASP 12 
30 1 Y 1 C PRO 13 ? B PRO 13 
31 1 Y 1 C GLY 14 ? B GLY 14 
32 1 Y 1 C TYR 15 ? B TYR 15 
33 1 Y 1 C LYS 16 ? B LYS 16 
34 1 Y 1 C PRO 17 ? B PRO 17 
35 1 Y 1 B SER 1  ? C SER 1  
36 1 Y 1 B GLY 2  ? C GLY 2  
37 1 Y 1 B THR 27 ? C THR 27 
38 1 Y 1 B HIS 28 ? C HIS 28 
39 1 Y 1 B HIS 29 ? C HIS 29 
40 1 Y 1 B LEU 30 ? C LEU 30 
41 1 Y 1 B ARG 31 ? C ARG 31 
42 1 Y 1 B LYS 32 ? C LYS 32 
43 1 Y 1 B SER 33 ? C SER 33 
44 1 Y 1 B GLY 34 ? C GLY 34 
45 1 Y 1 B ASN 35 ? C ASN 35 
46 1 Y 1 B LEU 36 ? C LEU 36 
47 1 Y 1 B ALA 37 ? C ALA 37 
48 1 Y 1 B ALA 38 ? C ALA 38 
49 1 Y 1 B LEU 39 ? C LEU 39 
50 1 Y 1 B ASP 40 ? C ASP 40 
51 1 Y 1 B GLY 41 ? C GLY 41 
52 1 Y 1 B VAL 42 ? C VAL 42 
53 1 Y 1 D HIS 28 ? D HIS 28 
54 1 Y 1 D HIS 29 ? D HIS 29 
55 1 Y 1 D LEU 30 ? D LEU 30 
56 1 Y 1 D ARG 31 ? D ARG 31 
57 1 Y 1 D LYS 32 ? D LYS 32 
58 1 Y 1 D SER 33 ? D SER 33 
59 1 Y 1 D GLY 34 ? D GLY 34 
60 1 Y 1 D ASN 35 ? D ASN 35 
61 1 Y 1 D LEU 36 ? D LEU 36 
62 1 Y 1 D ALA 37 ? D ALA 37 
63 1 Y 1 D ALA 38 ? D ALA 38 
64 1 Y 1 D LEU 39 ? D LEU 39 
65 1 Y 1 D ASP 40 ? D ASP 40 
66 1 Y 1 D GLY 41 ? D GLY 41 
67 1 Y 1 D VAL 42 ? D VAL 42 
# 
loop_
_chem_comp_atom.comp_id 
_chem_comp_atom.atom_id 
_chem_comp_atom.type_symbol 
_chem_comp_atom.pdbx_aromatic_flag 
_chem_comp_atom.pdbx_stereo_config 
_chem_comp_atom.pdbx_ordinal 
ALA N    N N N 1   
ALA CA   C N S 2   
ALA C    C N N 3   
ALA O    O N N 4   
ALA CB   C N N 5   
ALA OXT  O N N 6   
ALA H    H N N 7   
ALA H2   H N N 8   
ALA HA   H N N 9   
ALA HB1  H N N 10  
ALA HB2  H N N 11  
ALA HB3  H N N 12  
ALA HXT  H N N 13  
ARG N    N N N 14  
ARG CA   C N S 15  
ARG C    C N N 16  
ARG O    O N N 17  
ARG CB   C N N 18  
ARG CG   C N N 19  
ARG CD   C N N 20  
ARG NE   N N N 21  
ARG CZ   C N N 22  
ARG NH1  N N N 23  
ARG NH2  N N N 24  
ARG OXT  O N N 25  
ARG H    H N N 26  
ARG H2   H N N 27  
ARG HA   H N N 28  
ARG HB2  H N N 29  
ARG HB3  H N N 30  
ARG HG2  H N N 31  
ARG HG3  H N N 32  
ARG HD2  H N N 33  
ARG HD3  H N N 34  
ARG HE   H N N 35  
ARG HH11 H N N 36  
ARG HH12 H N N 37  
ARG HH21 H N N 38  
ARG HH22 H N N 39  
ARG HXT  H N N 40  
ASN N    N N N 41  
ASN CA   C N S 42  
ASN C    C N N 43  
ASN O    O N N 44  
ASN CB   C N N 45  
ASN CG   C N N 46  
ASN OD1  O N N 47  
ASN ND2  N N N 48  
ASN OXT  O N N 49  
ASN H    H N N 50  
ASN H2   H N N 51  
ASN HA   H N N 52  
ASN HB2  H N N 53  
ASN HB3  H N N 54  
ASN HD21 H N N 55  
ASN HD22 H N N 56  
ASN HXT  H N N 57  
ASP N    N N N 58  
ASP CA   C N S 59  
ASP C    C N N 60  
ASP O    O N N 61  
ASP CB   C N N 62  
ASP CG   C N N 63  
ASP OD1  O N N 64  
ASP OD2  O N N 65  
ASP OXT  O N N 66  
ASP H    H N N 67  
ASP H2   H N N 68  
ASP HA   H N N 69  
ASP HB2  H N N 70  
ASP HB3  H N N 71  
ASP HD2  H N N 72  
ASP HXT  H N N 73  
CYS N    N N N 74  
CYS CA   C N R 75  
CYS C    C N N 76  
CYS O    O N N 77  
CYS CB   C N N 78  
CYS SG   S N N 79  
CYS OXT  O N N 80  
CYS H    H N N 81  
CYS H2   H N N 82  
CYS HA   H N N 83  
CYS HB2  H N N 84  
CYS HB3  H N N 85  
CYS HG   H N N 86  
CYS HXT  H N N 87  
GLN N    N N N 88  
GLN CA   C N S 89  
GLN C    C N N 90  
GLN O    O N N 91  
GLN CB   C N N 92  
GLN CG   C N N 93  
GLN CD   C N N 94  
GLN OE1  O N N 95  
GLN NE2  N N N 96  
GLN OXT  O N N 97  
GLN H    H N N 98  
GLN H2   H N N 99  
GLN HA   H N N 100 
GLN HB2  H N N 101 
GLN HB3  H N N 102 
GLN HG2  H N N 103 
GLN HG3  H N N 104 
GLN HE21 H N N 105 
GLN HE22 H N N 106 
GLN HXT  H N N 107 
GLU N    N N N 108 
GLU CA   C N S 109 
GLU C    C N N 110 
GLU O    O N N 111 
GLU CB   C N N 112 
GLU CG   C N N 113 
GLU CD   C N N 114 
GLU OE1  O N N 115 
GLU OE2  O N N 116 
GLU OXT  O N N 117 
GLU H    H N N 118 
GLU H2   H N N 119 
GLU HA   H N N 120 
GLU HB2  H N N 121 
GLU HB3  H N N 122 
GLU HG2  H N N 123 
GLU HG3  H N N 124 
GLU HE2  H N N 125 
GLU HXT  H N N 126 
GLY N    N N N 127 
GLY CA   C N N 128 
GLY C    C N N 129 
GLY O    O N N 130 
GLY OXT  O N N 131 
GLY H    H N N 132 
GLY H2   H N N 133 
GLY HA2  H N N 134 
GLY HA3  H N N 135 
GLY HXT  H N N 136 
HIS N    N N N 137 
HIS CA   C N S 138 
HIS C    C N N 139 
HIS O    O N N 140 
HIS CB   C N N 141 
HIS CG   C Y N 142 
HIS ND1  N Y N 143 
HIS CD2  C Y N 144 
HIS CE1  C Y N 145 
HIS NE2  N Y N 146 
HIS OXT  O N N 147 
HIS H    H N N 148 
HIS H2   H N N 149 
HIS HA   H N N 150 
HIS HB2  H N N 151 
HIS HB3  H N N 152 
HIS HD1  H N N 153 
HIS HD2  H N N 154 
HIS HE1  H N N 155 
HIS HE2  H N N 156 
HIS HXT  H N N 157 
ILE N    N N N 158 
ILE CA   C N S 159 
ILE C    C N N 160 
ILE O    O N N 161 
ILE CB   C N S 162 
ILE CG1  C N N 163 
ILE CG2  C N N 164 
ILE CD1  C N N 165 
ILE OXT  O N N 166 
ILE H    H N N 167 
ILE H2   H N N 168 
ILE HA   H N N 169 
ILE HB   H N N 170 
ILE HG12 H N N 171 
ILE HG13 H N N 172 
ILE HG21 H N N 173 
ILE HG22 H N N 174 
ILE HG23 H N N 175 
ILE HD11 H N N 176 
ILE HD12 H N N 177 
ILE HD13 H N N 178 
ILE HXT  H N N 179 
LEU N    N N N 180 
LEU CA   C N S 181 
LEU C    C N N 182 
LEU O    O N N 183 
LEU CB   C N N 184 
LEU CG   C N N 185 
LEU CD1  C N N 186 
LEU CD2  C N N 187 
LEU OXT  O N N 188 
LEU H    H N N 189 
LEU H2   H N N 190 
LEU HA   H N N 191 
LEU HB2  H N N 192 
LEU HB3  H N N 193 
LEU HG   H N N 194 
LEU HD11 H N N 195 
LEU HD12 H N N 196 
LEU HD13 H N N 197 
LEU HD21 H N N 198 
LEU HD22 H N N 199 
LEU HD23 H N N 200 
LEU HXT  H N N 201 
LYS N    N N N 202 
LYS CA   C N S 203 
LYS C    C N N 204 
LYS O    O N N 205 
LYS CB   C N N 206 
LYS CG   C N N 207 
LYS CD   C N N 208 
LYS CE   C N N 209 
LYS NZ   N N N 210 
LYS OXT  O N N 211 
LYS H    H N N 212 
LYS H2   H N N 213 
LYS HA   H N N 214 
LYS HB2  H N N 215 
LYS HB3  H N N 216 
LYS HG2  H N N 217 
LYS HG3  H N N 218 
LYS HD2  H N N 219 
LYS HD3  H N N 220 
LYS HE2  H N N 221 
LYS HE3  H N N 222 
LYS HZ1  H N N 223 
LYS HZ2  H N N 224 
LYS HZ3  H N N 225 
LYS HXT  H N N 226 
MET N    N N N 227 
MET CA   C N S 228 
MET C    C N N 229 
MET O    O N N 230 
MET CB   C N N 231 
MET CG   C N N 232 
MET SD   S N N 233 
MET CE   C N N 234 
MET OXT  O N N 235 
MET H    H N N 236 
MET H2   H N N 237 
MET HA   H N N 238 
MET HB2  H N N 239 
MET HB3  H N N 240 
MET HG2  H N N 241 
MET HG3  H N N 242 
MET HE1  H N N 243 
MET HE2  H N N 244 
MET HE3  H N N 245 
MET HXT  H N N 246 
PHE N    N N N 247 
PHE CA   C N S 248 
PHE C    C N N 249 
PHE O    O N N 250 
PHE CB   C N N 251 
PHE CG   C Y N 252 
PHE CD1  C Y N 253 
PHE CD2  C Y N 254 
PHE CE1  C Y N 255 
PHE CE2  C Y N 256 
PHE CZ   C Y N 257 
PHE OXT  O N N 258 
PHE H    H N N 259 
PHE H2   H N N 260 
PHE HA   H N N 261 
PHE HB2  H N N 262 
PHE HB3  H N N 263 
PHE HD1  H N N 264 
PHE HD2  H N N 265 
PHE HE1  H N N 266 
PHE HE2  H N N 267 
PHE HZ   H N N 268 
PHE HXT  H N N 269 
PRO N    N N N 270 
PRO CA   C N S 271 
PRO C    C N N 272 
PRO O    O N N 273 
PRO CB   C N N 274 
PRO CG   C N N 275 
PRO CD   C N N 276 
PRO OXT  O N N 277 
PRO H    H N N 278 
PRO HA   H N N 279 
PRO HB2  H N N 280 
PRO HB3  H N N 281 
PRO HG2  H N N 282 
PRO HG3  H N N 283 
PRO HD2  H N N 284 
PRO HD3  H N N 285 
PRO HXT  H N N 286 
SER N    N N N 287 
SER CA   C N S 288 
SER C    C N N 289 
SER O    O N N 290 
SER CB   C N N 291 
SER OG   O N N 292 
SER OXT  O N N 293 
SER H    H N N 294 
SER H2   H N N 295 
SER HA   H N N 296 
SER HB2  H N N 297 
SER HB3  H N N 298 
SER HG   H N N 299 
SER HXT  H N N 300 
THR N    N N N 301 
THR CA   C N S 302 
THR C    C N N 303 
THR O    O N N 304 
THR CB   C N R 305 
THR OG1  O N N 306 
THR CG2  C N N 307 
THR OXT  O N N 308 
THR H    H N N 309 
THR H2   H N N 310 
THR HA   H N N 311 
THR HB   H N N 312 
THR HG1  H N N 313 
THR HG21 H N N 314 
THR HG22 H N N 315 
THR HG23 H N N 316 
THR HXT  H N N 317 
TRP N    N N N 318 
TRP CA   C N S 319 
TRP C    C N N 320 
TRP O    O N N 321 
TRP CB   C N N 322 
TRP CG   C Y N 323 
TRP CD1  C Y N 324 
TRP CD2  C Y N 325 
TRP NE1  N Y N 326 
TRP CE2  C Y N 327 
TRP CE3  C Y N 328 
TRP CZ2  C Y N 329 
TRP CZ3  C Y N 330 
TRP CH2  C Y N 331 
TRP OXT  O N N 332 
TRP H    H N N 333 
TRP H2   H N N 334 
TRP HA   H N N 335 
TRP HB2  H N N 336 
TRP HB3  H N N 337 
TRP HD1  H N N 338 
TRP HE1  H N N 339 
TRP HE3  H N N 340 
TRP HZ2  H N N 341 
TRP HZ3  H N N 342 
TRP HH2  H N N 343 
TRP HXT  H N N 344 
TYR N    N N N 345 
TYR CA   C N S 346 
TYR C    C N N 347 
TYR O    O N N 348 
TYR CB   C N N 349 
TYR CG   C Y N 350 
TYR CD1  C Y N 351 
TYR CD2  C Y N 352 
TYR CE1  C Y N 353 
TYR CE2  C Y N 354 
TYR CZ   C Y N 355 
TYR OH   O N N 356 
TYR OXT  O N N 357 
TYR H    H N N 358 
TYR H2   H N N 359 
TYR HA   H N N 360 
TYR HB2  H N N 361 
TYR HB3  H N N 362 
TYR HD1  H N N 363 
TYR HD2  H N N 364 
TYR HE1  H N N 365 
TYR HE2  H N N 366 
TYR HH   H N N 367 
TYR HXT  H N N 368 
VAL N    N N N 369 
VAL CA   C N S 370 
VAL C    C N N 371 
VAL O    O N N 372 
VAL CB   C N N 373 
VAL CG1  C N N 374 
VAL CG2  C N N 375 
VAL OXT  O N N 376 
VAL H    H N N 377 
VAL H2   H N N 378 
VAL HA   H N N 379 
VAL HB   H N N 380 
VAL HG11 H N N 381 
VAL HG12 H N N 382 
VAL HG13 H N N 383 
VAL HG21 H N N 384 
VAL HG22 H N N 385 
VAL HG23 H N N 386 
VAL HXT  H N N 387 
# 
loop_
_chem_comp_bond.comp_id 
_chem_comp_bond.atom_id_1 
_chem_comp_bond.atom_id_2 
_chem_comp_bond.value_order 
_chem_comp_bond.pdbx_aromatic_flag 
_chem_comp_bond.pdbx_stereo_config 
_chem_comp_bond.pdbx_ordinal 
ALA N   CA   sing N N 1   
ALA N   H    sing N N 2   
ALA N   H2   sing N N 3   
ALA CA  C    sing N N 4   
ALA CA  CB   sing N N 5   
ALA CA  HA   sing N N 6   
ALA C   O    doub N N 7   
ALA C   OXT  sing N N 8   
ALA CB  HB1  sing N N 9   
ALA CB  HB2  sing N N 10  
ALA CB  HB3  sing N N 11  
ALA OXT HXT  sing N N 12  
ARG N   CA   sing N N 13  
ARG N   H    sing N N 14  
ARG N   H2   sing N N 15  
ARG CA  C    sing N N 16  
ARG CA  CB   sing N N 17  
ARG CA  HA   sing N N 18  
ARG C   O    doub N N 19  
ARG C   OXT  sing N N 20  
ARG CB  CG   sing N N 21  
ARG CB  HB2  sing N N 22  
ARG CB  HB3  sing N N 23  
ARG CG  CD   sing N N 24  
ARG CG  HG2  sing N N 25  
ARG CG  HG3  sing N N 26  
ARG CD  NE   sing N N 27  
ARG CD  HD2  sing N N 28  
ARG CD  HD3  sing N N 29  
ARG NE  CZ   sing N N 30  
ARG NE  HE   sing N N 31  
ARG CZ  NH1  sing N N 32  
ARG CZ  NH2  doub N N 33  
ARG NH1 HH11 sing N N 34  
ARG NH1 HH12 sing N N 35  
ARG NH2 HH21 sing N N 36  
ARG NH2 HH22 sing N N 37  
ARG OXT HXT  sing N N 38  
ASN N   CA   sing N N 39  
ASN N   H    sing N N 40  
ASN N   H2   sing N N 41  
ASN CA  C    sing N N 42  
ASN CA  CB   sing N N 43  
ASN CA  HA   sing N N 44  
ASN C   O    doub N N 45  
ASN C   OXT  sing N N 46  
ASN CB  CG   sing N N 47  
ASN CB  HB2  sing N N 48  
ASN CB  HB3  sing N N 49  
ASN CG  OD1  doub N N 50  
ASN CG  ND2  sing N N 51  
ASN ND2 HD21 sing N N 52  
ASN ND2 HD22 sing N N 53  
ASN OXT HXT  sing N N 54  
ASP N   CA   sing N N 55  
ASP N   H    sing N N 56  
ASP N   H2   sing N N 57  
ASP CA  C    sing N N 58  
ASP CA  CB   sing N N 59  
ASP CA  HA   sing N N 60  
ASP C   O    doub N N 61  
ASP C   OXT  sing N N 62  
ASP CB  CG   sing N N 63  
ASP CB  HB2  sing N N 64  
ASP CB  HB3  sing N N 65  
ASP CG  OD1  doub N N 66  
ASP CG  OD2  sing N N 67  
ASP OD2 HD2  sing N N 68  
ASP OXT HXT  sing N N 69  
CYS N   CA   sing N N 70  
CYS N   H    sing N N 71  
CYS N   H2   sing N N 72  
CYS CA  C    sing N N 73  
CYS CA  CB   sing N N 74  
CYS CA  HA   sing N N 75  
CYS C   O    doub N N 76  
CYS C   OXT  sing N N 77  
CYS CB  SG   sing N N 78  
CYS CB  HB2  sing N N 79  
CYS CB  HB3  sing N N 80  
CYS SG  HG   sing N N 81  
CYS OXT HXT  sing N N 82  
GLN N   CA   sing N N 83  
GLN N   H    sing N N 84  
GLN N   H2   sing N N 85  
GLN CA  C    sing N N 86  
GLN CA  CB   sing N N 87  
GLN CA  HA   sing N N 88  
GLN C   O    doub N N 89  
GLN C   OXT  sing N N 90  
GLN CB  CG   sing N N 91  
GLN CB  HB2  sing N N 92  
GLN CB  HB3  sing N N 93  
GLN CG  CD   sing N N 94  
GLN CG  HG2  sing N N 95  
GLN CG  HG3  sing N N 96  
GLN CD  OE1  doub N N 97  
GLN CD  NE2  sing N N 98  
GLN NE2 HE21 sing N N 99  
GLN NE2 HE22 sing N N 100 
GLN OXT HXT  sing N N 101 
GLU N   CA   sing N N 102 
GLU N   H    sing N N 103 
GLU N   H2   sing N N 104 
GLU CA  C    sing N N 105 
GLU CA  CB   sing N N 106 
GLU CA  HA   sing N N 107 
GLU C   O    doub N N 108 
GLU C   OXT  sing N N 109 
GLU CB  CG   sing N N 110 
GLU CB  HB2  sing N N 111 
GLU CB  HB3  sing N N 112 
GLU CG  CD   sing N N 113 
GLU CG  HG2  sing N N 114 
GLU CG  HG3  sing N N 115 
GLU CD  OE1  doub N N 116 
GLU CD  OE2  sing N N 117 
GLU OE2 HE2  sing N N 118 
GLU OXT HXT  sing N N 119 
GLY N   CA   sing N N 120 
GLY N   H    sing N N 121 
GLY N   H2   sing N N 122 
GLY CA  C    sing N N 123 
GLY CA  HA2  sing N N 124 
GLY CA  HA3  sing N N 125 
GLY C   O    doub N N 126 
GLY C   OXT  sing N N 127 
GLY OXT HXT  sing N N 128 
HIS N   CA   sing N N 129 
HIS N   H    sing N N 130 
HIS N   H2   sing N N 131 
HIS CA  C    sing N N 132 
HIS CA  CB   sing N N 133 
HIS CA  HA   sing N N 134 
HIS C   O    doub N N 135 
HIS C   OXT  sing N N 136 
HIS CB  CG   sing N N 137 
HIS CB  HB2  sing N N 138 
HIS CB  HB3  sing N N 139 
HIS CG  ND1  sing Y N 140 
HIS CG  CD2  doub Y N 141 
HIS ND1 CE1  doub Y N 142 
HIS ND1 HD1  sing N N 143 
HIS CD2 NE2  sing Y N 144 
HIS CD2 HD2  sing N N 145 
HIS CE1 NE2  sing Y N 146 
HIS CE1 HE1  sing N N 147 
HIS NE2 HE2  sing N N 148 
HIS OXT HXT  sing N N 149 
ILE N   CA   sing N N 150 
ILE N   H    sing N N 151 
ILE N   H2   sing N N 152 
ILE CA  C    sing N N 153 
ILE CA  CB   sing N N 154 
ILE CA  HA   sing N N 155 
ILE C   O    doub N N 156 
ILE C   OXT  sing N N 157 
ILE CB  CG1  sing N N 158 
ILE CB  CG2  sing N N 159 
ILE CB  HB   sing N N 160 
ILE CG1 CD1  sing N N 161 
ILE CG1 HG12 sing N N 162 
ILE CG1 HG13 sing N N 163 
ILE CG2 HG21 sing N N 164 
ILE CG2 HG22 sing N N 165 
ILE CG2 HG23 sing N N 166 
ILE CD1 HD11 sing N N 167 
ILE CD1 HD12 sing N N 168 
ILE CD1 HD13 sing N N 169 
ILE OXT HXT  sing N N 170 
LEU N   CA   sing N N 171 
LEU N   H    sing N N 172 
LEU N   H2   sing N N 173 
LEU CA  C    sing N N 174 
LEU CA  CB   sing N N 175 
LEU CA  HA   sing N N 176 
LEU C   O    doub N N 177 
LEU C   OXT  sing N N 178 
LEU CB  CG   sing N N 179 
LEU CB  HB2  sing N N 180 
LEU CB  HB3  sing N N 181 
LEU CG  CD1  sing N N 182 
LEU CG  CD2  sing N N 183 
LEU CG  HG   sing N N 184 
LEU CD1 HD11 sing N N 185 
LEU CD1 HD12 sing N N 186 
LEU CD1 HD13 sing N N 187 
LEU CD2 HD21 sing N N 188 
LEU CD2 HD22 sing N N 189 
LEU CD2 HD23 sing N N 190 
LEU OXT HXT  sing N N 191 
LYS N   CA   sing N N 192 
LYS N   H    sing N N 193 
LYS N   H2   sing N N 194 
LYS CA  C    sing N N 195 
LYS CA  CB   sing N N 196 
LYS CA  HA   sing N N 197 
LYS C   O    doub N N 198 
LYS C   OXT  sing N N 199 
LYS CB  CG   sing N N 200 
LYS CB  HB2  sing N N 201 
LYS CB  HB3  sing N N 202 
LYS CG  CD   sing N N 203 
LYS CG  HG2  sing N N 204 
LYS CG  HG3  sing N N 205 
LYS CD  CE   sing N N 206 
LYS CD  HD2  sing N N 207 
LYS CD  HD3  sing N N 208 
LYS CE  NZ   sing N N 209 
LYS CE  HE2  sing N N 210 
LYS CE  HE3  sing N N 211 
LYS NZ  HZ1  sing N N 212 
LYS NZ  HZ2  sing N N 213 
LYS NZ  HZ3  sing N N 214 
LYS OXT HXT  sing N N 215 
MET N   CA   sing N N 216 
MET N   H    sing N N 217 
MET N   H2   sing N N 218 
MET CA  C    sing N N 219 
MET CA  CB   sing N N 220 
MET CA  HA   sing N N 221 
MET C   O    doub N N 222 
MET C   OXT  sing N N 223 
MET CB  CG   sing N N 224 
MET CB  HB2  sing N N 225 
MET CB  HB3  sing N N 226 
MET CG  SD   sing N N 227 
MET CG  HG2  sing N N 228 
MET CG  HG3  sing N N 229 
MET SD  CE   sing N N 230 
MET CE  HE1  sing N N 231 
MET CE  HE2  sing N N 232 
MET CE  HE3  sing N N 233 
MET OXT HXT  sing N N 234 
PHE N   CA   sing N N 235 
PHE N   H    sing N N 236 
PHE N   H2   sing N N 237 
PHE CA  C    sing N N 238 
PHE CA  CB   sing N N 239 
PHE CA  HA   sing N N 240 
PHE C   O    doub N N 241 
PHE C   OXT  sing N N 242 
PHE CB  CG   sing N N 243 
PHE CB  HB2  sing N N 244 
PHE CB  HB3  sing N N 245 
PHE CG  CD1  doub Y N 246 
PHE CG  CD2  sing Y N 247 
PHE CD1 CE1  sing Y N 248 
PHE CD1 HD1  sing N N 249 
PHE CD2 CE2  doub Y N 250 
PHE CD2 HD2  sing N N 251 
PHE CE1 CZ   doub Y N 252 
PHE CE1 HE1  sing N N 253 
PHE CE2 CZ   sing Y N 254 
PHE CE2 HE2  sing N N 255 
PHE CZ  HZ   sing N N 256 
PHE OXT HXT  sing N N 257 
PRO N   CA   sing N N 258 
PRO N   CD   sing N N 259 
PRO N   H    sing N N 260 
PRO CA  C    sing N N 261 
PRO CA  CB   sing N N 262 
PRO CA  HA   sing N N 263 
PRO C   O    doub N N 264 
PRO C   OXT  sing N N 265 
PRO CB  CG   sing N N 266 
PRO CB  HB2  sing N N 267 
PRO CB  HB3  sing N N 268 
PRO CG  CD   sing N N 269 
PRO CG  HG2  sing N N 270 
PRO CG  HG3  sing N N 271 
PRO CD  HD2  sing N N 272 
PRO CD  HD3  sing N N 273 
PRO OXT HXT  sing N N 274 
SER N   CA   sing N N 275 
SER N   H    sing N N 276 
SER N   H2   sing N N 277 
SER CA  C    sing N N 278 
SER CA  CB   sing N N 279 
SER CA  HA   sing N N 280 
SER C   O    doub N N 281 
SER C   OXT  sing N N 282 
SER CB  OG   sing N N 283 
SER CB  HB2  sing N N 284 
SER CB  HB3  sing N N 285 
SER OG  HG   sing N N 286 
SER OXT HXT  sing N N 287 
THR N   CA   sing N N 288 
THR N   H    sing N N 289 
THR N   H2   sing N N 290 
THR CA  C    sing N N 291 
THR CA  CB   sing N N 292 
THR CA  HA   sing N N 293 
THR C   O    doub N N 294 
THR C   OXT  sing N N 295 
THR CB  OG1  sing N N 296 
THR CB  CG2  sing N N 297 
THR CB  HB   sing N N 298 
THR OG1 HG1  sing N N 299 
THR CG2 HG21 sing N N 300 
THR CG2 HG22 sing N N 301 
THR CG2 HG23 sing N N 302 
THR OXT HXT  sing N N 303 
TRP N   CA   sing N N 304 
TRP N   H    sing N N 305 
TRP N   H2   sing N N 306 
TRP CA  C    sing N N 307 
TRP CA  CB   sing N N 308 
TRP CA  HA   sing N N 309 
TRP C   O    doub N N 310 
TRP C   OXT  sing N N 311 
TRP CB  CG   sing N N 312 
TRP CB  HB2  sing N N 313 
TRP CB  HB3  sing N N 314 
TRP CG  CD1  doub Y N 315 
TRP CG  CD2  sing Y N 316 
TRP CD1 NE1  sing Y N 317 
TRP CD1 HD1  sing N N 318 
TRP CD2 CE2  doub Y N 319 
TRP CD2 CE3  sing Y N 320 
TRP NE1 CE2  sing Y N 321 
TRP NE1 HE1  sing N N 322 
TRP CE2 CZ2  sing Y N 323 
TRP CE3 CZ3  doub Y N 324 
TRP CE3 HE3  sing N N 325 
TRP CZ2 CH2  doub Y N 326 
TRP CZ2 HZ2  sing N N 327 
TRP CZ3 CH2  sing Y N 328 
TRP CZ3 HZ3  sing N N 329 
TRP CH2 HH2  sing N N 330 
TRP OXT HXT  sing N N 331 
TYR N   CA   sing N N 332 
TYR N   H    sing N N 333 
TYR N   H2   sing N N 334 
TYR CA  C    sing N N 335 
TYR CA  CB   sing N N 336 
TYR CA  HA   sing N N 337 
TYR C   O    doub N N 338 
TYR C   OXT  sing N N 339 
TYR CB  CG   sing N N 340 
TYR CB  HB2  sing N N 341 
TYR CB  HB3  sing N N 342 
TYR CG  CD1  doub Y N 343 
TYR CG  CD2  sing Y N 344 
TYR CD1 CE1  sing Y N 345 
TYR CD1 HD1  sing N N 346 
TYR CD2 CE2  doub Y N 347 
TYR CD2 HD2  sing N N 348 
TYR CE1 CZ   doub Y N 349 
TYR CE1 HE1  sing N N 350 
TYR CE2 CZ   sing Y N 351 
TYR CE2 HE2  sing N N 352 
TYR CZ  OH   sing N N 353 
TYR OH  HH   sing N N 354 
TYR OXT HXT  sing N N 355 
VAL N   CA   sing N N 356 
VAL N   H    sing N N 357 
VAL N   H2   sing N N 358 
VAL CA  C    sing N N 359 
VAL CA  CB   sing N N 360 
VAL CA  HA   sing N N 361 
VAL C   O    doub N N 362 
VAL C   OXT  sing N N 363 
VAL CB  CG1  sing N N 364 
VAL CB  CG2  sing N N 365 
VAL CB  HB   sing N N 366 
VAL CG1 HG11 sing N N 367 
VAL CG1 HG12 sing N N 368 
VAL CG1 HG13 sing N N 369 
VAL CG2 HG21 sing N N 370 
VAL CG2 HG22 sing N N 371 
VAL CG2 HG23 sing N N 372 
VAL OXT HXT  sing N N 373 
# 
_pdbx_audit_support.funding_organization   'Russian Science Foundation' 
_pdbx_audit_support.country                'Russian Federation' 
_pdbx_audit_support.grant_number           19-74-30026 
_pdbx_audit_support.ordinal                1 
# 
_pdbx_initial_refinement_model.id               1 
_pdbx_initial_refinement_model.entity_id_list   ? 
_pdbx_initial_refinement_model.type             'in silico model' 
_pdbx_initial_refinement_model.source_name      AlphaFold 
_pdbx_initial_refinement_model.accession_code   ? 
_pdbx_initial_refinement_model.details          ? 
# 
_atom_sites.entry_id                    9JUA 
_atom_sites.Cartn_transf_matrix[1][1]   ? 
_atom_sites.Cartn_transf_matrix[1][2]   ? 
_atom_sites.Cartn_transf_matrix[1][3]   ? 
_atom_sites.Cartn_transf_matrix[2][1]   ? 
_atom_sites.Cartn_transf_matrix[2][2]   ? 
_atom_sites.Cartn_transf_matrix[2][3]   ? 
_atom_sites.Cartn_transf_matrix[3][1]   ? 
_atom_sites.Cartn_transf_matrix[3][2]   ? 
_atom_sites.Cartn_transf_matrix[3][3]   ? 
_atom_sites.Cartn_transf_vector[1]      ? 
_atom_sites.Cartn_transf_vector[2]      ? 
_atom_sites.Cartn_transf_vector[3]      ? 
_atom_sites.Cartn_transform_axes        ? 
_atom_sites.fract_transf_matrix[1][1]   0.00031448 
_atom_sites.fract_transf_matrix[1][2]   -0.01266373 
_atom_sites.fract_transf_matrix[1][3]   0.01769139 
_atom_sites.fract_transf_matrix[2][1]   -0.00163182 
_atom_sites.fract_transf_matrix[2][2]   -0.01407967 
_atom_sites.fract_transf_matrix[2][3]   -0.01004941 
_atom_sites.fract_transf_matrix[3][1]   0.01006731 
_atom_sites.fract_transf_matrix[3][2]   -0.00069067 
_atom_sites.fract_transf_matrix[3][3]   -0.00066706 
_atom_sites.fract_transf_vector[1]      -0.246233 
_atom_sites.fract_transf_vector[2]      0.250411 
_atom_sites.fract_transf_vector[3]      0.250762 
_atom_sites.solution_primary            ? 
_atom_sites.solution_secondary          ? 
_atom_sites.solution_hydrogens          ? 
_atom_sites.special_details             ? 
# 
loop_
_atom_type.symbol 
C 
N 
O 
S 
# 
loop_
_atom_site.group_PDB 
_atom_site.id 
_atom_site.type_symbol 
_atom_site.label_atom_id 
_atom_site.label_alt_id 
_atom_site.label_comp_id 
_atom_site.label_asym_id 
_atom_site.label_entity_id 
_atom_site.label_seq_id 
_atom_site.pdbx_PDB_ins_code 
_atom_site.Cartn_x 
_atom_site.Cartn_y 
_atom_site.Cartn_z 
_atom_site.occupancy 
_atom_site.B_iso_or_equiv 
_atom_site.pdbx_formal_charge 
_atom_site.auth_seq_id 
_atom_site.auth_comp_id 
_atom_site.auth_asym_id 
_atom_site.auth_atom_id 
_atom_site.pdbx_PDB_model_num 
ATOM 1    N N   . THR A 1 18 ? -17.773 8.851   -16.446 1.00 161.62 ? 18 THR A N   1 
ATOM 2    C CA  . THR A 1 18 ? -18.392 9.969   -17.207 1.00 153.33 ? 18 THR A CA  1 
ATOM 3    C C   . THR A 1 18 ? -18.040 11.285  -16.497 1.00 134.60 ? 18 THR A C   1 
ATOM 4    O O   . THR A 1 18 ? -18.894 11.932  -15.878 1.00 143.74 ? 18 THR A O   1 
ATOM 5    C CB  . THR A 1 18 ? -19.900 9.744   -17.414 1.00 158.86 ? 18 THR A CB  1 
ATOM 6    O OG1 . THR A 1 18 ? -20.502 9.343   -16.189 1.00 172.76 ? 18 THR A OG1 1 
ATOM 7    C CG2 . THR A 1 18 ? -20.218 8.658   -18.431 1.00 149.95 ? 18 THR A CG2 1 
ATOM 8    N N   . LEU A 1 19 ? -16.762 11.688  -16.646 1.00 107.77 ? 19 LEU A N   1 
ATOM 9    C CA  . LEU A 1 19 ? -16.122 12.685  -15.792 1.00 92.15  ? 19 LEU A CA  1 
ATOM 10   C C   . LEU A 1 19 ? -16.221 14.084  -16.413 1.00 92.59  ? 19 LEU A C   1 
ATOM 11   O O   . LEU A 1 19 ? -16.091 14.244  -17.632 1.00 87.68  ? 19 LEU A O   1 
ATOM 12   C CB  . LEU A 1 19 ? -14.657 12.310  -15.545 1.00 76.76  ? 19 LEU A CB  1 
ATOM 13   N N   . ARG A 1 20 ? -16.418 15.103  -15.551 1.00 103.48 ? 20 ARG A N   1 
ATOM 14   C CA  . ARG A 1 20 ? -16.042 16.484  -15.851 1.00 95.67  ? 20 ARG A CA  1 
ATOM 15   C C   . ARG A 1 20 ? -14.502 16.553  -15.961 1.00 103.78 ? 20 ARG A C   1 
ATOM 16   O O   . ARG A 1 20 ? -13.792 16.535  -14.945 1.00 95.76  ? 20 ARG A O   1 
ATOM 17   C CB  . ARG A 1 20 ? -16.657 17.468  -14.832 1.00 92.33  ? 20 ARG A CB  1 
ATOM 18   N N   . SER A 1 21 ? -13.964 16.700  -17.194 1.00 101.06 ? 21 SER A N   1 
ATOM 19   C CA  . SER A 1 21 ? -12.517 16.724  -17.466 1.00 85.52  ? 21 SER A CA  1 
ATOM 20   C C   . SER A 1 21 ? -11.727 17.768  -16.639 1.00 67.19  ? 21 SER A C   1 
ATOM 21   O O   . SER A 1 21 ? -10.502 17.678  -16.537 1.00 78.29  ? 21 SER A O   1 
ATOM 22   C CB  . SER A 1 21 ? -12.232 16.856  -18.970 1.00 77.28  ? 21 SER A CB  1 
ATOM 23   O OG  . SER A 1 21 ? -13.344 16.516  -19.802 1.00 72.47  ? 21 SER A OG  1 
ATOM 24   N N   . GLN A 1 22 ? -12.401 18.728  -16.002 1.00 74.38  ? 22 GLN A N   1 
ATOM 25   C CA  . GLN A 1 22 ? -11.860 19.558  -14.915 1.00 73.96  ? 22 GLN A CA  1 
ATOM 26   C C   . GLN A 1 22 ? -11.299 18.737  -13.745 1.00 72.72  ? 22 GLN A C   1 
ATOM 27   O O   . GLN A 1 22 ? -10.203 19.048  -13.244 1.00 95.42  ? 22 GLN A O   1 
ATOM 28   C CB  . GLN A 1 22 ? -12.937 20.549  -14.430 1.00 77.03  ? 22 GLN A CB  1 
ATOM 29   N N   . ASP A 1 23 ? -12.078 17.726  -13.296 1.00 101.01 ? 23 ASP A N   1 
ATOM 30   C CA  . ASP A 1 23 ? -11.807 16.927  -12.102 1.00 88.51  ? 23 ASP A CA  1 
ATOM 31   C C   . ASP A 1 23 ? -10.581 16.042  -12.346 1.00 103.46 ? 23 ASP A C   1 
ATOM 32   O O   . ASP A 1 23 ? -9.674  15.988  -11.504 1.00 104.86 ? 23 ASP A O   1 
ATOM 33   C CB  . ASP A 1 23 ? -13.010 16.081  -11.680 1.00 96.16  ? 23 ASP A CB  1 
ATOM 34   C CG  . ASP A 1 23 ? -14.268 16.792  -11.171 1.00 108.98 ? 23 ASP A CG  1 
ATOM 35   O OD1 . ASP A 1 23 ? -14.104 17.780  -10.431 1.00 128.78 ? 23 ASP A OD1 1 
ATOM 36   O OD2 . ASP A 1 23 ? -15.423 16.323  -11.441 1.00 88.27  ? 23 ASP A OD2 1 
ATOM 37   N N   . LYS A 1 24 ? -10.601 15.370  -13.516 1.00 100.75 ? 24 LYS A N   1 
ATOM 38   C CA  . LYS A 1 24 ? -9.525  14.566  -14.086 1.00 87.28  ? 24 LYS A CA  1 
ATOM 39   C C   . LYS A 1 24 ? -8.161  15.243  -13.910 1.00 83.71  ? 24 LYS A C   1 
ATOM 40   O O   . LYS A 1 24 ? -7.264  14.669  -13.283 1.00 90.34  ? 24 LYS A O   1 
ATOM 41   C CB  . LYS A 1 24 ? -9.828  14.231  -15.559 1.00 89.17  ? 24 LYS A CB  1 
ATOM 42   C CG  . LYS A 1 24 ? -9.095  12.994  -16.118 1.00 91.62  ? 24 LYS A CG  1 
ATOM 43   C CD  . LYS A 1 24 ? -9.503  12.519  -17.520 1.00 78.87  ? 24 LYS A CD  1 
ATOM 44   C CE  . LYS A 1 24 ? -8.724  11.278  -17.996 1.00 97.54  ? 24 LYS A CE  1 
ATOM 45   N NZ  . LYS A 1 24 ? -8.427  11.154  -19.437 1.00 87.71  ? 24 LYS A NZ  1 
ATOM 46   N N   . ALA A 1 25 ? -8.030  16.484  -14.414 1.00 92.54  ? 25 ALA A N   1 
ATOM 47   C CA  . ALA A 1 25 ? -6.823  17.299  -14.236 1.00 65.14  ? 25 ALA A CA  1 
ATOM 48   C C   . ALA A 1 25 ? -6.406  17.373  -12.762 1.00 59.98  ? 25 ALA A C   1 
ATOM 49   O O   . ALA A 1 25 ? -5.223  17.214  -12.459 1.00 105.65 ? 25 ALA A O   1 
ATOM 50   C CB  . ALA A 1 25 ? -7.054  18.678  -14.793 1.00 76.59  ? 25 ALA A CB  1 
ATOM 51   N N   . ALA A 1 26 ? -7.393  17.526  -11.860 1.00 65.29  ? 26 ALA A N   1 
ATOM 52   C CA  . ALA A 1 26 ? -7.161  17.753  -10.437 1.00 99.02  ? 26 ALA A CA  1 
ATOM 53   C C   . ALA A 1 26 ? -6.728  16.460  -9.754  1.00 100.90 ? 26 ALA A C   1 
ATOM 54   O O   . ALA A 1 26 ? -5.702  16.473  -9.074  1.00 118.39 ? 26 ALA A O   1 
ATOM 55   C CB  . ALA A 1 26 ? -8.394  18.364  -9.773  1.00 118.46 ? 26 ALA A CB  1 
ATOM 56   N N   . LEU A 1 27 ? -7.489  15.369  -9.981  1.00 86.63  ? 27 LEU A N   1 
ATOM 57   C CA  . LEU A 1 27 ? -7.161  14.017  -9.529  1.00 79.97  ? 27 LEU A CA  1 
ATOM 58   C C   . LEU A 1 27 ? -5.736  13.612  -9.930  1.00 68.71  ? 27 LEU A C   1 
ATOM 59   O O   . LEU A 1 27 ? -5.026  12.976  -9.154  1.00 59.33  ? 27 LEU A O   1 
ATOM 60   C CB  . LEU A 1 27 ? -8.138  12.985  -10.101 1.00 76.54  ? 27 LEU A CB  1 
ATOM 61   C CG  . LEU A 1 27 ? -9.605  13.055  -9.663  1.00 79.98  ? 27 LEU A CG  1 
ATOM 62   C CD1 . LEU A 1 27 ? -10.297 11.838  -10.292 1.00 74.59  ? 27 LEU A CD1 1 
ATOM 63   C CD2 . LEU A 1 27 ? -9.902  13.125  -8.158  1.00 62.60  ? 27 LEU A CD2 1 
ATOM 64   N N   . LYS A 1 28 ? -5.345  13.952  -11.166 1.00 61.59  ? 28 LYS A N   1 
ATOM 65   C CA  . LYS A 1 28 ? -4.004  13.700  -11.654 1.00 52.32  ? 28 LYS A CA  1 
ATOM 66   C C   . LYS A 1 28 ? -2.986  14.575  -10.905 1.00 72.90  ? 28 LYS A C   1 
ATOM 67   O O   . LYS A 1 28 ? -1.932  14.067  -10.495 1.00 50.09  ? 28 LYS A O   1 
ATOM 68   C CB  . LYS A 1 28 ? -3.970  13.850  -13.184 1.00 56.44  ? 28 LYS A CB  1 
ATOM 69   C CG  . LYS A 1 28 ? -2.536  13.769  -13.792 1.00 65.60  ? 28 LYS A CG  1 
ATOM 70   C CD  . LYS A 1 28 ? -2.446  13.476  -15.297 1.00 82.66  ? 28 LYS A CD  1 
ATOM 71   C CE  . LYS A 1 28 ? -1.011  13.371  -15.781 1.00 85.25  ? 28 LYS A CE  1 
ATOM 72   N NZ  . LYS A 1 28 ? -0.928  13.267  -17.238 1.00 81.31  ? 28 LYS A NZ  1 
ATOM 73   N N   . GLU A 1 29 ? -3.294  15.869  -10.701 1.00 77.86  ? 29 GLU A N   1 
ATOM 74   C CA  . GLU A 1 29 ? -2.412  16.743  -9.921  1.00 76.14  ? 29 GLU A CA  1 
ATOM 75   C C   . GLU A 1 29 ? -2.285  16.212  -8.484  1.00 83.86  ? 29 GLU A C   1 
ATOM 76   O O   . GLU A 1 29 ? -1.165  16.200  -7.986  1.00 107.24 ? 29 GLU A O   1 
ATOM 77   C CB  . GLU A 1 29 ? -2.763  18.235  -10.034 1.00 73.06  ? 29 GLU A CB  1 
ATOM 78   N N   . LEU A 1 30 ? -3.369  15.646  -7.892  1.00 70.61  ? 30 LEU A N   1 
ATOM 79   C CA  . LEU A 1 30 ? -3.379  15.250  -6.480  1.00 86.15  ? 30 LEU A CA  1 
ATOM 80   C C   . LEU A 1 30 ? -2.537  13.990  -6.255  1.00 93.76  ? 30 LEU A C   1 
ATOM 81   O O   . LEU A 1 30 ? -1.685  13.978  -5.351  1.00 100.84 ? 30 LEU A O   1 
ATOM 82   C CB  . LEU A 1 30 ? -4.809  15.047  -5.955  1.00 94.29  ? 30 LEU A CB  1 
ATOM 83   C CG  . LEU A 1 30 ? -5.023  15.159  -4.438  1.00 88.90  ? 30 LEU A CG  1 
ATOM 84   C CD1 . LEU A 1 30 ? -4.824  16.608  -3.961  1.00 103.89 ? 30 LEU A CD1 1 
ATOM 85   C CD2 . LEU A 1 30 ? -6.407  14.660  -3.937  1.00 74.17  ? 30 LEU A CD2 1 
ATOM 86   N N   . LEU A 1 31 ? -2.763  12.955  -7.093  1.00 79.66  ? 31 LEU A N   1 
ATOM 87   C CA  . LEU A 1 31 ? -2.024  11.693  -7.044  1.00 78.18  ? 31 LEU A CA  1 
ATOM 88   C C   . LEU A 1 31 ? -0.513  11.965  -7.043  1.00 78.99  ? 31 LEU A C   1 
ATOM 89   O O   . LEU A 1 31 ? 0.186   11.498  -6.156  1.00 86.27  ? 31 LEU A O   1 
ATOM 90   C CB  . LEU A 1 31 ? -2.493  10.784  -8.189  1.00 86.31  ? 31 LEU A CB  1 
ATOM 91   C CG  . LEU A 1 31 ? -1.841  9.405   -8.363  1.00 86.47  ? 31 LEU A CG  1 
ATOM 92   C CD1 . LEU A 1 31 ? -1.858  8.533   -7.146  1.00 75.45  ? 31 LEU A CD1 1 
ATOM 93   C CD2 . LEU A 1 31 ? -2.545  8.680   -9.498  1.00 79.62  ? 31 LEU A CD2 1 
ATOM 94   N N   . HIS A 1 32 ? -0.046  12.841  -7.943  1.00 85.73  ? 32 HIS A N   1 
ATOM 95   C CA  . HIS A 1 32 ? 1.349   13.273  -8.018  1.00 96.25  ? 32 HIS A CA  1 
ATOM 96   C C   . HIS A 1 32 ? 1.885   13.902  -6.717  1.00 94.15  ? 32 HIS A C   1 
ATOM 97   O O   . HIS A 1 32 ? 3.053   13.720  -6.394  1.00 89.72  ? 32 HIS A O   1 
ATOM 98   C CB  . HIS A 1 32 ? 1.509   14.182  -9.242  1.00 97.11  ? 32 HIS A CB  1 
ATOM 99   C CG  . HIS A 1 32 ? 2.888   14.670  -9.374  1.00 106.58 ? 32 HIS A CG  1 
ATOM 100  N ND1 . HIS A 1 32 ? 3.298   15.820  -8.740  1.00 122.78 ? 32 HIS A ND1 1 
ATOM 101  C CD2 . HIS A 1 32 ? 3.959   14.136  -9.956  1.00 120.95 ? 32 HIS A CD2 1 
ATOM 102  C CE1 . HIS A 1 32 ? 4.586   15.990  -8.975  1.00 126.78 ? 32 HIS A CE1 1 
ATOM 103  N NE2 . HIS A 1 32 ? 5.002   14.983  -9.726  1.00 118.60 ? 32 HIS A NE2 1 
ATOM 104  N N   . THR A 1 33 ? 1.051   14.684  -6.025  1.00 78.43  ? 33 THR A N   1 
ATOM 105  C CA  . THR A 1 33 ? 1.406   15.385  -4.801  1.00 78.18  ? 33 THR A CA  1 
ATOM 106  C C   . THR A 1 33 ? 1.561   14.420  -3.620  1.00 87.93  ? 33 THR A C   1 
ATOM 107  O O   . THR A 1 33 ? 2.444   14.614  -2.776  1.00 95.94  ? 33 THR A O   1 
ATOM 108  C CB  . THR A 1 33 ? 0.348   16.449  -4.508  1.00 69.30  ? 33 THR A CB  1 
ATOM 109  O OG1 . THR A 1 33 ? -0.075  17.097  -5.720  1.00 77.45  ? 33 THR A OG1 1 
ATOM 110  C CG2 . THR A 1 33 ? 0.869   17.552  -3.606  1.00 95.35  ? 33 THR A CG2 1 
ATOM 111  N N   . ARG A 1 34 ? 0.637   13.454  -3.493  1.00 69.30  ? 34 ARG A N   1 
ATOM 112  C CA  . ARG A 1 34 ? 0.731   12.445  -2.446  1.00 66.57  ? 34 ARG A CA  1 
ATOM 113  C C   . ARG A 1 34 ? 1.946   11.534  -2.702  1.00 73.85  ? 34 ARG A C   1 
ATOM 114  O O   . ARG A 1 34 ? 2.677   11.200  -1.760  1.00 81.02  ? 34 ARG A O   1 
ATOM 115  C CB  . ARG A 1 34 ? -0.631  11.753  -2.294  1.00 71.72  ? 34 ARG A CB  1 
ATOM 116  C CG  . ARG A 1 34 ? -1.804  12.659  -1.908  1.00 61.76  ? 34 ARG A CG  1 
ATOM 117  C CD  . ARG A 1 34 ? -1.729  13.311  -0.503  1.00 68.49  ? 34 ARG A CD  1 
ATOM 118  N NE  . ARG A 1 34 ? -2.130  14.732  -0.524  1.00 84.47  ? 34 ARG A NE  1 
ATOM 119  C CZ  . ARG A 1 34 ? -3.146  15.367  0.112   1.00 87.19  ? 34 ARG A CZ  1 
ATOM 120  N NH1 . ARG A 1 34 ? -3.875  14.813  1.061   1.00 83.69  ? 34 ARG A NH1 1 
ATOM 121  N NH2 . ARG A 1 34 ? -3.397  16.636  -0.162  1.00 91.76  ? 34 ARG A NH2 1 
ATOM 122  N N   . LEU A 1 35 ? 2.185   11.173  -3.975  1.00 66.97  ? 35 LEU A N   1 
ATOM 123  C CA  . LEU A 1 35 ? 3.171   10.173  -4.357  1.00 60.49  ? 35 LEU A CA  1 
ATOM 124  C C   . LEU A 1 35 ? 4.591   10.702  -4.207  1.00 79.55  ? 35 LEU A C   1 
ATOM 125  O O   . LEU A 1 35 ? 5.486   9.881   -3.894  1.00 102.83 ? 35 LEU A O   1 
ATOM 126  C CB  . LEU A 1 35 ? 2.887   9.614   -5.761  1.00 61.05  ? 35 LEU A CB  1 
ATOM 127  C CG  . LEU A 1 35 ? 1.669   8.671   -5.896  1.00 55.22  ? 35 LEU A CG  1 
ATOM 128  C CD1 . LEU A 1 35 ? 1.595   8.370   -7.418  1.00 77.77  ? 35 LEU A CD1 1 
ATOM 129  C CD2 . LEU A 1 35 ? 1.630   7.356   -5.111  1.00 71.44  ? 35 LEU A CD2 1 
ATOM 130  N N   . VAL A 1 36 ? 4.773   12.031  -4.414  1.00 89.85  ? 36 VAL A N   1 
ATOM 131  C CA  . VAL A 1 36 ? 5.998   12.726  -4.021  1.00 95.24  ? 36 VAL A CA  1 
ATOM 132  C C   . VAL A 1 36 ? 6.154   12.649  -2.499  1.00 91.79  ? 36 VAL A C   1 
ATOM 133  O O   . VAL A 1 36 ? 7.096   11.996  -2.051  1.00 70.62  ? 36 VAL A O   1 
ATOM 134  C CB  . VAL A 1 36 ? 6.255   14.154  -4.563  1.00 112.46 ? 36 VAL A CB  1 
ATOM 135  C CG1 . VAL A 1 36 ? 6.536   14.137  -6.061  1.00 111.68 ? 36 VAL A CG1 1 
ATOM 136  C CG2 . VAL A 1 36 ? 5.163   15.178  -4.250  1.00 139.85 ? 36 VAL A CG2 1 
ATOM 137  N N   . GLU A 1 37 ? 5.198   13.195  -1.728  1.00 96.76  ? 37 GLU A N   1 
ATOM 138  C CA  . GLU A 1 37 ? 5.291   13.302  -0.273  1.00 96.64  ? 37 GLU A CA  1 
ATOM 139  C C   . GLU A 1 37 ? 5.694   11.974  0.354   1.00 89.79  ? 37 GLU A C   1 
ATOM 140  O O   . GLU A 1 37 ? 6.747   11.901  0.980   1.00 114.23 ? 37 GLU A O   1 
ATOM 141  C CB  . GLU A 1 37 ? 3.958   13.650  0.393   1.00 97.42  ? 37 GLU A CB  1 
ATOM 142  C CG  . GLU A 1 37 ? 3.622   15.137  0.365   1.00 105.18 ? 37 GLU A CG  1 
ATOM 143  C CD  . GLU A 1 37 ? 2.125   15.373  0.365   1.00 108.01 ? 37 GLU A CD  1 
ATOM 144  O OE1 . GLU A 1 37 ? 1.362   14.633  1.018   1.00 136.57 ? 37 GLU A OE1 1 
ATOM 145  O OE2 . GLU A 1 37 ? 1.719   16.319  -0.308  1.00 97.54  ? 37 GLU A OE2 1 
ATOM 146  N N   . CYS A 1 38 ? 4.929   10.914  0.039   1.00 67.61  ? 38 CYS A N   1 
ATOM 147  C CA  . CYS A 1 38 ? 4.924   9.688   0.826   1.00 70.18  ? 38 CYS A CA  1 
ATOM 148  C C   . CYS A 1 38 ? 6.118   8.766   0.548   1.00 82.72  ? 38 CYS A C   1 
ATOM 149  O O   . CYS A 1 38 ? 6.133   7.675   1.150   1.00 83.91  ? 38 CYS A O   1 
ATOM 150  C CB  . CYS A 1 38 ? 3.603   8.933   0.674   1.00 59.53  ? 38 CYS A CB  1 
ATOM 151  S SG  . CYS A 1 38 ? 3.572   7.916   -0.823  1.00 70.18  ? 38 CYS A SG  1 
ATOM 152  N N   . GLY A 1 39 ? 7.045   9.145   -0.374  1.00 64.80  ? 39 GLY A N   1 
ATOM 153  C CA  . GLY A 1 39 ? 8.238   8.361   -0.700  1.00 64.48  ? 39 GLY A CA  1 
ATOM 154  C C   . GLY A 1 39 ? 8.041   7.419   -1.893  1.00 79.75  ? 39 GLY A C   1 
ATOM 155  O O   . GLY A 1 39 ? 9.067   6.891   -2.361  1.00 73.48  ? 39 GLY A O   1 
ATOM 156  N N   . TRP A 1 40 ? 6.782   7.234   -2.403  1.00 77.08  ? 40 TRP A N   1 
ATOM 157  C CA  . TRP A 1 40 ? 6.499   6.422   -3.593  1.00 81.99  ? 40 TRP A CA  1 
ATOM 158  C C   . TRP A 1 40 ? 7.380   6.835   -4.776  1.00 66.66  ? 40 TRP A C   1 
ATOM 159  O O   . TRP A 1 40 ? 8.054   5.965   -5.351  1.00 82.54  ? 40 TRP A O   1 
ATOM 160  C CB  . TRP A 1 40 ? 5.007   6.460   -3.966  1.00 90.89  ? 40 TRP A CB  1 
ATOM 161  C CG  . TRP A 1 40 ? 4.556   5.488   -5.042  1.00 90.62  ? 40 TRP A CG  1 
ATOM 162  C CD1 . TRP A 1 40 ? 4.021   4.247   -4.839  1.00 85.30  ? 40 TRP A CD1 1 
ATOM 163  C CD2 . TRP A 1 40 ? 4.541   5.694   -6.482  1.00 53.43  ? 40 TRP A CD2 1 
ATOM 164  N NE1 . TRP A 1 40 ? 3.690   3.666   -6.040  1.00 80.45  ? 40 TRP A NE1 1 
ATOM 165  C CE2 . TRP A 1 40 ? 3.993   4.527   -7.061  1.00 81.48  ? 40 TRP A CE2 1 
ATOM 166  C CE3 . TRP A 1 40 ? 4.901   6.761   -7.327  1.00 81.86  ? 40 TRP A CE3 1 
ATOM 167  C CZ2 . TRP A 1 40 ? 3.822   4.395   -8.446  1.00 84.03  ? 40 TRP A CZ2 1 
ATOM 168  C CZ3 . TRP A 1 40 ? 4.738   6.625   -8.696  1.00 65.36  ? 40 TRP A CZ3 1 
ATOM 169  C CH2 . TRP A 1 40 ? 4.207   5.455   -9.247  1.00 78.57  ? 40 TRP A CH2 1 
ATOM 170  N N   . HIS A 1 41 ? 7.517   8.148   -5.004  1.00 70.17  ? 41 HIS A N   1 
ATOM 171  C CA  . HIS A 1 41 ? 8.404   8.675   -6.049  1.00 78.07  ? 41 HIS A CA  1 
ATOM 172  C C   . HIS A 1 41 ? 9.840   8.151   -5.940  1.00 83.64  ? 41 HIS A C   1 
ATOM 173  O O   . HIS A 1 41 ? 10.370  7.636   -6.934  1.00 95.90  ? 41 HIS A O   1 
ATOM 174  C CB  . HIS A 1 41 ? 8.354   10.212  -6.139  1.00 80.64  ? 41 HIS A CB  1 
ATOM 175  C CG  . HIS A 1 41 ? 7.611   10.693  -7.341  1.00 117.02 ? 41 HIS A CG  1 
ATOM 176  N ND1 . HIS A 1 41 ? 8.257   11.229  -8.446  1.00 81.60  ? 41 HIS A ND1 1 
ATOM 177  C CD2 . HIS A 1 41 ? 6.273   10.655  -7.637  1.00 134.56 ? 41 HIS A CD2 1 
ATOM 178  C CE1 . HIS A 1 41 ? 7.333   11.500  -9.381  1.00 107.84 ? 41 HIS A CE1 1 
ATOM 179  N NE2 . HIS A 1 41 ? 6.111   11.173  -8.914  1.00 95.71  ? 41 HIS A NE2 1 
ATOM 180  N N   . LYS A 1 42 ? 10.419  8.233   -4.728  1.00 85.95  ? 42 LYS A N   1 
ATOM 181  C CA  . LYS A 1 42 ? 11.789  7.796   -4.442  1.00 69.90  ? 42 LYS A CA  1 
ATOM 182  C C   . LYS A 1 42 ? 12.014  6.319   -4.717  1.00 74.06  ? 42 LYS A C   1 
ATOM 183  O O   . LYS A 1 42 ? 13.007  5.952   -5.349  1.00 79.50  ? 42 LYS A O   1 
ATOM 184  C CB  . LYS A 1 42 ? 12.234  8.010   -2.990  1.00 68.08  ? 42 LYS A CB  1 
ATOM 185  N N   . ASP A 1 43 ? 11.080  5.488   -4.243  1.00 86.96  ? 43 ASP A N   1 
ATOM 186  C CA  . ASP A 1 43 ? 11.240  4.049   -4.295  1.00 81.48  ? 43 ASP A CA  1 
ATOM 187  C C   . ASP A 1 43 ? 11.101  3.508   -5.712  1.00 80.76  ? 43 ASP A C   1 
ATOM 188  O O   . ASP A 1 43 ? 11.872  2.625   -6.082  1.00 111.99 ? 43 ASP A O   1 
ATOM 189  C CB  . ASP A 1 43 ? 10.305  3.400   -3.295  1.00 88.71  ? 43 ASP A CB  1 
ATOM 190  C CG  . ASP A 1 43 ? 10.669  3.620   -1.837  1.00 80.44  ? 43 ASP A CG  1 
ATOM 191  O OD1 . ASP A 1 43 ? 11.739  4.227   -1.525  1.00 102.77 ? 43 ASP A OD1 1 
ATOM 192  O OD2 . ASP A 1 43 ? 9.909   3.113   -1.003  1.00 80.63  ? 43 ASP A OD2 1 
ATOM 193  N N   . ILE A 1 44 ? 10.190  4.071   -6.510  1.00 80.75  ? 44 ILE A N   1 
ATOM 194  C CA  . ILE A 1 44 ? 10.066  3.671   -7.898  1.00 75.28  ? 44 ILE A CA  1 
ATOM 195  C C   . ILE A 1 44 ? 11.360  3.991   -8.677  1.00 66.61  ? 44 ILE A C   1 
ATOM 196  O O   . ILE A 1 44 ? 11.818  3.126   -9.423  1.00 92.37  ? 44 ILE A O   1 
ATOM 197  C CB  . ILE A 1 44 ? 8.756   4.197   -8.531  1.00 76.63  ? 44 ILE A CB  1 
ATOM 198  C CG1 . ILE A 1 44 ? 7.480   3.702   -7.786  1.00 72.73  ? 44 ILE A CG1 1 
ATOM 199  C CG2 . ILE A 1 44 ? 8.668   3.818   -10.025 1.00 76.07  ? 44 ILE A CG2 1 
ATOM 200  C CD1 . ILE A 1 44 ? 7.136   2.235   -7.998  1.00 90.06  ? 44 ILE A CD1 1 
ATOM 201  N N   . LYS A 1 45 ? 12.021  5.127   -8.435  1.00 68.94  ? 45 LYS A N   1 
ATOM 202  C CA  . LYS A 1 45 ? 13.289  5.485   -9.105  1.00 62.43  ? 45 LYS A CA  1 
ATOM 203  C C   . LYS A 1 45 ? 14.474  4.613   -8.642  1.00 71.23  ? 45 LYS A C   1 
ATOM 204  O O   . LYS A 1 45 ? 15.306  4.218   -9.476  1.00 81.71  ? 45 LYS A O   1 
ATOM 205  C CB  . LYS A 1 45 ? 13.581  6.992   -9.029  1.00 60.62  ? 45 LYS A CB  1 
ATOM 206  N N   . GLU A 1 46 ? 14.522  4.246   -7.344  1.00 90.73  ? 46 GLU A N   1 
ATOM 207  C CA  . GLU A 1 46 ? 15.387  3.162   -6.862  1.00 91.27  ? 46 GLU A CA  1 
ATOM 208  C C   . GLU A 1 46 ? 15.228  1.905   -7.733  1.00 99.67  ? 46 GLU A C   1 
ATOM 209  O O   . GLU A 1 46 ? 16.217  1.382   -8.236  1.00 101.30 ? 46 GLU A O   1 
ATOM 210  C CB  . GLU A 1 46 ? 15.110  2.764   -5.404  1.00 110.92 ? 46 GLU A CB  1 
ATOM 211  C CG  . GLU A 1 46 ? 16.171  3.141   -4.373  1.00 113.27 ? 46 GLU A CG  1 
ATOM 212  C CD  . GLU A 1 46 ? 15.658  2.990   -2.947  1.00 114.35 ? 46 GLU A CD  1 
ATOM 213  O OE1 . GLU A 1 46 ? 15.063  1.932   -2.628  1.00 94.94  ? 46 GLU A OE1 1 
ATOM 214  O OE2 . GLU A 1 46 ? 15.831  3.946   -2.154  1.00 123.34 ? 46 GLU A OE2 1 
ATOM 215  N N   . MET A 1 47 ? 13.969  1.471   -7.919  1.00 91.63  ? 47 MET A N   1 
ATOM 216  C CA  . MET A 1 47 ? 13.641  0.174   -8.500  1.00 95.67  ? 47 MET A CA  1 
ATOM 217  C C   . MET A 1 47 ? 14.182  0.140   -9.926  1.00 80.33  ? 47 MET A C   1 
ATOM 218  O O   . MET A 1 47 ? 15.006  -0.730  -10.239 1.00 98.47  ? 47 MET A O   1 
ATOM 219  C CB  . MET A 1 47 ? 12.121  -0.059  -8.443  1.00 98.80  ? 47 MET A CB  1 
ATOM 220  C CG  . MET A 1 47 ? 11.662  -1.474  -8.710  1.00 102.48 ? 47 MET A CG  1 
ATOM 221  S SD  . MET A 1 47 ? 10.027  -1.891  -8.043  1.00 97.04  ? 47 MET A SD  1 
ATOM 222  C CE  . MET A 1 47 ? 9.066   -0.901  -9.190  1.00 84.17  ? 47 MET A CE  1 
ATOM 223  N N   . ILE A 1 48 ? 13.853  1.199   -10.694 1.00 95.64  ? 48 ILE A N   1 
ATOM 224  C CA  . ILE A 1 48 ? 14.259  1.354   -12.093 1.00 101.73 ? 48 ILE A CA  1 
ATOM 225  C C   . ILE A 1 48 ? 15.784  1.345   -12.185 1.00 123.47 ? 48 ILE A C   1 
ATOM 226  O O   . ILE A 1 48 ? 16.335  0.514   -12.907 1.00 115.40 ? 48 ILE A O   1 
ATOM 227  C CB  . ILE A 1 48 ? 13.672  2.624   -12.756 1.00 82.74  ? 48 ILE A CB  1 
ATOM 228  C CG1 . ILE A 1 48 ? 12.112  2.620   -12.799 1.00 66.82  ? 48 ILE A CG1 1 
ATOM 229  C CG2 . ILE A 1 48 ? 14.246  2.865   -14.164 1.00 86.01  ? 48 ILE A CG2 1 
ATOM 230  C CD1 . ILE A 1 48 ? 11.484  3.996   -13.088 1.00 58.36  ? 48 ILE A CD1 1 
ATOM 231  N N   . ARG A 1 49 ? 16.441  2.251   -11.440 1.00 134.42 ? 49 ARG A N   1 
ATOM 232  C CA  . ARG A 1 49 ? 17.899  2.330   -11.428 1.00 111.77 ? 49 ARG A CA  1 
ATOM 233  C C   . ARG A 1 49 ? 18.517  0.962   -11.102 1.00 109.26 ? 49 ARG A C   1 
ATOM 234  O O   . ARG A 1 49 ? 19.457  0.566   -11.784 1.00 72.86  ? 49 ARG A O   1 
ATOM 235  C CB  . ARG A 1 49 ? 18.353  3.448   -10.484 1.00 125.97 ? 49 ARG A CB  1 
ATOM 236  C CG  . ARG A 1 49 ? 19.854  3.678   -10.348 1.00 145.26 ? 49 ARG A CG  1 
ATOM 237  C CD  . ARG A 1 49 ? 20.187  4.718   -9.273  1.00 161.36 ? 49 ARG A CD  1 
ATOM 238  N NE  . ARG A 1 49 ? 19.539  4.522   -7.964  1.00 161.62 ? 49 ARG A NE  1 
ATOM 239  C CZ  . ARG A 1 49 ? 19.675  3.478   -7.120  1.00 138.86 ? 49 ARG A CZ  1 
ATOM 240  N NH1 . ARG A 1 49 ? 20.495  2.476   -7.398  1.00 147.29 ? 49 ARG A NH1 1 
ATOM 241  N NH2 . ARG A 1 49 ? 19.011  3.439   -5.968  1.00 107.47 ? 49 ARG A NH2 1 
ATOM 242  N N   . ASN A 1 50 ? 17.956  0.236   -10.112 1.00 103.05 ? 50 ASN A N   1 
ATOM 243  C CA  . ASN A 1 50 ? 18.462  -1.060  -9.677  1.00 94.48  ? 50 ASN A CA  1 
ATOM 244  C C   . ASN A 1 50 ? 18.254  -2.124  -10.764 1.00 105.72 ? 50 ASN A C   1 
ATOM 245  O O   . ASN A 1 50 ? 19.176  -2.913  -11.006 1.00 124.37 ? 50 ASN A O   1 
ATOM 246  C CB  . ASN A 1 50 ? 17.876  -1.448  -8.317  1.00 110.77 ? 50 ASN A CB  1 
ATOM 247  C CG  . ASN A 1 50 ? 18.011  -2.922  -8.005  1.00 121.38 ? 50 ASN A CG  1 
ATOM 248  O OD1 . ASN A 1 50 ? 19.117  -3.406  -7.747  1.00 143.56 ? 50 ASN A OD1 1 
ATOM 249  N ND2 . ASN A 1 50 ? 16.912  -3.659  -8.078  1.00 106.89 ? 50 ASN A ND2 1 
ATOM 250  N N   . ILE A 1 51 ? 17.042  -2.180  -11.345 1.00 100.64 ? 51 ILE A N   1 
ATOM 251  C CA  . ILE A 1 51 ? 16.743  -3.103  -12.440 1.00 99.76  ? 51 ILE A CA  1 
ATOM 252  C C   . ILE A 1 51 ? 17.700  -2.855  -13.614 1.00 97.22  ? 51 ILE A C   1 
ATOM 253  O O   . ILE A 1 51 ? 18.383  -3.794  -14.014 1.00 66.15  ? 51 ILE A O   1 
ATOM 254  C CB  . ILE A 1 51 ? 15.262  -3.070  -12.874 1.00 99.46  ? 51 ILE A CB  1 
ATOM 255  N N   . ILE A 1 52 ? 17.827  -1.589  -14.079 1.00 107.91 ? 52 ILE A N   1 
ATOM 256  C CA  . ILE A 1 52 ? 18.659  -1.249  -15.235 1.00 94.84  ? 52 ILE A CA  1 
ATOM 257  C C   . ILE A 1 52 ? 20.124  -1.609  -14.953 1.00 112.83 ? 52 ILE A C   1 
ATOM 258  O O   . ILE A 1 52 ? 20.758  -2.233  -15.819 1.00 137.32 ? 52 ILE A O   1 
ATOM 259  C CB  . ILE A 1 52 ? 18.557  0.226   -15.684 1.00 84.40  ? 52 ILE A CB  1 
ATOM 260  C CG1 . ILE A 1 52 ? 17.132  0.658   -16.067 1.00 98.91  ? 52 ILE A CG1 1 
ATOM 261  C CG2 . ILE A 1 52 ? 19.501  0.502   -16.871 1.00 83.66  ? 52 ILE A CG2 1 
ATOM 262  C CD1 . ILE A 1 52 ? 16.908  2.166   -16.031 1.00 86.46  ? 52 ILE A CD1 1 
ATOM 263  N N   . MET A 1 53 ? 20.622  -1.254  -13.748 1.00 75.22  ? 53 MET A N   1 
ATOM 264  C CA  . MET A 1 53 ? 22.000  -1.553  -13.360 1.00 86.21  ? 53 MET A CA  1 
ATOM 265  C C   . MET A 1 53 ? 22.326  -3.042  -13.510 1.00 97.36  ? 53 MET A C   1 
ATOM 266  O O   . MET A 1 53 ? 23.371  -3.331  -14.079 1.00 118.63 ? 53 MET A O   1 
ATOM 267  C CB  . MET A 1 53 ? 22.385  -1.103  -11.943 1.00 62.62  ? 53 MET A CB  1 
ATOM 268  N N   . GLU A 1 54 ? 21.410  -3.947  -13.105 1.00 104.59 ? 54 GLU A N   1 
ATOM 269  C CA  . GLU A 1 54 ? 21.597  -5.387  -13.283 1.00 96.52  ? 54 GLU A CA  1 
ATOM 270  C C   . GLU A 1 54 ? 21.361  -5.878  -14.722 1.00 99.23  ? 54 GLU A C   1 
ATOM 271  O O   . GLU A 1 54 ? 21.976  -6.870  -15.089 1.00 84.96  ? 54 GLU A O   1 
ATOM 272  C CB  . GLU A 1 54 ? 20.854  -6.224  -12.247 1.00 111.34 ? 54 GLU A CB  1 
ATOM 273  C CG  . GLU A 1 54 ? 19.332  -6.165  -12.298 1.00 126.86 ? 54 GLU A CG  1 
ATOM 274  C CD  . GLU A 1 54 ? 18.684  -7.202  -11.397 1.00 141.96 ? 54 GLU A CD  1 
ATOM 275  O OE1 . GLU A 1 54 ? 17.945  -6.806  -10.475 1.00 142.80 ? 54 GLU A OE1 1 
ATOM 276  O OE2 . GLU A 1 54 ? 18.935  -8.407  -11.616 1.00 161.28 ? 54 GLU A OE2 1 
ATOM 277  N N   . ARG A 1 55 ? 20.533  -5.186  -15.535 1.00 111.59 ? 55 ARG A N   1 
ATOM 278  C CA  . ARG A 1 55 ? 20.148  -5.615  -16.888 1.00 129.67 ? 55 ARG A CA  1 
ATOM 279  C C   . ARG A 1 55 ? 21.189  -5.264  -17.966 1.00 133.27 ? 55 ARG A C   1 
ATOM 280  O O   . ARG A 1 55 ? 21.568  -6.148  -18.738 1.00 142.85 ? 55 ARG A O   1 
ATOM 281  C CB  . ARG A 1 55 ? 18.788  -5.078  -17.386 1.00 115.31 ? 55 ARG A CB  1 
ATOM 282  N N   . GLY A 1 56 ? 21.675  -4.007  -17.992 1.00 127.79 ? 56 GLY A N   1 
ATOM 283  C CA  . GLY A 1 56 ? 22.204  -3.360  -19.189 1.00 126.27 ? 56 GLY A CA  1 
ATOM 284  C C   . GLY A 1 56 ? 21.097  -2.580  -19.904 1.00 125.46 ? 56 GLY A C   1 
ATOM 285  O O   . GLY A 1 56 ? 19.997  -3.103  -20.015 1.00 142.78 ? 56 GLY A O   1 
ATOM 286  N N   . VAL A 1 57 ? 21.399  -1.349  -20.359 1.00 116.77 ? 57 VAL A N   1 
ATOM 287  C CA  . VAL A 1 57 ? 20.456  -0.390  -20.929 1.00 110.70 ? 57 VAL A CA  1 
ATOM 288  C C   . VAL A 1 57 ? 20.072  -0.834  -22.349 1.00 125.74 ? 57 VAL A C   1 
ATOM 289  O O   . VAL A 1 57 ? 18.882  -0.993  -22.638 1.00 106.77 ? 57 VAL A O   1 
ATOM 290  C CB  . VAL A 1 57 ? 21.030  1.053   -20.924 1.00 122.29 ? 57 VAL A CB  1 
ATOM 291  C CG1 . VAL A 1 57 ? 20.160  2.055   -21.693 1.00 122.41 ? 57 VAL A CG1 1 
ATOM 292  C CG2 . VAL A 1 57 ? 21.325  1.587   -19.519 1.00 129.15 ? 57 VAL A CG2 1 
ATOM 293  N N   . ASP A 1 58 ? 21.073  -0.996  -23.239 1.00 146.57 ? 58 ASP A N   1 
ATOM 294  C CA  . ASP A 1 58 ? 20.862  -1.541  -24.581 1.00 143.31 ? 58 ASP A CA  1 
ATOM 295  C C   . ASP A 1 58 ? 20.262  -2.956  -24.514 1.00 131.52 ? 58 ASP A C   1 
ATOM 296  O O   . ASP A 1 58 ? 19.466  -3.298  -25.387 1.00 94.00  ? 58 ASP A O   1 
ATOM 297  C CB  . ASP A 1 58 ? 22.129  -1.479  -25.431 1.00 146.58 ? 58 ASP A CB  1 
ATOM 298  C CG  . ASP A 1 58 ? 23.171  -2.557  -25.153 1.00 138.18 ? 58 ASP A CG  1 
ATOM 299  O OD1 . ASP A 1 58 ? 23.481  -2.752  -23.980 1.00 132.88 ? 58 ASP A OD1 1 
ATOM 300  O OD2 . ASP A 1 58 ? 23.615  -3.236  -26.101 1.00 133.56 ? 58 ASP A OD2 1 
ATOM 301  N N   . ASN A 1 59 ? 20.691  -3.755  -23.507 1.00 130.29 ? 59 ASN A N   1 
ATOM 302  C CA  . ASN A 1 59 ? 20.200  -5.096  -23.200 1.00 144.41 ? 59 ASN A CA  1 
ATOM 303  C C   . ASN A 1 59 ? 18.680  -5.131  -22.955 1.00 137.72 ? 59 ASN A C   1 
ATOM 304  O O   . ASN A 1 59 ? 18.034  -6.053  -23.451 1.00 143.55 ? 59 ASN A O   1 
ATOM 305  C CB  . ASN A 1 59 ? 21.031  -5.704  -22.065 1.00 137.84 ? 59 ASN A CB  1 
ATOM 306  C CG  . ASN A 1 59 ? 20.685  -7.137  -21.758 1.00 133.80 ? 59 ASN A CG  1 
ATOM 307  O OD1 . ASN A 1 59 ? 21.194  -8.051  -22.410 1.00 141.80 ? 59 ASN A OD1 1 
ATOM 308  N ND2 . ASN A 1 59 ? 19.858  -7.349  -20.747 1.00 150.87 ? 59 ASN A ND2 1 
ATOM 309  N N   . ILE A 1 60 ? 18.112  -4.123  -22.253 1.00 135.51 ? 60 ILE A N   1 
ATOM 310  C CA  . ILE A 1 60 ? 16.676  -4.040  -21.932 1.00 133.86 ? 60 ILE A CA  1 
ATOM 311  C C   . ILE A 1 60 ? 15.834  -3.815  -23.202 1.00 113.99 ? 60 ILE A C   1 
ATOM 312  O O   . ILE A 1 60 ? 16.387  -3.446  -24.235 1.00 121.08 ? 60 ILE A O   1 
ATOM 313  C CB  . ILE A 1 60 ? 16.411  -2.970  -20.844 1.00 105.00 ? 60 ILE A CB  1 
ATOM 314  N N   . ASN A 1 61 ? 14.496  -4.051  -23.122 1.00 139.47 ? 61 ASN A N   1 
ATOM 315  C CA  . ASN A 1 61 ? 13.565  -4.077  -24.254 1.00 132.62 ? 61 ASN A CA  1 
ATOM 316  C C   . ASN A 1 61 ? 12.291  -3.268  -23.925 1.00 127.86 ? 61 ASN A C   1 
ATOM 317  O O   . ASN A 1 61 ? 11.182  -3.739  -24.184 1.00 104.40 ? 61 ASN A O   1 
ATOM 318  C CB  . ASN A 1 61 ? 13.380  -5.534  -24.679 1.00 114.82 ? 61 ASN A CB  1 
ATOM 319  N N   . ARG A 1 62 ? 12.509  -1.986  -23.534 1.00 132.77 ? 62 ARG A N   1 
ATOM 320  C CA  . ARG A 1 62 ? 11.663  -1.111  -22.704 1.00 135.86 ? 62 ARG A CA  1 
ATOM 321  C C   . ARG A 1 62 ? 10.161  -1.230  -22.984 1.00 133.40 ? 62 ARG A C   1 
ATOM 322  O O   . ARG A 1 62 ? 9.748   -1.263  -24.141 1.00 162.71 ? 62 ARG A O   1 
ATOM 323  C CB  . ARG A 1 62 ? 12.086  0.365   -22.837 1.00 132.65 ? 62 ARG A CB  1 
ATOM 324  C CG  . ARG A 1 62 ? 11.270  1.455   -22.138 1.00 126.19 ? 62 ARG A CG  1 
ATOM 325  C CD  . ARG A 1 62 ? 10.082  2.011   -22.942 1.00 120.01 ? 62 ARG A CD  1 
ATOM 326  N NE  . ARG A 1 62 ? 8.837   2.081   -22.159 1.00 119.65 ? 62 ARG A NE  1 
ATOM 327  C CZ  . ARG A 1 62 ? 7.932   3.063   -22.151 1.00 124.31 ? 62 ARG A CZ  1 
ATOM 328  N NH1 . ARG A 1 62 ? 6.970   3.085   -21.244 1.00 117.06 ? 62 ARG A NH1 1 
ATOM 329  N NH2 . ARG A 1 62 ? 7.979   4.053   -23.025 1.00 132.11 ? 62 ARG A NH2 1 
ATOM 330  N N   . ASP A 1 63 ? 9.371   -1.225  -21.900 1.00 123.53 ? 63 ASP A N   1 
ATOM 331  C CA  . ASP A 1 63 ? 8.028   -1.783  -21.824 1.00 117.13 ? 63 ASP A CA  1 
ATOM 332  C C   . ASP A 1 63 ? 8.113   -3.292  -21.571 1.00 115.05 ? 63 ASP A C   1 
ATOM 333  O O   . ASP A 1 63 ? 7.251   -3.767  -20.845 1.00 94.46  ? 63 ASP A O   1 
ATOM 334  C CB  . ASP A 1 63 ? 7.050   -1.286  -22.890 1.00 121.36 ? 63 ASP A CB  1 
ATOM 335  C CG  . ASP A 1 63 ? 5.579   -1.267  -22.476 1.00 124.12 ? 63 ASP A CG  1 
ATOM 336  O OD1 . ASP A 1 63 ? 5.248   -0.525  -21.524 1.00 134.09 ? 63 ASP A OD1 1 
ATOM 337  O OD2 . ASP A 1 63 ? 4.770   -2.020  -23.070 1.00 112.46 ? 63 ASP A OD2 1 
ATOM 338  N N   . GLN A 1 64 ? 9.204   -4.016  -21.947 1.00 106.01 ? 64 GLN A N   1 
ATOM 339  C CA  . GLN A 1 64 ? 9.598   -5.246  -21.246 1.00 90.01  ? 64 GLN A CA  1 
ATOM 340  C C   . GLN A 1 64 ? 10.015  -4.960  -19.781 1.00 104.21 ? 64 GLN A C   1 
ATOM 341  O O   . GLN A 1 64 ? 10.659  -5.815  -19.153 1.00 81.11  ? 64 GLN A O   1 
ATOM 342  C CB  . GLN A 1 64 ? 10.615  -6.067  -22.052 1.00 71.35  ? 64 GLN A CB  1 
ATOM 343  N N   . LEU A 1 65 ? 9.489   -3.871  -19.162 1.00 94.54  ? 65 LEU A N   1 
ATOM 344  C CA  . LEU A 1 65 ? 10.207  -3.038  -18.197 1.00 112.99 ? 65 LEU A CA  1 
ATOM 345  C C   . LEU A 1 65 ? 9.206   -2.196  -17.396 1.00 112.15 ? 65 LEU A C   1 
ATOM 346  O O   . LEU A 1 65 ? 9.092   -2.399  -16.190 1.00 104.29 ? 65 LEU A O   1 
ATOM 347  C CB  . LEU A 1 65 ? 11.307  -2.165  -18.814 1.00 130.63 ? 65 LEU A CB  1 
ATOM 348  N N   . ALA A 1 66 ? 8.439   -1.297  -18.051 1.00 110.89 ? 66 ALA A N   1 
ATOM 349  C CA  . ALA A 1 66 ? 7.281   -0.660  -17.409 1.00 110.52 ? 66 ALA A CA  1 
ATOM 350  C C   . ALA A 1 66 ? 6.125   -1.651  -17.190 1.00 110.80 ? 66 ALA A C   1 
ATOM 351  O O   . ALA A 1 66 ? 5.333   -1.441  -16.264 1.00 85.59  ? 66 ALA A O   1 
ATOM 352  C CB  . ALA A 1 66 ? 6.813   0.552   -18.182 1.00 100.12 ? 66 ALA A CB  1 
ATOM 353  N N   . ALA A 1 67 ? 6.012   -2.690  -18.055 1.00 91.87  ? 67 ALA A N   1 
ATOM 354  C CA  . ALA A 1 67 ? 5.116   -3.831  -17.849 1.00 74.03  ? 67 ALA A CA  1 
ATOM 355  C C   . ALA A 1 67 ? 5.470   -4.665  -16.612 1.00 88.08  ? 67 ALA A C   1 
ATOM 356  O O   . ALA A 1 67 ? 4.568   -5.086  -15.897 1.00 99.98  ? 67 ALA A O   1 
ATOM 357  C CB  . ALA A 1 67 ? 5.078   -4.759  -19.083 1.00 63.02  ? 67 ALA A CB  1 
ATOM 358  N N   . GLN A 1 68 ? 6.761   -4.974  -16.436 1.00 91.76  ? 68 GLN A N   1 
ATOM 359  C CA  . GLN A 1 68 ? 7.278   -5.881  -15.411 1.00 98.10  ? 68 GLN A CA  1 
ATOM 360  C C   . GLN A 1 68 ? 7.017   -5.395  -13.987 1.00 80.32  ? 68 GLN A C   1 
ATOM 361  O O   . GLN A 1 68 ? 6.767   -6.217  -13.105 1.00 90.28  ? 68 GLN A O   1 
ATOM 362  C CB  . GLN A 1 68 ? 8.787   -5.971  -15.643 1.00 88.75  ? 68 GLN A CB  1 
ATOM 363  C CG  . GLN A 1 68 ? 9.559   -6.861  -14.685 1.00 96.82  ? 68 GLN A CG  1 
ATOM 364  C CD  . GLN A 1 68 ? 10.911  -7.202  -15.278 1.00 101.16 ? 68 GLN A CD  1 
ATOM 365  O OE1 . GLN A 1 68 ? 11.817  -6.355  -15.329 1.00 76.04  ? 68 GLN A OE1 1 
ATOM 366  N NE2 . GLN A 1 68 ? 11.008  -8.418  -15.806 1.00 113.33 ? 68 GLN A NE2 1 
ATOM 367  N N   . ILE A 1 69 ? 7.149   -4.080  -13.778 1.00 68.97  ? 69 ILE A N   1 
ATOM 368  C CA  . ILE A 1 69 ? 7.108   -3.436  -12.473 1.00 86.12  ? 69 ILE A CA  1 
ATOM 369  C C   . ILE A 1 69 ? 5.732   -2.865  -12.112 1.00 96.90  ? 69 ILE A C   1 
ATOM 370  O O   . ILE A 1 69 ? 5.614   -2.262  -11.047 1.00 108.06 ? 69 ILE A O   1 
ATOM 371  C CB  . ILE A 1 69 ? 8.188   -2.340  -12.407 1.00 83.65  ? 69 ILE A CB  1 
ATOM 372  C CG1 . ILE A 1 69 ? 7.883   -1.060  -13.230 1.00 83.17  ? 69 ILE A CG1 1 
ATOM 373  C CG2 . ILE A 1 69 ? 9.570   -2.932  -12.732 1.00 89.82  ? 69 ILE A CG2 1 
ATOM 374  C CD1 . ILE A 1 69 ? 8.871   0.073   -12.964 1.00 83.37  ? 69 ILE A CD1 1 
ATOM 375  N N   . VAL A 1 70 ? 4.748   -2.915  -13.023 1.00 89.18  ? 70 VAL A N   1 
ATOM 376  C CA  . VAL A 1 70 ? 3.431   -2.315  -12.808 1.00 91.30  ? 70 VAL A CA  1 
ATOM 377  C C   . VAL A 1 70 ? 2.726   -3.001  -11.628 1.00 99.81  ? 70 VAL A C   1 
ATOM 378  O O   . VAL A 1 70 ? 2.126   -2.285  -10.830 1.00 105.38 ? 70 VAL A O   1 
ATOM 379  C CB  . VAL A 1 70 ? 2.585   -2.247  -14.113 1.00 91.58  ? 70 VAL A CB  1 
ATOM 380  C CG1 . VAL A 1 70 ? 1.124   -2.677  -13.962 1.00 107.27 ? 70 VAL A CG1 1 
ATOM 381  C CG2 . VAL A 1 70 ? 2.658   -0.888  -14.830 1.00 68.94  ? 70 VAL A CG2 1 
ATOM 382  N N   . PRO A 1 71 ? 2.732   -4.354  -11.484 1.00 94.02  ? 71 PRO A N   1 
ATOM 383  C CA  . PRO A 1 71 ? 2.312   -5.012  -10.251 1.00 92.40  ? 71 PRO A CA  1 
ATOM 384  C C   . PRO A 1 71 ? 2.955   -4.466  -8.976  1.00 90.38  ? 71 PRO A C   1 
ATOM 385  O O   . PRO A 1 71 ? 2.233   -4.132  -8.040  1.00 110.65 ? 71 PRO A O   1 
ATOM 386  C CB  . PRO A 1 71 ? 2.612   -6.507  -10.504 1.00 94.15  ? 71 PRO A CB  1 
ATOM 387  C CG  . PRO A 1 71 ? 3.484   -6.508  -11.738 1.00 106.75 ? 71 PRO A CG  1 
ATOM 388  C CD  . PRO A 1 71 ? 2.945   -5.373  -12.527 1.00 111.71 ? 71 PRO A CD  1 
ATOM 389  N N   . GLN A 1 72 ? 4.290   -4.338  -8.949  1.00 88.46  ? 72 GLN A N   1 
ATOM 390  C CA  . GLN A 1 72 ? 4.994   -3.918  -7.739  1.00 76.86  ? 72 GLN A CA  1 
ATOM 391  C C   . GLN A 1 72 ? 4.586   -2.497  -7.328  1.00 75.91  ? 72 GLN A C   1 
ATOM 392  O O   . GLN A 1 72 ? 4.304   -2.282  -6.146  1.00 111.89 ? 72 GLN A O   1 
ATOM 393  C CB  . GLN A 1 72 ? 6.515   -4.105  -7.832  1.00 96.17  ? 72 GLN A CB  1 
ATOM 394  C CG  . GLN A 1 72 ? 7.021   -5.549  -7.735  1.00 79.22  ? 72 GLN A CG  1 
ATOM 395  C CD  . GLN A 1 72 ? 6.929   -6.353  -9.017  1.00 100.75 ? 72 GLN A CD  1 
ATOM 396  O OE1 . GLN A 1 72 ? 6.260   -5.973  -9.992  1.00 109.68 ? 72 GLN A OE1 1 
ATOM 397  N NE2 . GLN A 1 72 ? 7.599   -7.496  -9.007  1.00 120.72 ? 72 GLN A NE2 1 
ATOM 398  N N   . ALA A 1 73 ? 4.468   -1.567  -8.298  1.00 71.75  ? 73 ALA A N   1 
ATOM 399  C CA  . ALA A 1 73 ? 4.182   -0.151  -8.055  1.00 53.01  ? 73 ALA A CA  1 
ATOM 400  C C   . ALA A 1 73 ? 2.803   0.126   -7.489  1.00 63.17  ? 73 ALA A C   1 
ATOM 401  O O   . ALA A 1 73 ? 2.658   1.140   -6.804  1.00 48.01  ? 73 ALA A O   1 
ATOM 402  C CB  . ALA A 1 73 ? 4.334   0.649   -9.334  1.00 59.48  ? 73 ALA A CB  1 
ATOM 403  N N   . ARG A 1 74 ? 1.793   -0.680  -7.853  1.00 62.80  ? 74 ARG A N   1 
ATOM 404  C CA  . ARG A 1 74 ? 0.451   -0.475  -7.319  1.00 79.35  ? 74 ARG A CA  1 
ATOM 405  C C   . ARG A 1 74 ? 0.359   -0.865  -5.842  1.00 83.83  ? 74 ARG A C   1 
ATOM 406  O O   . ARG A 1 74 ? -0.407  -0.287  -5.068  1.00 84.26  ? 74 ARG A O   1 
ATOM 407  C CB  . ARG A 1 74 ? -0.576  -1.254  -8.142  1.00 85.37  ? 74 ARG A CB  1 
ATOM 408  C CG  . ARG A 1 74 ? -0.559  -0.874  -9.615  1.00 94.88  ? 74 ARG A CG  1 
ATOM 409  C CD  . ARG A 1 74 ? -1.921  -0.994  -10.256 1.00 122.24 ? 74 ARG A CD  1 
ATOM 410  N NE  . ARG A 1 74 ? -1.753  -1.137  -11.708 1.00 128.19 ? 74 ARG A NE  1 
ATOM 411  C CZ  . ARG A 1 74 ? -2.083  -2.199  -12.440 1.00 118.21 ? 74 ARG A CZ  1 
ATOM 412  N NH1 . ARG A 1 74 ? -2.419  -3.345  -11.872 1.00 137.60 ? 74 ARG A NH1 1 
ATOM 413  N NH2 . ARG A 1 74 ? -2.064  -2.117  -13.758 1.00 127.68 ? 74 ARG A NH2 1 
ATOM 414  N N   . ALA A 1 75 ? 1.112   -1.908  -5.502  1.00 71.42  ? 75 ALA A N   1 
ATOM 415  C CA  . ALA A 1 75 ? 1.139   -2.541  -4.202  1.00 50.83  ? 75 ALA A CA  1 
ATOM 416  C C   . ALA A 1 75 ? 2.089   -1.844  -3.226  1.00 58.26  ? 75 ALA A C   1 
ATOM 417  O O   . ALA A 1 75 ? 1.891   -1.970  -2.027  1.00 87.50  ? 75 ALA A O   1 
ATOM 418  C CB  . ALA A 1 75 ? 1.567   -4.007  -4.437  1.00 61.91  ? 75 ALA A CB  1 
ATOM 419  N N   . LEU A 1 76 ? 3.095   -1.085  -3.710  1.00 66.62  ? 76 LEU A N   1 
ATOM 420  C CA  . LEU A 1 76 ? 3.825   -0.104  -2.883  1.00 58.14  ? 76 LEU A CA  1 
ATOM 421  C C   . LEU A 1 76 ? 2.995   1.104   -2.386  1.00 91.15  ? 76 LEU A C   1 
ATOM 422  O O   . LEU A 1 76 ? 3.583   1.894   -1.648  1.00 109.61 ? 76 LEU A O   1 
ATOM 423  C CB  . LEU A 1 76 ? 5.074   0.378   -3.655  1.00 70.77  ? 76 LEU A CB  1 
ATOM 424  C CG  . LEU A 1 76 ? 6.434   -0.298  -3.409  1.00 75.44  ? 76 LEU A CG  1 
ATOM 425  C CD1 . LEU A 1 76 ? 6.439   -1.713  -2.858  1.00 88.84  ? 76 LEU A CD1 1 
ATOM 426  C CD2 . LEU A 1 76 ? 7.234   -0.269  -4.704  1.00 59.19  ? 76 LEU A CD2 1 
ATOM 427  N N   . VAL A 1 77 ? 1.711   1.305   -2.767  1.00 80.87  ? 77 VAL A N   1 
ATOM 428  C CA  . VAL A 1 77 ? 0.960   2.528   -2.470  1.00 88.44  ? 77 VAL A CA  1 
ATOM 429  C C   . VAL A 1 77 ? 0.405   2.412   -1.043  1.00 81.59  ? 77 VAL A C   1 
ATOM 430  O O   . VAL A 1 77 ? -0.520  1.615   -0.877  1.00 79.64  ? 77 VAL A O   1 
ATOM 431  C CB  . VAL A 1 77 ? -0.171  2.715   -3.527  1.00 88.60  ? 77 VAL A CB  1 
ATOM 432  C CG1 . VAL A 1 77 ? -1.105  3.893   -3.245  1.00 90.24  ? 77 VAL A CG1 1 
ATOM 433  C CG2 . VAL A 1 77 ? 0.381   2.848   -4.940  1.00 85.24  ? 77 VAL A CG2 1 
ATOM 434  N N   . PRO A 1 78 ? 0.889   3.159   0.011   1.00 85.22  ? 78 PRO A N   1 
ATOM 435  C CA  . PRO A 1 78 ? 0.223   3.207   1.321   1.00 69.46  ? 78 PRO A CA  1 
ATOM 436  C C   . PRO A 1 78 ? -1.299  3.209   1.241   1.00 58.65  ? 78 PRO A C   1 
ATOM 437  O O   . PRO A 1 78 ? -1.876  3.875   0.380   1.00 74.35  ? 78 PRO A O   1 
ATOM 438  C CB  . PRO A 1 78 ? 0.676   4.553   1.951   1.00 62.31  ? 78 PRO A CB  1 
ATOM 439  C CG  . PRO A 1 78 ? 2.054   4.763   1.354   1.00 75.05  ? 78 PRO A CG  1 
ATOM 440  C CD  . PRO A 1 78 ? 2.080   4.043   0.015   1.00 95.35  ? 78 PRO A CD  1 
ATOM 441  N N   . GLU A 1 79 ? -1.955  2.459   2.125   1.00 64.22  ? 79 GLU A N   1 
ATOM 442  C CA  . GLU A 1 79 ? -3.406  2.227   2.039   1.00 55.40  ? 79 GLU A CA  1 
ATOM 443  C C   . GLU A 1 79 ? -4.183  3.507   2.406   1.00 79.51  ? 79 GLU A C   1 
ATOM 444  O O   . GLU A 1 79 ? -5.360  3.650   2.036   1.00 81.87  ? 79 GLU A O   1 
ATOM 445  C CB  . GLU A 1 79 ? -3.692  0.936   2.823   1.00 81.18  ? 79 GLU A CB  1 
ATOM 446  C CG  . GLU A 1 79 ? -3.002  -0.351  2.300   1.00 68.19  ? 79 GLU A CG  1 
ATOM 447  C CD  . GLU A 1 79 ? -3.606  -1.184  1.166   1.00 77.64  ? 79 GLU A CD  1 
ATOM 448  O OE1 . GLU A 1 79 ? -4.758  -0.759  0.821   1.00 56.86  ? 79 GLU A OE1 1 
ATOM 449  O OE2 . GLU A 1 79 ? -2.974  -2.205  0.610   1.00 61.02  ? 79 GLU A OE2 1 
ATOM 450  N N   . VAL A 1 80 ? -3.493  4.451   3.097   1.00 73.63  ? 80 VAL A N   1 
ATOM 451  C CA  . VAL A 1 80 ? -4.006  5.776   3.406   1.00 90.09  ? 80 VAL A CA  1 
ATOM 452  C C   . VAL A 1 80 ? -4.122  6.642   2.146   1.00 75.32  ? 80 VAL A C   1 
ATOM 453  O O   . VAL A 1 80 ? -5.081  7.408   2.029   1.00 95.09  ? 80 VAL A O   1 
ATOM 454  C CB  . VAL A 1 80 ? -3.162  6.453   4.518   1.00 83.06  ? 80 VAL A CB  1 
ATOM 455  C CG1 . VAL A 1 80 ? -1.735  6.853   4.098   1.00 77.69  ? 80 VAL A CG1 1 
ATOM 456  C CG2 . VAL A 1 80 ? -3.888  7.663   5.093   1.00 100.64 ? 80 VAL A CG2 1 
ATOM 457  N N   . VAL A 1 81 ? -3.103  6.586   1.269   1.00 80.81  ? 81 VAL A N   1 
ATOM 458  C CA  . VAL A 1 81 ? -3.103  7.286   -0.004  1.00 62.65  ? 81 VAL A CA  1 
ATOM 459  C C   . VAL A 1 81 ? -4.250  6.736   -0.837  1.00 67.68  ? 81 VAL A C   1 
ATOM 460  O O   . VAL A 1 81 ? -5.166  7.480   -1.167  1.00 90.53  ? 81 VAL A O   1 
ATOM 461  C CB  . VAL A 1 81 ? -1.766  7.230   -0.761  1.00 71.13  ? 81 VAL A CB  1 
ATOM 462  C CG1 . VAL A 1 81 ? -1.863  7.797   -2.189  1.00 76.05  ? 81 VAL A CG1 1 
ATOM 463  C CG2 . VAL A 1 81 ? -0.687  7.991   0.022   1.00 71.90  ? 81 VAL A CG2 1 
ATOM 464  N N   . LYS A 1 82 ? -4.237  5.409   -1.025  1.00 71.56  ? 82 LYS A N   1 
ATOM 465  C CA  . LYS A 1 82 ? -5.254  4.717   -1.792  1.00 46.09  ? 82 LYS A CA  1 
ATOM 466  C C   . LYS A 1 82 ? -6.643  5.116   -1.359  1.00 46.47  ? 82 LYS A C   1 
ATOM 467  O O   . LYS A 1 82 ? -7.458  5.359   -2.239  1.00 68.37  ? 82 LYS A O   1 
ATOM 468  C CB  . LYS A 1 82 ? -5.129  3.187   -1.660  1.00 66.45  ? 82 LYS A CB  1 
ATOM 469  C CG  . LYS A 1 82 ? -6.266  2.350   -2.296  1.00 66.65  ? 82 LYS A CG  1 
ATOM 470  C CD  . LYS A 1 82 ? -5.798  0.950   -2.682  1.00 87.23  ? 82 LYS A CD  1 
ATOM 471  C CE  . LYS A 1 82 ? -6.893  -0.041  -2.868  1.00 90.26  ? 82 LYS A CE  1 
ATOM 472  N NZ  . LYS A 1 82 ? -6.345  -1.390  -2.716  1.00 114.16 ? 82 LYS A NZ  1 
ATOM 473  N N   . ASN A 1 83 ? -6.901  5.240   -0.047  1.00 70.19  ? 83 ASN A N   1 
ATOM 474  C CA  . ASN A 1 83 ? -8.224  5.599   0.449   1.00 76.39  ? 83 ASN A CA  1 
ATOM 475  C C   . ASN A 1 83 ? -8.663  7.021   0.055   1.00 94.06  ? 83 ASN A C   1 
ATOM 476  O O   . ASN A 1 83 ? -9.755  7.128   -0.494  1.00 130.50 ? 83 ASN A O   1 
ATOM 477  C CB  . ASN A 1 83 ? -8.345  5.276   1.934   1.00 105.72 ? 83 ASN A CB  1 
ATOM 478  C CG  . ASN A 1 83 ? -9.749  5.506   2.436   1.00 118.72 ? 83 ASN A CG  1 
ATOM 479  O OD1 . ASN A 1 83 ? -10.722 5.082   1.796   1.00 129.16 ? 83 ASN A OD1 1 
ATOM 480  N ND2 . ASN A 1 83 ? -9.876  6.221   3.544   1.00 121.74 ? 83 ASN A ND2 1 
ATOM 481  N N   . GLU A 1 84 ? -7.860  8.086   0.266   1.00 99.14  ? 84 GLU A N   1 
ATOM 482  C CA  . GLU A 1 84 ? -8.184  9.467   -0.179  1.00 73.13  ? 84 GLU A CA  1 
ATOM 483  C C   . GLU A 1 84 ? -8.524  9.556   -1.676  1.00 100.20 ? 84 GLU A C   1 
ATOM 484  O O   . GLU A 1 84 ? -9.393  10.357  -2.045  1.00 102.58 ? 84 GLU A O   1 
ATOM 485  C CB  . GLU A 1 84 ? -7.011  10.421  0.111   1.00 73.28  ? 84 GLU A CB  1 
ATOM 486  C CG  . GLU A 1 84 ? -7.242  11.906  -0.219  1.00 94.47  ? 84 GLU A CG  1 
ATOM 487  C CD  . GLU A 1 84 ? -6.063  12.887  -0.131  1.00 102.81 ? 84 GLU A CD  1 
ATOM 488  O OE1 . GLU A 1 84 ? -4.911  12.457  0.070   1.00 91.32  ? 84 GLU A OE1 1 
ATOM 489  O OE2 . GLU A 1 84 ? -6.252  14.123  -0.269  1.00 128.87 ? 84 GLU A OE2 1 
ATOM 490  N N   . MET A 1 85 ? -7.806  8.776   -2.519  1.00 90.57  ? 85 MET A N   1 
ATOM 491  C CA  . MET A 1 85 ? -7.985  8.712   -3.976  1.00 75.92  ? 85 MET A CA  1 
ATOM 492  C C   . MET A 1 85 ? -9.317  8.061   -4.368  1.00 60.52  ? 85 MET A C   1 
ATOM 493  O O   . MET A 1 85 ? -10.069 8.629   -5.152  1.00 83.52  ? 85 MET A O   1 
ATOM 494  C CB  . MET A 1 85 ? -6.893  7.850   -4.653  1.00 74.33  ? 85 MET A CB  1 
ATOM 495  C CG  . MET A 1 85 ? -5.483  8.381   -4.623  1.00 79.76  ? 85 MET A CG  1 
ATOM 496  S SD  . MET A 1 85 ? -5.278  10.070  -5.215  1.00 94.77  ? 85 MET A SD  1 
ATOM 497  C CE  . MET A 1 85 ? -6.341  10.115  -6.670  1.00 108.60 ? 85 MET A CE  1 
ATOM 498  N N   . MET A 1 86 ? -9.586  6.852   -3.825  1.00 90.56  ? 86 MET A N   1 
ATOM 499  C CA  . MET A 1 86 ? -10.882 6.199   -3.934  1.00 81.15  ? 86 MET A CA  1 
ATOM 500  C C   . MET A 1 86 ? -12.008 7.066   -3.348  1.00 101.74 ? 86 MET A C   1 
ATOM 501  O O   . MET A 1 86 ? -13.134 6.883   -3.787  1.00 117.81 ? 86 MET A O   1 
ATOM 502  C CB  . MET A 1 86 ? -10.871 4.833   -3.243  1.00 69.22  ? 86 MET A CB  1 
ATOM 503  C CG  . MET A 1 86 ? -9.896  3.812   -3.846  1.00 72.03  ? 86 MET A CG  1 
ATOM 504  S SD  . MET A 1 86 ? -9.836  3.498   -5.623  1.00 108.64 ? 86 MET A SD  1 
ATOM 505  C CE  . MET A 1 86 ? -11.548 3.117   -6.024  1.00 100.79 ? 86 MET A CE  1 
ATOM 506  N N   . LEU A 1 87 ? -11.710 8.008   -2.410  1.00 120.64 ? 87 LEU A N   1 
ATOM 507  C CA  . LEU A 1 87 ? -12.657 9.024   -1.933  1.00 115.28 ? 87 LEU A CA  1 
ATOM 508  C C   . LEU A 1 87 ? -13.115 9.913   -3.092  1.00 132.47 ? 87 LEU A C   1 
ATOM 509  O O   . LEU A 1 87 ? -14.306 9.881   -3.423  1.00 166.32 ? 87 LEU A O   1 
ATOM 510  C CB  . LEU A 1 87 ? -12.211 9.887   -0.739  1.00 82.78  ? 87 LEU A CB  1 
ATOM 511  N N   . ARG A 1 88 ? -12.185 10.667  -3.713  1.00 107.70 ? 88 ARG A N   1 
ATOM 512  C CA  . ARG A 1 88 ? -12.539 11.638  -4.742  1.00 78.04  ? 88 ARG A CA  1 
ATOM 513  C C   . ARG A 1 88 ? -13.029 10.967  -6.030  1.00 85.93  ? 88 ARG A C   1 
ATOM 514  O O   . ARG A 1 88 ? -13.965 11.470  -6.662  1.00 80.21  ? 88 ARG A O   1 
ATOM 515  C CB  . ARG A 1 88 ? -11.379 12.604  -4.979  1.00 96.45  ? 88 ARG A CB  1 
ATOM 516  C CG  . ARG A 1 88 ? -11.209 13.481  -3.744  1.00 101.06 ? 88 ARG A CG  1 
ATOM 517  C CD  . ARG A 1 88 ? -9.885  14.181  -3.706  1.00 101.60 ? 88 ARG A CD  1 
ATOM 518  N NE  . ARG A 1 88 ? -9.190  14.137  -2.422  1.00 104.20 ? 88 ARG A NE  1 
ATOM 519  C CZ  . ARG A 1 88 ? -9.550  14.732  -1.299  1.00 114.96 ? 88 ARG A CZ  1 
ATOM 520  N NH1 . ARG A 1 88 ? -8.792  15.735  -0.885  1.00 102.76 ? 88 ARG A NH1 1 
ATOM 521  N NH2 . ARG A 1 88 ? -10.760 14.582  -0.779  1.00 108.69 ? 88 ARG A NH2 1 
ATOM 522  N N   . VAL A 1 89 ? -12.443 9.814   -6.408  1.00 98.87  ? 89 VAL A N   1 
ATOM 523  C CA  . VAL A 1 89 ? -12.835 9.070   -7.614  1.00 97.77  ? 89 VAL A CA  1 
ATOM 524  C C   . VAL A 1 89 ? -14.322 8.677   -7.600  1.00 90.82  ? 89 VAL A C   1 
ATOM 525  O O   . VAL A 1 89 ? -14.957 8.731   -8.650  1.00 81.72  ? 89 VAL A O   1 
ATOM 526  C CB  . VAL A 1 89 ? -11.916 7.848   -7.831  1.00 85.48  ? 89 VAL A CB  1 
ATOM 527  C CG1 . VAL A 1 89 ? -12.429 6.849   -8.878  1.00 98.79  ? 89 VAL A CG1 1 
ATOM 528  C CG2 . VAL A 1 89 ? -10.492 8.278   -8.190  1.00 107.60 ? 89 VAL A CG2 1 
ATOM 529  N N   . HIS A 1 90 ? -14.845 8.295   -6.423  1.00 122.59 ? 90 HIS A N   1 
ATOM 530  C CA  . HIS A 1 90 ? -16.268 8.081   -6.168  1.00 135.77 ? 90 HIS A CA  1 
ATOM 531  C C   . HIS A 1 90 ? -17.069 9.383   -6.292  1.00 130.43 ? 90 HIS A C   1 
ATOM 532  O O   . HIS A 1 90 ? -18.084 9.406   -7.004  1.00 140.47 ? 90 HIS A O   1 
ATOM 533  C CB  . HIS A 1 90 ? -16.460 7.309   -4.846  1.00 133.41 ? 90 HIS A CB  1 
ATOM 534  C CG  . HIS A 1 90 ? -16.100 5.849   -4.945  1.00 136.52 ? 90 HIS A CG  1 
ATOM 535  N ND1 . HIS A 1 90 ? -15.108 5.220   -4.220  1.00 145.78 ? 90 HIS A ND1 1 
ATOM 536  C CD2 . HIS A 1 90 ? -16.610 4.902   -5.754  1.00 136.75 ? 90 HIS A CD2 1 
ATOM 537  C CE1 . HIS A 1 90 ? -15.034 3.944   -4.581  1.00 154.59 ? 90 HIS A CE1 1 
ATOM 538  N NE2 . HIS A 1 90 ? -15.957 3.724   -5.496  1.00 145.93 ? 90 HIS A NE2 1 
ATOM 539  N N   . ALA A 1 91 ? -16.583 10.461  -5.655  1.00 132.48 ? 91 ALA A N   1 
ATOM 540  C CA  . ALA A 1 91 ? -17.208 11.780  -5.689  1.00 124.90 ? 91 ALA A CA  1 
ATOM 541  C C   . ALA A 1 91 ? -16.930 12.492  -7.020  1.00 111.66 ? 91 ALA A C   1 
ATOM 542  O O   . ALA A 1 91 ? -16.392 13.603  -7.030  1.00 132.04 ? 91 ALA A O   1 
ATOM 543  C CB  . ALA A 1 91 ? -16.723 12.585  -4.491  1.00 119.28 ? 91 ALA A CB  1 
ATOM 544  N N   . ALA A 1 92 ? -17.362 11.877  -8.131  1.00 104.89 ? 92 ALA A N   1 
ATOM 545  C CA  . ALA A 1 92 ? -16.960 12.265  -9.482  1.00 113.77 ? 92 ALA A CA  1 
ATOM 546  C C   . ALA A 1 92 ? -17.605 11.304  -10.476 1.00 123.31 ? 92 ALA A C   1 
ATOM 547  O O   . ALA A 1 92 ? -18.457 11.723  -11.263 1.00 162.45 ? 92 ALA A O   1 
ATOM 548  C CB  . ALA A 1 92 ? -15.447 12.306  -9.660  1.00 102.12 ? 92 ALA A CB  1 
ATOM 549  N N   . LEU A 1 93 ? -17.231 10.017  -10.374 1.00 107.96 ? 93 LEU A N   1 
ATOM 550  C CA  . LEU A 1 93 ? -17.892 8.951   -11.120 1.00 131.16 ? 93 LEU A CA  1 
ATOM 551  C C   . LEU A 1 93 ? -19.387 8.900   -10.795 1.00 142.42 ? 93 LEU A C   1 
ATOM 552  O O   . LEU A 1 93 ? -20.168 8.710   -11.723 1.00 143.36 ? 93 LEU A O   1 
ATOM 553  C CB  . LEU A 1 93 ? -17.229 7.587   -10.933 1.00 133.76 ? 93 LEU A CB  1 
ATOM 554  C CG  . LEU A 1 93 ? -16.009 7.343   -11.827 1.00 151.81 ? 93 LEU A CG  1 
ATOM 555  C CD1 . LEU A 1 93 ? -15.151 6.247   -11.255 1.00 159.02 ? 93 LEU A CD1 1 
ATOM 556  C CD2 . LEU A 1 93 ? -16.392 7.006   -13.276 1.00 142.85 ? 93 LEU A CD2 1 
ATOM 557  N N   . ASP A 1 94 ? -19.759 9.151   -9.523  1.00 127.98 ? 94 ASP A N   1 
ATOM 558  C CA  . ASP A 1 94 ? -21.127 9.510   -9.150  1.00 125.57 ? 94 ASP A CA  1 
ATOM 559  C C   . ASP A 1 94 ? -21.103 10.940  -8.599  1.00 135.43 ? 94 ASP A C   1 
ATOM 560  O O   . ASP A 1 94 ? -20.308 11.225  -7.691  1.00 85.60  ? 94 ASP A O   1 
ATOM 561  C CB  . ASP A 1 94 ? -21.786 8.458   -8.265  1.00 81.89  ? 94 ASP A CB  1 
ATOM 562  N N   . LYS A 1 95 ? -21.988 11.804  -9.157  1.00 142.14 ? 95 LYS A N   1 
ATOM 563  C CA  . LYS A 1 95 ? -21.902 13.259  -9.031  1.00 142.43 ? 95 LYS A CA  1 
ATOM 564  C C   . LYS A 1 95 ? -22.391 13.682  -7.633  1.00 143.93 ? 95 LYS A C   1 
ATOM 565  O O   . LYS A 1 95 ? -21.514 13.992  -6.787  1.00 131.96 ? 95 LYS A O   1 
ATOM 566  C CB  . LYS A 1 95 ? -22.704 14.053  -10.079 1.00 111.78 ? 95 LYS A CB  1 
ATOM 567  N N   . THR B 1 18 ? 16.440  0.276   4.701   1.00 118.82 ? 18 THR C N   1 
ATOM 568  C CA  . THR B 1 18 ? 17.158  0.245   3.389   1.00 129.51 ? 18 THR C CA  1 
ATOM 569  C C   . THR B 1 18 ? 16.979  -1.132  2.722   1.00 137.36 ? 18 THR C C   1 
ATOM 570  O O   . THR B 1 18 ? 17.948  -1.825  2.385   1.00 134.77 ? 18 THR C O   1 
ATOM 571  C CB  . THR B 1 18 ? 18.632  0.659   3.556   1.00 123.86 ? 18 THR C CB  1 
ATOM 572  O OG1 . THR B 1 18 ? 19.204  -0.083  4.630   1.00 93.58  ? 18 THR C OG1 1 
ATOM 573  C CG2 . THR B 1 18 ? 18.839  2.134   3.865   1.00 119.83 ? 18 THR C CG2 1 
ATOM 574  N N   . LEU B 1 19 ? 15.706  -1.482  2.454   1.00 137.69 ? 19 LEU C N   1 
ATOM 575  C CA  . LEU B 1 19 ? 15.325  -2.687  1.715   1.00 126.38 ? 19 LEU C CA  1 
ATOM 576  C C   . LEU B 1 19 ? 15.244  -2.332  0.215   1.00 119.46 ? 19 LEU C C   1 
ATOM 577  O O   . LEU B 1 19 ? 14.886  -1.207  -0.145  1.00 118.54 ? 19 LEU C O   1 
ATOM 578  C CB  . LEU B 1 19 ? 14.034  -3.292  2.295   1.00 72.38  ? 19 LEU C CB  1 
ATOM 579  N N   . ARG B 1 20 ? 15.616  -3.291  -0.657  1.00 137.73 ? 20 ARG C N   1 
ATOM 580  C CA  . ARG B 1 20 ? 15.431  -3.197  -2.112  1.00 142.26 ? 20 ARG C CA  1 
ATOM 581  C C   . ARG B 1 20 ? 13.919  -3.209  -2.449  1.00 160.43 ? 20 ARG C C   1 
ATOM 582  O O   . ARG B 1 20 ? 13.270  -4.249  -2.277  1.00 170.93 ? 20 ARG C O   1 
ATOM 583  C CB  . ARG B 1 20 ? 16.242  -4.302  -2.825  1.00 133.31 ? 20 ARG C CB  1 
ATOM 584  N N   . SER B 1 21 ? 13.361  -2.065  -2.930  1.00 138.78 ? 21 SER C N   1 
ATOM 585  C CA  . SER B 1 21 ? 11.916  -1.760  -3.036  1.00 96.78  ? 21 SER C CA  1 
ATOM 586  C C   . SER B 1 21 ? 11.029  -2.908  -3.563  1.00 104.22 ? 21 SER C C   1 
ATOM 587  O O   . SER B 1 21 ? 9.838   -2.977  -3.259  1.00 87.45  ? 21 SER C O   1 
ATOM 588  C CB  . SER B 1 21 ? 11.662  -0.530  -3.921  1.00 104.87 ? 21 SER C CB  1 
ATOM 589  O OG  . SER B 1 21 ? 12.711  0.431   -3.902  1.00 106.39 ? 21 SER C OG  1 
ATOM 590  N N   . GLN B 1 22 ? 11.596  -3.745  -4.447  1.00 87.92  ? 22 GLN C N   1 
ATOM 591  C CA  . GLN B 1 22 ? 10.997  -4.994  -4.923  1.00 78.53  ? 22 GLN C CA  1 
ATOM 592  C C   . GLN B 1 22 ? 10.607  -5.933  -3.762  1.00 65.11  ? 22 GLN C C   1 
ATOM 593  O O   . GLN B 1 22 ? 9.566   -6.581  -3.850  1.00 117.96 ? 22 GLN C O   1 
ATOM 594  C CB  . GLN B 1 22 ? 11.962  -5.693  -5.917  1.00 45.53  ? 22 GLN C CB  1 
ATOM 595  C CG  . GLN B 1 22 ? 12.405  -4.821  -7.097  1.00 63.61  ? 22 GLN C CG  1 
ATOM 596  C CD  . GLN B 1 22 ? 13.890  -4.496  -7.148  1.00 79.77  ? 22 GLN C CD  1 
ATOM 597  O OE1 . GLN B 1 22 ? 14.644  -5.288  -7.742  1.00 82.04  ? 22 GLN C OE1 1 
ATOM 598  N NE2 . GLN B 1 22 ? 14.324  -3.347  -6.594  1.00 58.67  ? 22 GLN C NE2 1 
ATOM 599  N N   . ASP B 1 23 ? 11.476  -6.089  -2.746  1.00 72.18  ? 23 ASP C N   1 
ATOM 600  C CA  . ASP B 1 23 ? 11.320  -7.073  -1.662  1.00 97.13  ? 23 ASP C CA  1 
ATOM 601  C C   . ASP B 1 23 ? 10.178  -6.654  -0.721  1.00 86.09  ? 23 ASP C C   1 
ATOM 602  O O   . ASP B 1 23 ? 9.325   -7.477  -0.330  1.00 81.26  ? 23 ASP C O   1 
ATOM 603  C CB  . ASP B 1 23 ? 12.614  -7.282  -0.871  1.00 96.30  ? 23 ASP C CB  1 
ATOM 604  C CG  . ASP B 1 23 ? 13.832  -7.914  -1.563  1.00 107.23 ? 23 ASP C CG  1 
ATOM 605  O OD1 . ASP B 1 23 ? 13.627  -8.825  -2.408  1.00 91.76  ? 23 ASP C OD1 1 
ATOM 606  O OD2 . ASP B 1 23 ? 15.012  -7.543  -1.200  1.00 83.99  ? 23 ASP C OD2 1 
ATOM 607  N N   . LYS B 1 24 ? 10.196  -5.352  -0.378  1.00 72.83  ? 24 LYS C N   1 
ATOM 608  C CA  . LYS B 1 24 ? 9.138   -4.635  0.332   1.00 93.92  ? 24 LYS C CA  1 
ATOM 609  C C   . LYS B 1 24 ? 7.747   -4.966  -0.222  1.00 81.77  ? 24 LYS C C   1 
ATOM 610  O O   . LYS B 1 24 ? 6.890   -5.420  0.531   1.00 73.21  ? 24 LYS C O   1 
ATOM 611  C CB  . LYS B 1 24 ? 9.415   -3.123  0.304   1.00 102.03 ? 24 LYS C CB  1 
ATOM 612  C CG  . LYS B 1 24 ? 8.646   -2.251  1.331   1.00 88.90  ? 24 LYS C CG  1 
ATOM 613  C CD  . LYS B 1 24 ? 9.261   -0.861  1.505   1.00 79.13  ? 24 LYS C CD  1 
ATOM 614  C CE  . LYS B 1 24 ? 8.401   0.222   2.119   1.00 93.69  ? 24 LYS C CE  1 
ATOM 615  N NZ  . LYS B 1 24 ? 8.908   1.558   1.750   1.00 103.42 ? 24 LYS C NZ  1 
ATOM 616  N N   . ALA B 1 25 ? 7.554   -4.832  -1.539  1.00 86.56  ? 25 ALA C N   1 
ATOM 617  C CA  . ALA B 1 25 ? 6.332   -5.261  -2.222  1.00 80.76  ? 25 ALA C CA  1 
ATOM 618  C C   . ALA B 1 25 ? 5.964   -6.710  -1.880  1.00 70.91  ? 25 ALA C C   1 
ATOM 619  O O   . ALA B 1 25 ? 4.803   -6.997  -1.642  1.00 69.14  ? 25 ALA C O   1 
ATOM 620  C CB  . ALA B 1 25 ? 6.481   -5.094  -3.725  1.00 87.59  ? 25 ALA C CB  1 
ATOM 621  N N   . ALA B 1 26 ? 6.970   -7.602  -1.817  1.00 81.37  ? 26 ALA C N   1 
ATOM 622  C CA  . ALA B 1 26 ? 6.776   -9.035  -1.612  1.00 67.33  ? 26 ALA C CA  1 
ATOM 623  C C   . ALA B 1 26 ? 6.376   -9.322  -0.162  1.00 81.99  ? 26 ALA C C   1 
ATOM 624  O O   . ALA B 1 26 ? 5.358   -9.994  0.060   1.00 97.63  ? 26 ALA C O   1 
ATOM 625  C CB  . ALA B 1 26 ? 8.009   -9.814  -2.046  1.00 69.69  ? 26 ALA C CB  1 
ATOM 626  N N   . LEU B 1 27 ? 7.150   -8.766  0.793   1.00 79.96  ? 27 LEU C N   1 
ATOM 627  C CA  . LEU B 1 27 ? 6.843   -8.822  2.229   1.00 80.73  ? 27 LEU C CA  1 
ATOM 628  C C   . LEU B 1 27 ? 5.434   -8.338  2.543   1.00 60.60  ? 27 LEU C C   1 
ATOM 629  O O   . LEU B 1 27 ? 4.734   -8.960  3.332   1.00 96.99  ? 27 LEU C O   1 
ATOM 630  C CB  . LEU B 1 27 ? 7.850   -7.990  3.030   1.00 84.86  ? 27 LEU C CB  1 
ATOM 631  C CG  . LEU B 1 27 ? 9.277   -8.553  3.066   1.00 90.83  ? 27 LEU C CG  1 
ATOM 632  C CD1 . LEU B 1 27 ? 10.300  -7.628  3.708   1.00 59.05  ? 27 LEU C CD1 1 
ATOM 633  C CD2 . LEU B 1 27 ? 9.278   -9.919  3.753   1.00 97.96  ? 27 LEU C CD2 1 
ATOM 634  N N   . LYS B 1 28 ? 5.033   -7.227  1.901   1.00 78.32  ? 28 LYS C N   1 
ATOM 635  C CA  . LYS B 1 28 ? 3.687   -6.678  1.982   1.00 54.71  ? 28 LYS C CA  1 
ATOM 636  C C   . LYS B 1 28 ? 2.656   -7.664  1.397   1.00 83.61  ? 28 LYS C C   1 
ATOM 637  O O   . LYS B 1 28 ? 1.561   -7.804  1.962   1.00 75.65  ? 28 LYS C O   1 
ATOM 638  C CB  . LYS B 1 28 ? 3.670   -5.269  1.335   1.00 69.57  ? 28 LYS C CB  1 
ATOM 639  C CG  . LYS B 1 28 ? 2.230   -4.705  1.135   1.00 89.87  ? 28 LYS C CG  1 
ATOM 640  C CD  . LYS B 1 28 ? 1.881   -3.227  1.008   1.00 84.73  ? 28 LYS C CD  1 
ATOM 641  C CE  . LYS B 1 28 ? 0.401   -3.101  0.584   1.00 81.99  ? 28 LYS C CE  1 
ATOM 642  N NZ  . LYS B 1 28 ? -0.321  -1.883  0.996   1.00 62.76  ? 28 LYS C NZ  1 
ATOM 643  N N   . GLU B 1 29 ? 2.955   -8.282  0.237   1.00 85.70  ? 29 GLU C N   1 
ATOM 644  C CA  . GLU B 1 29 ? 2.047   -9.277  -0.340  1.00 100.08 ? 29 GLU C CA  1 
ATOM 645  C C   . GLU B 1 29 ? 1.924   -10.469 0.618   1.00 85.86  ? 29 GLU C C   1 
ATOM 646  O O   . GLU B 1 29 ? 0.808   -10.937 0.835   1.00 98.64  ? 29 GLU C O   1 
ATOM 647  C CB  . GLU B 1 29 ? 2.331   -9.652  -1.803  1.00 92.99  ? 29 GLU C CB  1 
ATOM 648  N N   . LEU B 1 30 ? 3.034   -10.891 1.263   1.00 90.07  ? 30 LEU C N   1 
ATOM 649  C CA  . LEU B 1 30 ? 3.060   -12.138 2.035   1.00 92.75  ? 30 LEU C CA  1 
ATOM 650  C C   . LEU B 1 30 ? 2.295   -11.996 3.358   1.00 93.96  ? 30 LEU C C   1 
ATOM 651  O O   . LEU B 1 30 ? 1.448   -12.840 3.673   1.00 111.55 ? 30 LEU C O   1 
ATOM 652  C CB  . LEU B 1 30 ? 4.488   -12.626 2.274   1.00 101.50 ? 30 LEU C CB  1 
ATOM 653  C CG  . LEU B 1 30 ? 4.624   -14.135 2.540   1.00 101.61 ? 30 LEU C CG  1 
ATOM 654  C CD1 . LEU B 1 30 ? 4.519   -14.914 1.227   1.00 119.75 ? 30 LEU C CD1 1 
ATOM 655  C CD2 . LEU B 1 30 ? 5.912   -14.446 3.292   1.00 113.43 ? 30 LEU C CD2 1 
ATOM 656  N N   . LEU B 1 31 ? 2.582   -10.914 4.104   1.00 99.20  ? 31 LEU C N   1 
ATOM 657  C CA  . LEU B 1 31 ? 1.903   -10.568 5.356   1.00 99.87  ? 31 LEU C CA  1 
ATOM 658  C C   . LEU B 1 31 ? 0.387   -10.631 5.170   1.00 91.04  ? 31 LEU C C   1 
ATOM 659  O O   . LEU B 1 31 ? -0.265  -11.312 5.953   1.00 65.73  ? 31 LEU C O   1 
ATOM 660  C CB  . LEU B 1 31 ? 2.411   -9.200  5.833   1.00 102.15 ? 31 LEU C CB  1 
ATOM 661  C CG  . LEU B 1 31 ? 1.788   -8.522  7.064   1.00 82.37  ? 31 LEU C CG  1 
ATOM 662  C CD1 . LEU B 1 31 ? 1.753   -9.315  8.326   1.00 79.99  ? 31 LEU C CD1 1 
ATOM 663  C CD2 . LEU B 1 31 ? 2.598   -7.254  7.282   1.00 69.29  ? 31 LEU C CD2 1 
ATOM 664  N N   . HIS B 1 32 ? -0.133  -10.039 4.076   1.00 101.21 ? 32 HIS C N   1 
ATOM 665  C CA  . HIS B 1 32 ? -1.555  -10.070 3.738   1.00 108.15 ? 32 HIS C CA  1 
ATOM 666  C C   . HIS B 1 32 ? -2.119  -11.493 3.558   1.00 101.15 ? 32 HIS C C   1 
ATOM 667  O O   . HIS B 1 32 ? -3.278  -11.742 3.880   1.00 106.17 ? 32 HIS C O   1 
ATOM 668  C CB  . HIS B 1 32 ? -1.786  -9.182  2.507   1.00 97.31  ? 32 HIS C CB  1 
ATOM 669  C CG  . HIS B 1 32 ? -3.199  -9.189  2.078   1.00 100.55 ? 32 HIS C CG  1 
ATOM 670  N ND1 . HIS B 1 32 ? -3.672  -10.137 1.202   1.00 94.71  ? 32 HIS C ND1 1 
ATOM 671  C CD2 . HIS B 1 32 ? -4.246  -8.460  2.459   1.00 104.36 ? 32 HIS C CD2 1 
ATOM 672  C CE1 . HIS B 1 32 ? -4.963  -9.940  1.032   1.00 105.35 ? 32 HIS C CE1 1 
ATOM 673  N NE2 . HIS B 1 32 ? -5.334  -8.912  1.776   1.00 91.50  ? 32 HIS C NE2 1 
ATOM 674  N N   . THR B 1 33 ? -1.322  -12.386 2.963   1.00 105.04 ? 33 THR C N   1 
ATOM 675  C CA  . THR B 1 33 ? -1.709  -13.752 2.650   1.00 98.18  ? 33 THR C CA  1 
ATOM 676  C C   . THR B 1 33 ? -1.782  -14.612 3.920   1.00 111.22 ? 33 THR C C   1 
ATOM 677  O O   . THR B 1 33 ? -2.650  -15.488 4.040   1.00 82.66  ? 33 THR C O   1 
ATOM 678  C CB  . THR B 1 33 ? -0.721  -14.329 1.629   1.00 102.75 ? 33 THR C CB  1 
ATOM 679  O OG1 . THR B 1 33 ? -0.338  -13.328 0.678   1.00 91.98  ? 33 THR C OG1 1 
ATOM 680  C CG2 . THR B 1 33 ? -1.331  -15.485 0.856   1.00 103.31 ? 33 THR C CG2 1 
ATOM 681  N N   . ARG B 1 34 ? -0.820  -14.435 4.838   1.00 112.58 ? 34 ARG C N   1 
ATOM 682  C CA  . ARG B 1 34 ? -0.849  -15.140 6.116   1.00 109.67 ? 34 ARG C CA  1 
ATOM 683  C C   . ARG B 1 34 ? -2.010  -14.625 6.983   1.00 105.44 ? 34 ARG C C   1 
ATOM 684  O O   . ARG B 1 34 ? -2.701  -15.430 7.618   1.00 100.37 ? 34 ARG C O   1 
ATOM 685  C CB  . ARG B 1 34 ? 0.555   -15.099 6.737   1.00 125.04 ? 34 ARG C CB  1 
ATOM 686  C CG  . ARG B 1 34 ? 1.688   -15.739 5.935   1.00 129.94 ? 34 ARG C CG  1 
ATOM 687  C CD  . ARG B 1 34 ? 1.577   -17.261 5.703   1.00 133.40 ? 34 ARG C CD  1 
ATOM 688  N NE  . ARG B 1 34 ? 1.963   -17.604 4.325   1.00 145.20 ? 34 ARG C NE  1 
ATOM 689  C CZ  . ARG B 1 34 ? 2.925   -18.417 3.862   1.00 152.02 ? 34 ARG C CZ  1 
ATOM 690  N NH1 . ARG B 1 34 ? 3.582   -19.256 4.641   1.00 165.18 ? 34 ARG C NH1 1 
ATOM 691  N NH2 . ARG B 1 34 ? 3.184   -18.450 2.562   1.00 155.80 ? 34 ARG C NH2 1 
ATOM 692  N N   . LEU B 1 35 ? -2.238  -13.296 6.971   1.00 82.14  ? 35 LEU C N   1 
ATOM 693  C CA  . LEU B 1 35 ? -3.204  -12.640 7.847   1.00 76.74  ? 35 LEU C CA  1 
ATOM 694  C C   . LEU B 1 35 ? -4.647  -12.971 7.449   1.00 90.62  ? 35 LEU C C   1 
ATOM 695  O O   . LEU B 1 35 ? -5.533  -12.984 8.319   1.00 78.22  ? 35 LEU C O   1 
ATOM 696  C CB  . LEU B 1 35 ? -2.934  -11.125 7.883   1.00 69.97  ? 35 LEU C CB  1 
ATOM 697  C CG  . LEU B 1 35 ? -1.724  -10.611 8.681   1.00 53.20  ? 35 LEU C CG  1 
ATOM 698  C CD1 . LEU B 1 35 ? -1.636  -9.099  8.482   1.00 68.99  ? 35 LEU C CD1 1 
ATOM 699  C CD2 . LEU B 1 35 ? -1.676  -10.946 10.193  1.00 72.88  ? 35 LEU C CD2 1 
ATOM 700  N N   . VAL B 1 36 ? -4.886  -13.196 6.134   1.00 101.03 ? 36 VAL C N   1 
ATOM 701  C CA  . VAL B 1 36 ? -6.140  -13.774 5.653   1.00 109.49 ? 36 VAL C CA  1 
ATOM 702  C C   . VAL B 1 36 ? -6.289  -15.198 6.208   1.00 89.67  ? 36 VAL C C   1 
ATOM 703  O O   . VAL B 1 36 ? -7.176  -15.409 7.038   1.00 85.21  ? 36 VAL C O   1 
ATOM 704  C CB  . VAL B 1 36 ? -6.450  -13.683 4.139   1.00 125.70 ? 36 VAL C CB  1 
ATOM 705  C CG1 . VAL B 1 36 ? -6.729  -12.242 3.714   1.00 133.88 ? 36 VAL C CG1 1 
ATOM 706  C CG2 . VAL B 1 36 ? -5.403  -14.295 3.217   1.00 126.28 ? 36 VAL C CG2 1 
ATOM 707  N N   . GLU B 1 37 ? -5.340  -16.095 5.888   1.00 89.61  ? 37 GLU C N   1 
ATOM 708  C CA  . GLU B 1 37 ? -5.390  -17.504 6.265   1.00 96.14  ? 37 GLU C CA  1 
ATOM 709  C C   . GLU B 1 37 ? -5.709  -17.684 7.747   1.00 113.15 ? 37 GLU C C   1 
ATOM 710  O O   . GLU B 1 37 ? -6.731  -18.279 8.069   1.00 125.18 ? 37 GLU C O   1 
ATOM 711  C CB  . GLU B 1 37 ? -4.061  -18.219 6.026   1.00 115.00 ? 37 GLU C CB  1 
ATOM 712  C CG  . GLU B 1 37 ? -3.856  -18.648 4.577   1.00 115.43 ? 37 GLU C CG  1 
ATOM 713  C CD  . GLU B 1 37 ? -2.392  -18.700 4.186   1.00 140.13 ? 37 GLU C CD  1 
ATOM 714  O OE1 . GLU B 1 37 ? -1.525  -19.103 5.004   1.00 167.49 ? 37 GLU C OE1 1 
ATOM 715  O OE2 . GLU B 1 37 ? -2.125  -18.309 3.033   1.00 149.40 ? 37 GLU C OE2 1 
ATOM 716  N N   . CYS B 1 38 ? -4.933  -17.010 8.618   1.00 121.06 ? 38 CYS C N   1 
ATOM 717  C CA  . CYS B 1 38 ? -4.805  -17.385 10.020  1.00 92.13  ? 38 CYS C CA  1 
ATOM 718  C C   . CYS B 1 38 ? -5.960  -16.948 10.931  1.00 86.21  ? 38 CYS C C   1 
ATOM 719  O O   . CYS B 1 38 ? -5.815  -17.076 12.165  1.00 72.67  ? 38 CYS C O   1 
ATOM 720  C CB  . CYS B 1 38 ? -3.487  -16.865 10.593  1.00 88.77  ? 38 CYS C CB  1 
ATOM 721  S SG  . CYS B 1 38 ? -3.531  -15.109 11.045  1.00 74.17  ? 38 CYS C SG  1 
ATOM 722  N N   . GLY B 1 39 ? -7.050  -16.387 10.377  1.00 82.26  ? 39 GLY C N   1 
ATOM 723  C CA  . GLY B 1 39 ? -8.144  -15.808 11.151  1.00 84.45  ? 39 GLY C CA  1 
ATOM 724  C C   . GLY B 1 39 ? -8.007  -14.296 11.381  1.00 85.66  ? 39 GLY C C   1 
ATOM 725  O O   . GLY B 1 39 ? -9.037  -13.689 11.680  1.00 74.57  ? 39 GLY C O   1 
ATOM 726  N N   . TRP B 1 40 ? -6.797  -13.693 11.252  1.00 70.58  ? 40 TRP C N   1 
ATOM 727  C CA  . TRP B 1 40 ? -6.558  -12.292 11.629  1.00 95.67  ? 40 TRP C CA  1 
ATOM 728  C C   . TRP B 1 40 ? -7.497  -11.341 10.884  1.00 78.43  ? 40 TRP C C   1 
ATOM 729  O O   . TRP B 1 40 ? -8.169  -10.540 11.525  1.00 91.34  ? 40 TRP C O   1 
ATOM 730  C CB  . TRP B 1 40 ? -5.080  -11.906 11.448  1.00 95.84  ? 40 TRP C CB  1 
ATOM 731  C CG  . TRP B 1 40 ? -4.664  -10.548 11.936  1.00 89.52  ? 40 TRP C CG  1 
ATOM 732  C CD1 . TRP B 1 40 ? -4.151  -10.290 13.166  1.00 83.50  ? 40 TRP C CD1 1 
ATOM 733  C CD2 . TRP B 1 40 ? -4.664  -9.285  11.232  1.00 65.57  ? 40 TRP C CD2 1 
ATOM 734  N NE1 . TRP B 1 40 ? -3.832  -8.962  13.293  1.00 72.44  ? 40 TRP C NE1 1 
ATOM 735  C CE2 . TRP B 1 40 ? -4.125  -8.318  12.117  1.00 67.38  ? 40 TRP C CE2 1 
ATOM 736  C CE3 . TRP B 1 40 ? -5.064  -8.866  9.956   1.00 65.42  ? 40 TRP C CE3 1 
ATOM 737  C CZ2 . TRP B 1 40 ? -3.972  -6.976  11.758  1.00 67.00  ? 40 TRP C CZ2 1 
ATOM 738  C CZ3 . TRP B 1 40 ? -4.877  -7.540  9.592   1.00 48.96  ? 40 TRP C CZ3 1 
ATOM 739  C CH2 . TRP B 1 40 ? -4.354  -6.612  10.483  1.00 53.71  ? 40 TRP C CH2 1 
ATOM 740  N N   . HIS B 1 41 ? -7.692  -11.554 9.580   1.00 94.30  ? 41 HIS C N   1 
ATOM 741  C CA  . HIS B 1 41 ? -8.625  -10.724 8.811   1.00 95.25  ? 41 HIS C CA  1 
ATOM 742  C C   . HIS B 1 41 ? -10.056 -10.752 9.363   1.00 101.14 ? 41 HIS C C   1 
ATOM 743  O O   . HIS B 1 41 ? -10.641 -9.675  9.524   1.00 87.01  ? 41 HIS C O   1 
ATOM 744  C CB  . HIS B 1 41 ? -8.550  -10.997 7.307   1.00 100.97 ? 41 HIS C CB  1 
ATOM 745  C CG  . HIS B 1 41 ? -7.764  -9.962  6.572   1.00 100.38 ? 41 HIS C CG  1 
ATOM 746  N ND1 . HIS B 1 41 ? -8.379  -9.016  5.783   1.00 92.66  ? 41 HIS C ND1 1 
ATOM 747  C CD2 . HIS B 1 41 ? -6.435  -9.705  6.493   1.00 116.08 ? 41 HIS C CD2 1 
ATOM 748  C CE1 . HIS B 1 41 ? -7.436  -8.224  5.254   1.00 114.94 ? 41 HIS C CE1 1 
ATOM 749  N NE2 . HIS B 1 41 ? -6.234  -8.604  5.688   1.00 69.51  ? 41 HIS C NE2 1 
ATOM 750  N N   . LYS B 1 42 ? -10.581 -11.949 9.697   1.00 98.95  ? 42 LYS C N   1 
ATOM 751  C CA  . LYS B 1 42 ? -11.938 -12.115 10.257  1.00 72.60  ? 42 LYS C CA  1 
ATOM 752  C C   . LYS B 1 42 ? -12.123 -11.400 11.594  1.00 76.96  ? 42 LYS C C   1 
ATOM 753  O O   . LYS B 1 42 ? -13.131 -10.719 11.796  1.00 115.96 ? 42 LYS C O   1 
ATOM 754  C CB  . LYS B 1 42 ? -12.372 -13.563 10.560  1.00 102.01 ? 42 LYS C CB  1 
ATOM 755  N N   . ASP B 1 43 ? -11.140 -11.534 12.482  1.00 75.26  ? 43 ASP C N   1 
ATOM 756  C CA  . ASP B 1 43 ? -11.232 -11.007 13.830  1.00 67.72  ? 43 ASP C CA  1 
ATOM 757  C C   . ASP B 1 43 ? -11.145 -9.484  13.866  1.00 78.35  ? 43 ASP C C   1 
ATOM 758  O O   . ASP B 1 43 ? -11.898 -8.845  14.613  1.00 93.11  ? 43 ASP C O   1 
ATOM 759  C CB  . ASP B 1 43 ? -10.180 -11.656 14.702  1.00 85.57  ? 43 ASP C CB  1 
ATOM 760  C CG  . ASP B 1 43 ? -10.356 -13.141 14.981  1.00 93.02  ? 43 ASP C CG  1 
ATOM 761  O OD1 . ASP B 1 43 ? -11.419 -13.737 14.600  1.00 84.23  ? 43 ASP C OD1 1 
ATOM 762  O OD2 . ASP B 1 43 ? -9.419  -13.666 15.630  1.00 80.18  ? 43 ASP C OD2 1 
ATOM 763  N N   . ILE B 1 44 ? -10.257 -8.912  13.040  1.00 76.53  ? 44 ILE C N   1 
ATOM 764  C CA  . ILE B 1 44 ? -10.156 -7.466  12.920  1.00 86.72  ? 44 ILE C CA  1 
ATOM 765  C C   . ILE B 1 44 ? -11.487 -6.847  12.452  1.00 71.22  ? 44 ILE C C   1 
ATOM 766  O O   . ILE B 1 44 ? -11.933 -5.883  13.090  1.00 83.97  ? 44 ILE C O   1 
ATOM 767  C CB  . ILE B 1 44 ? -8.916  -7.080  12.070  1.00 75.47  ? 44 ILE C CB  1 
ATOM 768  C CG1 . ILE B 1 44 ? -7.605  -7.491  12.761  1.00 71.85  ? 44 ILE C CG1 1 
ATOM 769  C CG2 . ILE B 1 44 ? -8.865  -5.580  11.731  1.00 64.81  ? 44 ILE C CG2 1 
ATOM 770  C CD1 . ILE B 1 44 ? -7.266  -6.671  13.993  1.00 63.60  ? 44 ILE C CD1 1 
ATOM 771  N N   . LYS B 1 45 ? -12.170 -7.466  11.467  1.00 82.26  ? 45 LYS C N   1 
ATOM 772  C CA  . LYS B 1 45 ? -13.461 -6.971  10.972  1.00 79.36  ? 45 LYS C CA  1 
ATOM 773  C C   . LYS B 1 45 ? -14.582 -7.108  12.003  1.00 76.74  ? 45 LYS C C   1 
ATOM 774  O O   . LYS B 1 45 ? -15.382 -6.170  12.126  1.00 75.40  ? 45 LYS C O   1 
ATOM 775  C CB  . LYS B 1 45 ? -13.918 -7.597  9.658   1.00 58.87  ? 45 LYS C CB  1 
ATOM 776  N N   . GLU B 1 46 ? -14.615 -8.223  12.763  1.00 67.23  ? 46 GLU C N   1 
ATOM 777  C CA  . GLU B 1 46 ? -15.473 -8.332  13.948  1.00 80.04  ? 46 GLU C CA  1 
ATOM 778  C C   . GLU B 1 46 ? -15.308 -7.112  14.866  1.00 90.84  ? 46 GLU C C   1 
ATOM 779  O O   . GLU B 1 46 ? -16.292 -6.442  15.177  1.00 71.93  ? 46 GLU C O   1 
ATOM 780  C CB  . GLU B 1 46 ? -15.198 -9.578  14.796  1.00 102.19 ? 46 GLU C CB  1 
ATOM 781  C CG  . GLU B 1 46 ? -16.134 -10.764 14.572  1.00 129.05 ? 46 GLU C CG  1 
ATOM 782  C CD  . GLU B 1 46 ? -15.469 -12.071 15.012  1.00 154.69 ? 46 GLU C CD  1 
ATOM 783  O OE1 . GLU B 1 46 ? -14.903 -12.117 16.136  1.00 151.69 ? 46 GLU C OE1 1 
ATOM 784  O OE2 . GLU B 1 46 ? -15.490 -13.043 14.220  1.00 178.00 ? 46 GLU C OE2 1 
ATOM 785  N N   . MET B 1 47 ? -14.048 -6.804  15.221  1.00 93.53  ? 47 MET C N   1 
ATOM 786  C CA  . MET B 1 47 ? -13.718 -5.798  16.228  1.00 85.57  ? 47 MET C CA  1 
ATOM 787  C C   . MET B 1 47 ? -14.287 -4.447  15.784  1.00 72.35  ? 47 MET C C   1 
ATOM 788  O O   . MET B 1 47 ? -15.166 -3.896  16.476  1.00 73.70  ? 47 MET C O   1 
ATOM 789  C CB  . MET B 1 47 ? -12.194 -5.750  16.420  1.00 96.23  ? 47 MET C CB  1 
ATOM 790  C CG  . MET B 1 47 ? -11.700 -4.951  17.593  1.00 95.07  ? 47 MET C CG  1 
ATOM 791  S SD  . MET B 1 47 ? -9.906  -5.027  17.713  1.00 84.47  ? 47 MET C SD  1 
ATOM 792  C CE  . MET B 1 47 ? -9.190  -4.465  16.168  1.00 84.42  ? 47 MET C CE  1 
ATOM 793  N N   . ILE B 1 48 ? -13.920 -4.045  14.551  1.00 53.47  ? 48 ILE C N   1 
ATOM 794  C CA  . ILE B 1 48 ? -14.306 -2.753  13.976  1.00 61.06  ? 48 ILE C CA  1 
ATOM 795  C C   . ILE B 1 48 ? -15.835 -2.683  13.884  1.00 80.60  ? 48 ILE C C   1 
ATOM 796  O O   . ILE B 1 48 ? -16.432 -1.734  14.405  1.00 96.68  ? 48 ILE C O   1 
ATOM 797  C CB  . ILE B 1 48 ? -13.699 -2.492  12.580  1.00 69.45  ? 48 ILE C CB  1 
ATOM 798  C CG1 . ILE B 1 48 ? -12.171 -2.525  12.545  1.00 69.30  ? 48 ILE C CG1 1 
ATOM 799  C CG2 . ILE B 1 48 ? -14.218 -1.161  11.987  1.00 84.26  ? 48 ILE C CG2 1 
ATOM 800  C CD1 . ILE B 1 48 ? -11.558 -2.669  11.152  1.00 72.05  ? 48 ILE C CD1 1 
ATOM 801  N N   . ARG B 1 49 ? -16.451 -3.672  13.211  1.00 78.55  ? 49 ARG C N   1 
ATOM 802  C CA  . ARG B 1 49 ? -17.908 -3.703  13.073  1.00 91.23  ? 49 ARG C CA  1 
ATOM 803  C C   . ARG B 1 49 ? -18.590 -3.612  14.442  1.00 75.33  ? 49 ARG C C   1 
ATOM 804  O O   . ARG B 1 49 ? -19.549 -2.856  14.565  1.00 108.42 ? 49 ARG C O   1 
ATOM 805  C CB  . ARG B 1 49 ? -18.363 -4.912  12.253  1.00 104.66 ? 49 ARG C CB  1 
ATOM 806  C CG  . ARG B 1 49 ? -19.858 -5.076  11.998  1.00 121.21 ? 49 ARG C CG  1 
ATOM 807  C CD  . ARG B 1 49 ? -20.199 -6.382  11.267  1.00 136.18 ? 49 ARG C CD  1 
ATOM 808  N NE  . ARG B 1 49 ? -19.595 -7.604  11.827  1.00 158.68 ? 49 ARG C NE  1 
ATOM 809  C CZ  . ARG B 1 49 ? -19.739 -8.110  13.074  1.00 171.38 ? 49 ARG C CZ  1 
ATOM 810  N NH1 . ARG B 1 49 ? -20.650 -7.590  13.891  1.00 173.46 ? 49 ARG C NH1 1 
ATOM 811  N NH2 . ARG B 1 49 ? -18.982 -9.132  13.498  1.00 156.54 ? 49 ARG C NH2 1 
ATOM 812  N N   . ASN B 1 50 ? -18.067 -4.326  15.458  1.00 82.16  ? 50 ASN C N   1 
ATOM 813  C CA  . ASN B 1 50 ? -18.675 -4.340  16.785  1.00 80.89  ? 50 ASN C CA  1 
ATOM 814  C C   . ASN B 1 50 ? -18.458 -3.011  17.519  1.00 90.98  ? 50 ASN C C   1 
ATOM 815  O O   . ASN B 1 50 ? -19.402 -2.554  18.144  1.00 105.13 ? 50 ASN C O   1 
ATOM 816  C CB  . ASN B 1 50 ? -18.330 -5.608  17.555  1.00 78.60  ? 50 ASN C CB  1 
ATOM 817  C CG  . ASN B 1 50 ? -19.053 -5.627  18.884  1.00 93.19  ? 50 ASN C CG  1 
ATOM 818  O OD1 . ASN B 1 50 ? -20.291 -5.608  18.931  1.00 100.57 ? 50 ASN C OD1 1 
ATOM 819  N ND2 . ASN B 1 50 ? -18.299 -5.518  19.968  1.00 107.91 ? 50 ASN C ND2 1 
ATOM 820  N N   . ILE B 1 51 ? -17.271 -2.382  17.401  1.00 101.13 ? 51 ILE C N   1 
ATOM 821  C CA  . ILE B 1 51 ? -17.009 -1.028  17.889  1.00 92.88  ? 51 ILE C CA  1 
ATOM 822  C C   . ILE B 1 51 ? -18.031 -0.039  17.309  1.00 111.96 ? 51 ILE C C   1 
ATOM 823  O O   . ILE B 1 51 ? -18.656 0.671   18.084  1.00 126.83 ? 51 ILE C O   1 
ATOM 824  C CB  . ILE B 1 51 ? -15.541 -0.593  17.605  1.00 112.85 ? 51 ILE C CB  1 
ATOM 825  C CG1 . ILE B 1 51 ? -14.526 -1.359  18.484  1.00 118.89 ? 51 ILE C CG1 1 
ATOM 826  C CG2 . ILE B 1 51 ? -15.297 0.924   17.698  1.00 94.46  ? 51 ILE C CG2 1 
ATOM 827  C CD1 . ILE B 1 51 ? -14.369 -0.823  19.897  1.00 127.24 ? 51 ILE C CD1 1 
ATOM 828  N N   . ILE B 1 52 ? -18.181 0.025   15.971  1.00 109.88 ? 52 ILE C N   1 
ATOM 829  C CA  . ILE B 1 52 ? -19.061 0.994   15.303  1.00 93.59  ? 52 ILE C CA  1 
ATOM 830  C C   . ILE B 1 52 ? -20.505 0.790   15.756  1.00 92.77  ? 52 ILE C C   1 
ATOM 831  O O   . ILE B 1 52 ? -21.179 1.773   16.060  1.00 74.37  ? 52 ILE C O   1 
ATOM 832  C CB  . ILE B 1 52 ? -18.972 0.917   13.766  1.00 102.06 ? 52 ILE C CB  1 
ATOM 833  C CG1 . ILE B 1 52 ? -17.560 1.218   13.233  1.00 128.13 ? 52 ILE C CG1 1 
ATOM 834  C CG2 . ILE B 1 52 ? -19.993 1.835   13.077  1.00 120.08 ? 52 ILE C CG2 1 
ATOM 835  C CD1 . ILE B 1 52 ? -17.242 0.496   11.934  1.00 141.72 ? 52 ILE C CD1 1 
ATOM 836  N N   . MET B 1 53 ? -20.961 -0.474  15.832  1.00 80.14  ? 53 MET C N   1 
ATOM 837  C CA  . MET B 1 53 ? -22.331 -0.768  16.234  1.00 90.16  ? 53 MET C CA  1 
ATOM 838  C C   . MET B 1 53 ? -22.645 -0.223  17.636  1.00 110.10 ? 53 MET C C   1 
ATOM 839  O O   . MET B 1 53 ? -23.748 0.277   17.842  1.00 122.65 ? 53 MET C O   1 
ATOM 840  C CB  . MET B 1 53 ? -22.643 -2.267  16.197  1.00 93.47  ? 53 MET C CB  1 
ATOM 841  C CG  . MET B 1 53 ? -24.048 -2.588  15.716  1.00 99.55  ? 53 MET C CG  1 
ATOM 842  S SD  . MET B 1 53 ? -24.802 -3.875  16.730  1.00 98.10  ? 53 MET C SD  1 
ATOM 843  C CE  . MET B 1 53 ? -23.516 -5.138  16.751  1.00 129.95 ? 53 MET C CE  1 
ATOM 844  N N   . GLU B 1 54 ? -21.688 -0.306  18.576  1.00 118.66 ? 54 GLU C N   1 
ATOM 845  C CA  . GLU B 1 54 ? -21.835 0.252   19.918  1.00 121.36 ? 54 GLU C CA  1 
ATOM 846  C C   . GLU B 1 54 ? -21.520 1.749   19.997  1.00 110.69 ? 54 GLU C C   1 
ATOM 847  O O   . GLU B 1 54 ? -21.721 2.288   21.056  1.00 103.36 ? 54 GLU C O   1 
ATOM 848  C CB  . GLU B 1 54 ? -21.055 -0.566  20.952  1.00 131.62 ? 54 GLU C CB  1 
ATOM 849  C CG  . GLU B 1 54 ? -19.528 -0.529  20.862  1.00 144.14 ? 54 GLU C CG  1 
ATOM 850  C CD  . GLU B 1 54 ? -18.782 -1.460  21.815  1.00 142.18 ? 54 GLU C CD  1 
ATOM 851  O OE1 . GLU B 1 54 ? -19.414 -2.202  22.609  1.00 125.64 ? 54 GLU C OE1 1 
ATOM 852  O OE2 . GLU B 1 54 ? -17.523 -1.459  21.736  1.00 107.44 ? 54 GLU C OE2 1 
ATOM 853  N N   . ARG B 1 55 ? -20.938 2.394   18.969  1.00 133.03 ? 55 ARG C N   1 
ATOM 854  C CA  . ARG B 1 55 ? -20.560 3.810   18.971  1.00 151.72 ? 55 ARG C CA  1 
ATOM 855  C C   . ARG B 1 55 ? -20.804 4.410   17.573  1.00 161.03 ? 55 ARG C C   1 
ATOM 856  O O   . ARG B 1 55 ? -19.973 4.256   16.669  1.00 188.82 ? 55 ARG C O   1 
ATOM 857  C CB  . ARG B 1 55 ? -19.118 3.999   19.477  1.00 129.91 ? 55 ARG C CB  1 
ATOM 858  N N   . GLY B 1 56 ? -21.914 5.160   17.421  1.00 150.19 ? 56 GLY C N   1 
ATOM 859  C CA  . GLY B 1 56 ? -22.510 5.552   16.147  1.00 146.97 ? 56 GLY C CA  1 
ATOM 860  C C   . GLY B 1 56 ? -21.507 6.249   15.223  1.00 143.45 ? 56 GLY C C   1 
ATOM 861  O O   . GLY B 1 56 ? -20.615 6.956   15.704  1.00 140.31 ? 56 GLY C O   1 
ATOM 862  N N   . VAL B 1 57 ? -21.615 5.952   13.918  1.00 131.95 ? 57 VAL C N   1 
ATOM 863  C CA  . VAL B 1 57 ? -20.680 6.381   12.874  1.00 139.44 ? 57 VAL C CA  1 
ATOM 864  C C   . VAL B 1 57 ? -20.404 7.885   12.989  1.00 145.70 ? 57 VAL C C   1 
ATOM 865  O O   . VAL B 1 57 ? -19.251 8.276   13.163  1.00 150.96 ? 57 VAL C O   1 
ATOM 866  C CB  . VAL B 1 57 ? -21.193 5.992   11.465  1.00 137.50 ? 57 VAL C CB  1 
ATOM 867  C CG1 . VAL B 1 57 ? -20.426 6.671   10.326  1.00 134.68 ? 57 VAL C CG1 1 
ATOM 868  C CG2 . VAL B 1 57 ? -21.192 4.471   11.254  1.00 141.38 ? 57 VAL C CG2 1 
ATOM 869  N N   . ASP B 1 58 ? -21.481 8.687   12.963  1.00 178.95 ? 58 ASP C N   1 
ATOM 870  C CA  . ASP B 1 58 ? -21.433 10.143  13.083  1.00 186.70 ? 58 ASP C CA  1 
ATOM 871  C C   . ASP B 1 58 ? -20.573 10.624  14.262  1.00 188.71 ? 58 ASP C C   1 
ATOM 872  O O   . ASP B 1 58 ? -19.792 11.552  14.057  1.00 196.65 ? 58 ASP C O   1 
ATOM 873  C CB  . ASP B 1 58 ? -22.836 10.740  13.131  1.00 184.65 ? 58 ASP C CB  1 
ATOM 874  C CG  . ASP B 1 58 ? -23.578 10.575  14.451  1.00 175.99 ? 58 ASP C CG  1 
ATOM 875  O OD1 . ASP B 1 58 ? -23.515 9.470   15.027  1.00 177.89 ? 58 ASP C OD1 1 
ATOM 876  O OD2 . ASP B 1 58 ? -24.133 11.572  14.936  1.00 159.98 ? 58 ASP C OD2 1 
ATOM 877  N N   . ASN B 1 59 ? -20.624 9.917   15.422  1.00 181.20 ? 59 ASN C N   1 
ATOM 878  C CA  . ASN B 1 59 ? -19.858 10.250  16.627  1.00 167.61 ? 59 ASN C CA  1 
ATOM 879  C C   . ASN B 1 59 ? -18.382 10.382  16.247  1.00 162.06 ? 59 ASN C C   1 
ATOM 880  O O   . ASN B 1 59 ? -17.931 9.627   15.391  1.00 155.09 ? 59 ASN C O   1 
ATOM 881  C CB  . ASN B 1 59 ? -20.052 9.280   17.804  1.00 168.68 ? 59 ASN C CB  1 
ATOM 882  C CG  . ASN B 1 59 ? -18.810 8.480   18.164  1.00 185.63 ? 59 ASN C CG  1 
ATOM 883  O OD1 . ASN B 1 59 ? -18.019 8.951   18.989  1.00 176.78 ? 59 ASN C OD1 1 
ATOM 884  N ND2 . ASN B 1 59 ? -18.528 7.368   17.491  1.00 195.56 ? 59 ASN C ND2 1 
ATOM 885  N N   . ILE B 1 60 ? -17.676 11.330  16.887  1.00 162.94 ? 60 ILE C N   1 
ATOM 886  C CA  . ILE B 1 60 ? -16.246 11.603  16.705  1.00 164.37 ? 60 ILE C CA  1 
ATOM 887  C C   . ILE B 1 60 ? -15.487 10.338  16.253  1.00 166.63 ? 60 ILE C C   1 
ATOM 888  O O   . ILE B 1 60 ? -15.484 9.314   16.954  1.00 164.22 ? 60 ILE C O   1 
ATOM 889  C CB  . ILE B 1 60 ? -15.623 12.240  17.966  1.00 141.27 ? 60 ILE C CB  1 
ATOM 890  N N   . ASN B 1 61 ? -15.023 10.369  14.987  1.00 162.94 ? 61 ASN C N   1 
ATOM 891  C CA  . ASN B 1 61 ? -14.380 9.252   14.297  1.00 157.52 ? 61 ASN C CA  1 
ATOM 892  C C   . ASN B 1 61 ? -13.254 9.805   13.408  1.00 162.78 ? 61 ASN C C   1 
ATOM 893  O O   . ASN B 1 61 ? -13.078 9.342   12.281  1.00 163.66 ? 61 ASN C O   1 
ATOM 894  C CB  . ASN B 1 61 ? -15.445 8.372   13.617  1.00 132.32 ? 61 ASN C CB  1 
ATOM 895  C CG  . ASN B 1 61 ? -15.765 7.122   14.403  1.00 121.84 ? 61 ASN C CG  1 
ATOM 896  O OD1 . ASN B 1 61 ? -16.807 7.018   15.058  1.00 124.59 ? 61 ASN C OD1 1 
ATOM 897  N ND2 . ASN B 1 61 ? -14.857 6.159   14.350  1.00 123.44 ? 61 ASN C ND2 1 
ATOM 898  N N   . ARG B 1 62 ? -12.462 10.757  13.947  1.00 155.73 ? 62 ARG C N   1 
ATOM 899  C CA  . ARG B 1 62 ? -11.360 11.391  13.235  1.00 161.88 ? 62 ARG C CA  1 
ATOM 900  C C   . ARG B 1 62 ? -10.148 10.471  13.396  1.00 167.13 ? 62 ARG C C   1 
ATOM 901  O O   . ARG B 1 62 ? -9.281  10.755  14.219  1.00 198.88 ? 62 ARG C O   1 
ATOM 902  C CB  . ARG B 1 62 ? -11.191 12.812  13.791  1.00 166.25 ? 62 ARG C CB  1 
ATOM 903  C CG  . ARG B 1 62 ? -12.430 13.683  13.624  1.00 154.81 ? 62 ARG C CG  1 
ATOM 904  C CD  . ARG B 1 62 ? -12.278 15.061  14.246  1.00 157.66 ? 62 ARG C CD  1 
ATOM 905  N N   . ASP B 1 63 ? -10.162 9.302   12.709  1.00 158.45 ? 63 ASP C N   1 
ATOM 906  C CA  . ASP B 1 63 ? -9.422  8.067   13.011  1.00 139.70 ? 63 ASP C CA  1 
ATOM 907  C C   . ASP B 1 63 ? -8.729  8.041   14.382  1.00 130.90 ? 63 ASP C C   1 
ATOM 908  O O   . ASP B 1 63 ? -7.516  7.863   14.481  1.00 107.63 ? 63 ASP C O   1 
ATOM 909  C CB  . ASP B 1 63 ? -8.566  7.647   11.816  1.00 125.29 ? 63 ASP C CB  1 
ATOM 910  C CG  . ASP B 1 63 ? -9.288  7.087   10.591  1.00 128.76 ? 63 ASP C CG  1 
ATOM 911  O OD1 . ASP B 1 63 ? -10.532 6.921   10.622  1.00 122.37 ? 63 ASP C OD1 1 
ATOM 912  O OD2 . ASP B 1 63 ? -8.593  6.810   9.592   1.00 120.94 ? 63 ASP C OD2 1 
ATOM 913  N N   . GLN B 1 64 ? -9.534  8.231   15.443  1.00 107.19 ? 64 GLN C N   1 
ATOM 914  C CA  . GLN B 1 64 ? -9.278  7.620   16.736  1.00 99.64  ? 64 GLN C CA  1 
ATOM 915  C C   . GLN B 1 64 ? -9.468  6.113   16.584  1.00 113.78 ? 64 GLN C C   1 
ATOM 916  O O   . GLN B 1 64 ? -8.872  5.392   17.378  1.00 124.07 ? 64 GLN C O   1 
ATOM 917  C CB  . GLN B 1 64 ? -10.246 7.857   17.902  1.00 82.51  ? 64 GLN C CB  1 
ATOM 918  C CG  . GLN B 1 64 ? -10.675 9.293   18.185  1.00 90.46  ? 64 GLN C CG  1 
ATOM 919  C CD  . GLN B 1 64 ? -12.096 9.355   18.725  1.00 109.27 ? 64 GLN C CD  1 
ATOM 920  O OE1 . GLN B 1 64 ? -12.602 8.432   19.388  1.00 112.93 ? 64 GLN C OE1 1 
ATOM 921  N NE2 . GLN B 1 64 ? -12.777 10.438  18.380  1.00 95.68  ? 64 GLN C NE2 1 
ATOM 922  N N   . LEU B 1 65 ? -10.408 5.696   15.692  1.00 116.31 ? 65 LEU C N   1 
ATOM 923  C CA  . LEU B 1 65 ? -10.755 4.305   15.432  1.00 130.96 ? 65 LEU C CA  1 
ATOM 924  C C   . LEU B 1 65 ? -9.500  3.497   15.084  1.00 146.48 ? 65 LEU C C   1 
ATOM 925  O O   . LEU B 1 65 ? -9.269  2.510   15.771  1.00 186.23 ? 65 LEU C O   1 
ATOM 926  C CB  . LEU B 1 65 ? -11.859 4.128   14.382  1.00 120.27 ? 65 LEU C CB  1 
ATOM 927  N N   . ALA B 1 66 ? -8.688  3.947   14.104  1.00 143.35 ? 66 ALA C N   1 
ATOM 928  C CA  . ALA B 1 66 ? -7.454  3.253   13.714  1.00 128.49 ? 66 ALA C CA  1 
ATOM 929  C C   . ALA B 1 66 ? -6.348  3.321   14.786  1.00 117.42 ? 66 ALA C C   1 
ATOM 930  O O   . ALA B 1 66 ? -5.549  2.390   14.886  1.00 123.98 ? 66 ALA C O   1 
ATOM 931  C CB  . ALA B 1 66 ? -6.941  3.780   12.382  1.00 112.53 ? 66 ALA C CB  1 
ATOM 932  N N   . ALA B 1 67 ? -6.276  4.441   15.540  1.00 75.96  ? 67 ALA C N   1 
ATOM 933  C CA  . ALA B 1 67 ? -5.375  4.624   16.674  1.00 101.13 ? 67 ALA C CA  1 
ATOM 934  C C   . ALA B 1 67 ? -5.714  3.716   17.859  1.00 90.07  ? 67 ALA C C   1 
ATOM 935  O O   . ALA B 1 67 ? -4.787  3.185   18.463  1.00 106.70 ? 67 ALA C O   1 
ATOM 936  C CB  . ALA B 1 67 ? -5.362  6.081   17.123  1.00 98.14  ? 67 ALA C CB  1 
ATOM 937  N N   . GLN B 1 68 ? -7.005  3.596   18.215  1.00 104.50 ? 68 GLN C N   1 
ATOM 938  C CA  . GLN B 1 68 ? -7.462  2.933   19.436  1.00 94.18  ? 68 GLN C CA  1 
ATOM 939  C C   . GLN B 1 68 ? -7.187  1.432   19.413  1.00 96.33  ? 68 GLN C C   1 
ATOM 940  O O   . GLN B 1 68 ? -6.853  0.870   20.465  1.00 112.06 ? 68 GLN C O   1 
ATOM 941  C CB  . GLN B 1 68 ? -8.967  3.144   19.632  1.00 110.13 ? 68 GLN C CB  1 
ATOM 942  C CG  . GLN B 1 68 ? -9.537  2.488   20.888  1.00 129.19 ? 68 GLN C CG  1 
ATOM 943  C CD  . GLN B 1 68 ? -10.892 3.014   21.295  1.00 133.26 ? 68 GLN C CD  1 
ATOM 944  O OE1 . GLN B 1 68 ? -11.916 2.409   20.964  1.00 125.06 ? 68 GLN C OE1 1 
ATOM 945  N NE2 . GLN B 1 68 ? -10.910 4.125   22.023  1.00 134.77 ? 68 GLN C NE2 1 
ATOM 946  N N   . ILE B 1 69 ? -7.384  0.822   18.231  1.00 85.32  ? 69 ILE C N   1 
ATOM 947  C CA  . ILE B 1 69 ? -7.316  -0.623  18.034  1.00 107.36 ? 69 ILE C CA  1 
ATOM 948  C C   . ILE B 1 69 ? -5.925  -1.129  17.621  1.00 101.86 ? 69 ILE C C   1 
ATOM 949  O O   . ILE B 1 69 ? -5.796  -2.324  17.400  1.00 84.77  ? 69 ILE C O   1 
ATOM 950  C CB  . ILE B 1 69 ? -8.370  -1.052  16.989  1.00 116.19 ? 69 ILE C CB  1 
ATOM 951  C CG1 . ILE B 1 69 ? -8.011  -0.642  15.520  1.00 99.04  ? 69 ILE C CG1 1 
ATOM 952  C CG2 . ILE B 1 69 ? -9.771  -0.592  17.406  1.00 130.76 ? 69 ILE C CG2 1 
ATOM 953  C CD1 . ILE B 1 69 ? -8.886  -1.254  14.455  1.00 112.06 ? 69 ILE C CD1 1 
ATOM 954  N N   . VAL B 1 70 ? -4.956  -0.243  17.348  1.00 91.20  ? 70 VAL C N   1 
ATOM 955  C CA  . VAL B 1 70 ? -3.659  -0.626  16.798  1.00 92.98  ? 70 VAL C CA  1 
ATOM 956  C C   . VAL B 1 70 ? -2.898  -1.499  17.795  1.00 95.14  ? 70 VAL C C   1 
ATOM 957  O O   . VAL B 1 70 ? -2.303  -2.460  17.341  1.00 99.36  ? 70 VAL C O   1 
ATOM 958  C CB  . VAL B 1 70 ? -2.867  0.589   16.251  1.00 96.32  ? 70 VAL C CB  1 
ATOM 959  C CG1 . VAL B 1 70 ? -1.445  0.751   16.770  1.00 87.83  ? 70 VAL C CG1 1 
ATOM 960  C CG2 . VAL B 1 70 ? -2.900  0.650   14.717  1.00 92.50  ? 70 VAL C CG2 1 
ATOM 961  N N   . PRO B 1 71 ? -2.861  -1.219  19.120  1.00 74.06  ? 71 PRO C N   1 
ATOM 962  C CA  . PRO B 1 71 ? -2.393  -2.182  20.101  1.00 81.20  ? 71 PRO C CA  1 
ATOM 963  C C   . PRO B 1 71 ? -3.032  -3.568  19.998  1.00 83.65  ? 71 PRO C C   1 
ATOM 964  O O   . PRO B 1 71 ? -2.295  -4.548  19.924  1.00 67.92  ? 71 PRO C O   1 
ATOM 965  C CB  . PRO B 1 71 ? -2.635  -1.485  21.460  1.00 76.94  ? 71 PRO C CB  1 
ATOM 966  C CG  . PRO B 1 71 ? -3.540  -0.319  21.121  1.00 84.76  ? 71 PRO C CG  1 
ATOM 967  C CD  . PRO B 1 71 ? -3.060  0.089   19.775  1.00 95.83  ? 71 PRO C CD  1 
ATOM 968  N N   . GLN B 1 72 ? -4.374  -3.651  19.958  1.00 83.84  ? 72 GLN C N   1 
ATOM 969  C CA  . GLN B 1 72 ? -5.053  -4.951  19.956  1.00 71.70  ? 72 GLN C CA  1 
ATOM 970  C C   . GLN B 1 72 ? -4.688  -5.767  18.705  1.00 52.97  ? 72 GLN C C   1 
ATOM 971  O O   . GLN B 1 72 ? -4.318  -6.937  18.849  1.00 90.36  ? 72 GLN C O   1 
ATOM 972  C CB  . GLN B 1 72 ? -6.558  -4.916  20.190  1.00 82.06  ? 72 GLN C CB  1 
ATOM 973  C CG  . GLN B 1 72 ? -6.998  -4.432  21.577  1.00 78.98  ? 72 GLN C CG  1 
ATOM 974  C CD  . GLN B 1 72 ? -7.194  -2.934  21.630  1.00 80.70  ? 72 GLN C CD  1 
ATOM 975  O OE1 . GLN B 1 72 ? -6.300  -2.169  21.242  1.00 111.63 ? 72 GLN C OE1 1 
ATOM 976  N NE2 . GLN B 1 72 ? -8.368  -2.491  22.056  1.00 90.12  ? 72 GLN C NE2 1 
ATOM 977  N N   . ALA B 1 73 ? -4.617  -5.119  17.533  1.00 62.86  ? 73 ALA C N   1 
ATOM 978  C CA  . ALA B 1 73 ? -4.360  -5.774  16.242  1.00 76.27  ? 73 ALA C CA  1 
ATOM 979  C C   . ALA B 1 73 ? -2.975  -6.378  16.109  1.00 62.91  ? 73 ALA C C   1 
ATOM 980  O O   . ALA B 1 73 ? -2.839  -7.354  15.394  1.00 53.09  ? 73 ALA C O   1 
ATOM 981  C CB  . ALA B 1 73 ? -4.543  -4.813  15.090  1.00 71.53  ? 73 ALA C CB  1 
ATOM 982  N N   . ARG B 1 74 ? -1.953  -5.756  16.679  1.00 80.92  ? 74 ARG C N   1 
ATOM 983  C CA  . ARG B 1 74 ? -0.593  -6.281  16.564  1.00 94.86  ? 74 ARG C CA  1 
ATOM 984  C C   . ARG B 1 74 ? -0.386  -7.528  17.426  1.00 78.52  ? 74 ARG C C   1 
ATOM 985  O O   . ARG B 1 74 ? 0.362   -8.441  17.054  1.00 97.04  ? 74 ARG C O   1 
ATOM 986  C CB  . ARG B 1 74 ? 0.411   -5.188  16.929  1.00 105.68 ? 74 ARG C CB  1 
ATOM 987  C CG  . ARG B 1 74 ? 0.253   -3.936  16.073  1.00 105.42 ? 74 ARG C CG  1 
ATOM 988  C CD  . ARG B 1 74 ? 1.552   -3.222  15.760  1.00 115.41 ? 74 ARG C CD  1 
ATOM 989  N NE  . ARG B 1 74 ? 1.316   -1.784  15.584  1.00 111.19 ? 74 ARG C NE  1 
ATOM 990  C CZ  . ARG B 1 74 ? 1.742   -0.814  16.400  1.00 109.12 ? 74 ARG C CZ  1 
ATOM 991  N NH1 . ARG B 1 74 ? 2.201   -1.082  17.606  1.00 94.93  ? 74 ARG C NH1 1 
ATOM 992  N NH2 . ARG B 1 74 ? 1.708   0.444   16.003  1.00 102.98 ? 74 ARG C NH2 1 
ATOM 993  N N   . ALA B 1 75 ? -1.032  -7.501  18.596  1.00 70.82  ? 75 ALA C N   1 
ATOM 994  C CA  . ALA B 1 75 ? -1.032  -8.577  19.581  1.00 64.76  ? 75 ALA C CA  1 
ATOM 995  C C   . ALA B 1 75 ? -1.875  -9.787  19.192  1.00 57.39  ? 75 ALA C C   1 
ATOM 996  O O   . ALA B 1 75 ? -1.500  -10.911 19.542  1.00 100.52 ? 75 ALA C O   1 
ATOM 997  C CB  . ALA B 1 75 ? -1.567  -8.015  20.896  1.00 66.27  ? 75 ALA C CB  1 
ATOM 998  N N   . LEU B 1 76 ? -2.956  -9.584  18.410  1.00 72.29  ? 76 LEU C N   1 
ATOM 999  C CA  . LEU B 1 76 ? -3.746  -10.688 17.847  1.00 79.92  ? 76 LEU C CA  1 
ATOM 1000 C C   . LEU B 1 76 ? -3.040  -11.470 16.719  1.00 89.38  ? 76 LEU C C   1 
ATOM 1001 O O   . LEU B 1 76 ? -3.702  -12.323 16.119  1.00 71.50  ? 76 LEU C O   1 
ATOM 1002 C CB  . LEU B 1 76 ? -5.118  -10.152 17.392  1.00 71.87  ? 76 LEU C CB  1 
ATOM 1003 C CG  . LEU B 1 76 ? -6.314  -10.290 18.355  1.00 86.23  ? 76 LEU C CG  1 
ATOM 1004 C CD1 . LEU B 1 76 ? -6.037  -10.301 19.861  1.00 114.18 ? 76 LEU C CD1 1 
ATOM 1005 C CD2 . LEU B 1 76 ? -7.306  -9.175  18.085  1.00 97.83  ? 76 LEU C CD2 1 
ATOM 1006 N N   . VAL B 1 77 ? -1.750  -11.223 16.387  1.00 72.28  ? 77 VAL C N   1 
ATOM 1007 C CA  . VAL B 1 77 ? -1.068  -11.925 15.299  1.00 71.97  ? 77 VAL C CA  1 
ATOM 1008 C C   . VAL B 1 77 ? -0.530  -13.243 15.873  1.00 74.67  ? 77 VAL C C   1 
ATOM 1009 O O   . VAL B 1 77 ? 0.421   -13.141 16.632  1.00 71.91  ? 77 VAL C O   1 
ATOM 1010 C CB  . VAL B 1 77 ? 0.054   -11.005 14.747  1.00 60.20  ? 77 VAL C CB  1 
ATOM 1011 C CG1 . VAL B 1 77 ? 0.942   -11.679 13.676  1.00 46.85  ? 77 VAL C CG1 1 
ATOM 1012 C CG2 . VAL B 1 77 ? -0.484  -9.680  14.221  1.00 71.89  ? 77 VAL C CG2 1 
ATOM 1013 N N   . PRO B 1 78 ? -1.054  -14.488 15.585  1.00 81.46  ? 78 PRO C N   1 
ATOM 1014 C CA  . PRO B 1 78 ? -0.390  -15.745 15.951  1.00 69.42  ? 78 PRO C CA  1 
ATOM 1015 C C   . PRO B 1 78 ? 1.136   -15.713 15.822  1.00 56.58  ? 78 PRO C C   1 
ATOM 1016 O O   . PRO B 1 78 ? 1.663   -15.149 14.861  1.00 66.78  ? 78 PRO C O   1 
ATOM 1017 C CB  . PRO B 1 78 ? -0.933  -16.819 14.947  1.00 55.67  ? 78 PRO C CB  1 
ATOM 1018 C CG  . PRO B 1 78 ? -2.266  -16.303 14.540  1.00 53.72  ? 78 PRO C CG  1 
ATOM 1019 C CD  . PRO B 1 78 ? -2.331  -14.806 14.907  1.00 86.97  ? 78 PRO C CD  1 
ATOM 1020 N N   . GLU B 1 79 ? 1.827   -16.284 16.799  1.00 59.10  ? 79 GLU C N   1 
ATOM 1021 C CA  . GLU B 1 79 ? 3.273   -16.074 16.975  1.00 72.19  ? 79 GLU C CA  1 
ATOM 1022 C C   . GLU B 1 79 ? 4.070   -16.806 15.883  1.00 68.37  ? 79 GLU C C   1 
ATOM 1023 O O   . GLU B 1 79 ? 5.222   -16.456 15.621  1.00 93.45  ? 79 GLU C O   1 
ATOM 1024 C CB  . GLU B 1 79 ? 3.632   -16.369 18.444  1.00 72.65  ? 79 GLU C CB  1 
ATOM 1025 C CG  . GLU B 1 79 ? 3.026   -15.408 19.492  1.00 64.01  ? 79 GLU C CG  1 
ATOM 1026 C CD  . GLU B 1 79 ? 3.653   -14.015 19.655  1.00 94.17  ? 79 GLU C CD  1 
ATOM 1027 O OE1 . GLU B 1 79 ? 4.859   -13.858 19.230  1.00 72.62  ? 79 GLU C OE1 1 
ATOM 1028 O OE2 . GLU B 1 79 ? 2.910   -13.078 20.126  1.00 90.09  ? 79 GLU C OE2 1 
ATOM 1029 N N   . VAL B 1 80 ? 3.432   -17.818 15.259  1.00 69.15  ? 80 VAL C N   1 
ATOM 1030 C CA  . VAL B 1 80 ? 3.920   -18.559 14.104  1.00 84.91  ? 80 VAL C CA  1 
ATOM 1031 C C   . VAL B 1 80 ? 3.981   -17.674 12.855  1.00 85.31  ? 80 VAL C C   1 
ATOM 1032 O O   . VAL B 1 80 ? 4.919   -17.809 12.087  1.00 77.81  ? 80 VAL C O   1 
ATOM 1033 C CB  . VAL B 1 80 ? 3.059   -19.834 13.873  1.00 118.31 ? 80 VAL C CB  1 
ATOM 1034 C CG1 . VAL B 1 80 ? 1.600   -19.565 13.480  1.00 115.41 ? 80 VAL C CG1 1 
ATOM 1035 C CG2 . VAL B 1 80 ? 3.688   -20.778 12.851  1.00 146.26 ? 80 VAL C CG2 1 
ATOM 1036 N N   . VAL B 1 81 ? 2.946   -16.845 12.625  1.00 82.24  ? 81 VAL C N   1 
ATOM 1037 C CA  . VAL B 1 81 ? 2.900   -15.889 11.536  1.00 95.01  ? 81 VAL C CA  1 
ATOM 1038 C C   . VAL B 1 81 ? 4.019   -14.889 11.770  1.00 83.70  ? 81 VAL C C   1 
ATOM 1039 O O   . VAL B 1 81 ? 4.900   -14.787 10.931  1.00 84.28  ? 81 VAL C O   1 
ATOM 1040 C CB  . VAL B 1 81 ? 1.541   -15.164 11.387  1.00 113.30 ? 81 VAL C CB  1 
ATOM 1041 C CG1 . VAL B 1 81 ? 1.583   -14.029 10.350  1.00 108.34 ? 81 VAL C CG1 1 
ATOM 1042 C CG2 . VAL B 1 81 ? 0.407   -16.146 11.097  1.00 117.94 ? 81 VAL C CG2 1 
ATOM 1043 N N   . LYS B 1 82 ? 4.014   -14.272 12.963  1.00 76.26  ? 82 LYS C N   1 
ATOM 1044 C CA  . LYS B 1 82 ? 5.010   -13.284 13.350  1.00 75.41  ? 82 LYS C CA  1 
ATOM 1045 C C   . LYS B 1 82 ? 6.420   -13.787 13.066  1.00 92.55  ? 82 LYS C C   1 
ATOM 1046 O O   . LYS B 1 82 ? 7.190   -13.029 12.493  1.00 116.44 ? 82 LYS C O   1 
ATOM 1047 C CB  . LYS B 1 82 ? 4.842   -12.849 14.815  1.00 82.82  ? 82 LYS C CB  1 
ATOM 1048 C CG  . LYS B 1 82 ? 5.986   -11.964 15.349  1.00 78.94  ? 82 LYS C CG  1 
ATOM 1049 C CD  . LYS B 1 82 ? 5.608   -11.035 16.508  1.00 74.50  ? 82 LYS C CD  1 
ATOM 1050 C CE  . LYS B 1 82 ? 6.810   -10.388 17.162  1.00 61.67  ? 82 LYS C CE  1 
ATOM 1051 N NZ  . LYS B 1 82 ? 6.772   -10.471 18.635  1.00 74.94  ? 82 LYS C NZ  1 
ATOM 1052 N N   . ASN B 1 83 ? 6.703   -15.062 13.384  1.00 103.00 ? 83 ASN C N   1 
ATOM 1053 C CA  . ASN B 1 83 ? 8.037   -15.623 13.212  1.00 109.96 ? 83 ASN C CA  1 
ATOM 1054 C C   . ASN B 1 83 ? 8.446   -15.758 11.733  1.00 95.05  ? 83 ASN C C   1 
ATOM 1055 O O   . ASN B 1 83 ? 9.540   -15.303 11.389  1.00 74.40  ? 83 ASN C O   1 
ATOM 1056 C CB  . ASN B 1 83 ? 8.200   -16.887 14.051  1.00 118.03 ? 83 ASN C CB  1 
ATOM 1057 C CG  . ASN B 1 83 ? 9.600   -17.450 13.958  1.00 126.20 ? 83 ASN C CG  1 
ATOM 1058 O OD1 . ASN B 1 83 ? 10.587  -16.708 14.073  1.00 131.10 ? 83 ASN C OD1 1 
ATOM 1059 N ND2 . ASN B 1 83 ? 9.709   -18.742 13.683  1.00 111.84 ? 83 ASN C ND2 1 
ATOM 1060 N N   . GLU B 1 84 ? 7.602   -16.340 10.852  1.00 102.64 ? 84 GLU C N   1 
ATOM 1061 C CA  . GLU B 1 84 ? 7.874   -16.450 9.406   1.00 94.87  ? 84 GLU C CA  1 
ATOM 1062 C C   . GLU B 1 84 ? 8.218   -15.097 8.759   1.00 91.73  ? 84 GLU C C   1 
ATOM 1063 O O   . GLU B 1 84 ? 9.052   -15.025 7.859   1.00 99.76  ? 84 GLU C O   1 
ATOM 1064 C CB  . GLU B 1 84 ? 6.685   -17.071 8.663   1.00 83.60  ? 84 GLU C CB  1 
ATOM 1065 C CG  . GLU B 1 84 ? 6.954   -17.402 7.190   1.00 104.87 ? 84 GLU C CG  1 
ATOM 1066 C CD  . GLU B 1 84 ? 5.779   -17.705 6.265   1.00 95.58  ? 84 GLU C CD  1 
ATOM 1067 O OE1 . GLU B 1 84 ? 4.655   -17.919 6.776   1.00 102.23 ? 84 GLU C OE1 1 
ATOM 1068 O OE2 . GLU B 1 84 ? 5.992   -17.723 5.007   1.00 102.78 ? 84 GLU C OE2 1 
ATOM 1069 N N   . MET B 1 85 ? 7.519   -14.041 9.216   1.00 105.74 ? 85 MET C N   1 
ATOM 1070 C CA  . MET B 1 85 ? 7.656   -12.667 8.745   1.00 97.20  ? 85 MET C CA  1 
ATOM 1071 C C   . MET B 1 85 ? 8.951   -12.012 9.191   1.00 96.48  ? 85 MET C C   1 
ATOM 1072 O O   . MET B 1 85 ? 9.643   -11.447 8.348   1.00 101.38 ? 85 MET C O   1 
ATOM 1073 C CB  . MET B 1 85 ? 6.471   -11.801 9.208   1.00 81.48  ? 85 MET C CB  1 
ATOM 1074 C CG  . MET B 1 85 ? 5.173   -12.124 8.471   1.00 71.43  ? 85 MET C CG  1 
ATOM 1075 S SD  . MET B 1 85 ? 5.352   -12.182 6.674   1.00 86.66  ? 85 MET C SD  1 
ATOM 1076 C CE  . MET B 1 85 ? 6.241   -10.637 6.329   1.00 45.90  ? 85 MET C CE  1 
ATOM 1077 N N   . MET B 1 86 ? 9.247   -12.079 10.503  1.00 96.30  ? 86 MET C N   1 
ATOM 1078 C CA  . MET B 1 86 ? 10.562  -11.731 11.031  1.00 88.12  ? 86 MET C CA  1 
ATOM 1079 C C   . MET B 1 86 ? 11.680  -12.559 10.368  1.00 88.61  ? 86 MET C C   1 
ATOM 1080 O O   . MET B 1 86 ? 12.785  -12.049 10.334  1.00 73.04  ? 86 MET C O   1 
ATOM 1081 C CB  . MET B 1 86 ? 10.600  -11.890 12.558  1.00 91.60  ? 86 MET C CB  1 
ATOM 1082 C CG  . MET B 1 86 ? 9.653   -10.976 13.336  1.00 82.58  ? 86 MET C CG  1 
ATOM 1083 S SD  . MET B 1 86 ? 9.838   -9.209  13.037  1.00 70.97  ? 86 MET C SD  1 
ATOM 1084 C CE  . MET B 1 86 ? 11.407  -8.870  13.841  1.00 99.78  ? 86 MET C CE  1 
ATOM 1085 N N   . LEU B 1 87 ? 11.406  -13.779 9.818   1.00 95.53  ? 87 LEU C N   1 
ATOM 1086 C CA  . LEU B 1 87 ? 12.337  -14.510 8.950   1.00 83.14  ? 87 LEU C CA  1 
ATOM 1087 C C   . LEU B 1 87 ? 12.680  -13.683 7.704   1.00 88.12  ? 87 LEU C C   1 
ATOM 1088 O O   . LEU B 1 87 ? 13.846  -13.246 7.574   1.00 76.27  ? 87 LEU C O   1 
ATOM 1089 C CB  . LEU B 1 87 ? 11.991  -15.936 8.494   1.00 89.62  ? 87 LEU C CB  1 
ATOM 1090 C CG  . LEU B 1 87 ? 11.840  -17.073 9.515   1.00 100.67 ? 87 LEU C CG  1 
ATOM 1091 C CD1 . LEU B 1 87 ? 11.892  -18.415 8.773   1.00 113.58 ? 87 LEU C CD1 1 
ATOM 1092 C CD2 . LEU B 1 87 ? 12.851  -17.068 10.634  1.00 67.51  ? 87 LEU C CD2 1 
ATOM 1093 N N   . ARG B 1 88 ? 11.685  -13.472 6.814   1.00 82.39  ? 88 ARG C N   1 
ATOM 1094 C CA  . ARG B 1 88 ? 11.943  -12.860 5.506   1.00 99.25  ? 88 ARG C CA  1 
ATOM 1095 C C   . ARG B 1 88 ? 12.395  -11.396 5.627   1.00 104.37 ? 88 ARG C C   1 
ATOM 1096 O O   . ARG B 1 88 ? 13.295  -11.013 4.857   1.00 108.08 ? 88 ARG C O   1 
ATOM 1097 C CB  . ARG B 1 88 ? 10.849  -13.120 4.455   1.00 125.17 ? 88 ARG C CB  1 
ATOM 1098 C CG  . ARG B 1 88 ? 11.188  -14.203 3.430   1.00 128.02 ? 88 ARG C CG  1 
ATOM 1099 C CD  . ARG B 1 88 ? 9.966   -14.824 2.826   1.00 127.39 ? 88 ARG C CD  1 
ATOM 1100 N NE  . ARG B 1 88 ? 9.462   -15.832 3.769   1.00 144.89 ? 88 ARG C NE  1 
ATOM 1101 C CZ  . ARG B 1 88 ? 9.204   -17.119 3.528   1.00 177.79 ? 88 ARG C CZ  1 
ATOM 1102 N NH1 . ARG B 1 88 ? 9.164   -17.601 2.296   1.00 182.98 ? 88 ARG C NH1 1 
ATOM 1103 N NH2 . ARG B 1 88 ? 8.951   -17.933 4.538   1.00 199.07 ? 88 ARG C NH2 1 
ATOM 1104 N N   . VAL B 1 89 ? 11.877  -10.654 6.640   1.00 88.12  ? 89 VAL C N   1 
ATOM 1105 C CA  . VAL B 1 89 ? 12.252  -9.254  6.899   1.00 79.50  ? 89 VAL C CA  1 
ATOM 1106 C C   . VAL B 1 89 ? 13.768  -9.051  7.078   1.00 85.86  ? 89 VAL C C   1 
ATOM 1107 O O   . VAL B 1 89 ? 14.282  -7.977  6.715   1.00 79.43  ? 89 VAL C O   1 
ATOM 1108 C CB  . VAL B 1 89 ? 11.470  -8.702  8.115   1.00 65.32  ? 89 VAL C CB  1 
ATOM 1109 C CG1 . VAL B 1 89 ? 12.041  -7.385  8.704   1.00 46.81  ? 89 VAL C CG1 1 
ATOM 1110 C CG2 . VAL B 1 89 ? 9.997   -8.499  7.764   1.00 72.17  ? 89 VAL C CG2 1 
ATOM 1111 N N   . HIS B 1 90 ? 14.424  -10.020 7.752   1.00 99.13  ? 90 HIS C N   1 
ATOM 1112 C CA  . HIS B 1 90 ? 15.877  -10.069 7.922   1.00 94.06  ? 90 HIS C CA  1 
ATOM 1113 C C   . HIS B 1 90 ? 16.534  -10.397 6.581   1.00 90.88  ? 90 HIS C C   1 
ATOM 1114 O O   . HIS B 1 90 ? 17.394  -9.634  6.138   1.00 116.90 ? 90 HIS C O   1 
ATOM 1115 C CB  . HIS B 1 90 ? 16.226  -10.964 9.125   1.00 112.03 ? 90 HIS C CB  1 
ATOM 1116 C CG  . HIS B 1 90 ? 15.750  -10.409 10.447  1.00 119.86 ? 90 HIS C CG  1 
ATOM 1117 N ND1 . HIS B 1 90 ? 14.730  -10.900 11.239  1.00 97.59  ? 90 HIS C ND1 1 
ATOM 1118 C CD2 . HIS B 1 90 ? 16.235  -9.357  11.124  1.00 106.42 ? 90 HIS C CD2 1 
ATOM 1119 C CE1 . HIS B 1 90 ? 14.592  -10.154 12.317  1.00 113.62 ? 90 HIS C CE1 1 
ATOM 1120 N NE2 . HIS B 1 90 ? 15.514  -9.220  12.287  1.00 108.07 ? 90 HIS C NE2 1 
ATOM 1121 N N   . ALA B 1 91 ? 16.048  -11.448 5.890   1.00 94.12  ? 91 ALA C N   1 
ATOM 1122 C CA  . ALA B 1 91 ? 16.551  -11.887 4.587   1.00 101.68 ? 91 ALA C CA  1 
ATOM 1123 C C   . ALA B 1 91 ? 16.169  -10.913 3.463   1.00 101.93 ? 91 ALA C C   1 
ATOM 1124 O O   . ALA B 1 91 ? 15.486  -11.266 2.500   1.00 141.62 ? 91 ALA C O   1 
ATOM 1125 C CB  . ALA B 1 91 ? 16.024  -13.281 4.301   1.00 97.36  ? 91 ALA C CB  1 
ATOM 1126 N N   . ALA B 1 92 ? 16.674  -9.683  3.574   1.00 106.28 ? 92 ALA C N   1 
ATOM 1127 C CA  . ALA B 1 92 ? 16.075  -8.486  2.994   1.00 111.01 ? 92 ALA C CA  1 
ATOM 1128 C C   . ALA B 1 92 ? 16.791  -7.264  3.555   1.00 99.65  ? 92 ALA C C   1 
ATOM 1129 O O   . ALA B 1 92 ? 17.424  -6.548  2.777   1.00 95.27  ? 92 ALA C O   1 
ATOM 1130 C CB  . ALA B 1 92 ? 14.572  -8.385  3.259   1.00 121.23 ? 92 ALA C CB  1 
ATOM 1131 N N   . LEU B 1 93 ? 16.711  -7.080  4.900   1.00 84.94  ? 93 LEU C N   1 
ATOM 1132 C CA  . LEU B 1 93 ? 17.403  -5.985  5.582   1.00 96.99  ? 93 LEU C CA  1 
ATOM 1133 C C   . LEU B 1 93 ? 18.917  -6.142  5.387   1.00 121.06 ? 93 LEU C C   1 
ATOM 1134 O O   . LEU B 1 93 ? 19.592  -5.195  4.974   1.00 129.59 ? 93 LEU C O   1 
ATOM 1135 C CB  . LEU B 1 93 ? 17.033  -5.897  7.064   1.00 99.67  ? 93 LEU C CB  1 
ATOM 1136 C CG  . LEU B 1 93 ? 15.838  -4.995  7.403   1.00 102.70 ? 93 LEU C CG  1 
ATOM 1137 C CD1 . LEU B 1 93 ? 15.064  -5.398  8.651   1.00 86.05  ? 93 LEU C CD1 1 
ATOM 1138 C CD2 . LEU B 1 93 ? 16.309  -3.549  7.563   1.00 96.84  ? 93 LEU C CD2 1 
ATOM 1139 N N   . ASP B 1 94 ? 19.412  -7.351  5.713   1.00 147.24 ? 94 ASP C N   1 
ATOM 1140 C CA  . ASP B 1 94 ? 20.734  -7.824  5.323   1.00 158.83 ? 94 ASP C CA  1 
ATOM 1141 C C   . ASP B 1 94 ? 20.585  -9.002  4.356   1.00 154.99 ? 94 ASP C C   1 
ATOM 1142 O O   . ASP B 1 94 ? 19.563  -9.700  4.341   1.00 161.00 ? 94 ASP C O   1 
ATOM 1143 C CB  . ASP B 1 94 ? 21.619  -8.116  6.527   1.00 162.39 ? 94 ASP C CB  1 
ATOM 1144 N N   . LYS B 1 95 ? 21.615  -9.155  3.507   1.00 136.24 ? 95 LYS C N   1 
ATOM 1145 C CA  . LYS B 1 95 ? 21.724  -10.222 2.516   1.00 123.94 ? 95 LYS C CA  1 
ATOM 1146 C C   . LYS B 1 95 ? 23.147  -10.194 1.917   1.00 104.50 ? 95 LYS C C   1 
ATOM 1147 O O   . LYS B 1 95 ? 23.929  -11.096 2.262   1.00 104.44 ? 95 LYS C O   1 
ATOM 1148 C CB  . LYS B 1 95 ? 20.669  -10.195 1.393   1.00 107.64 ? 95 LYS C CB  1 
ATOM 1149 C CG  . LYS B 1 95 ? 20.566  -9.017  0.398   1.00 86.54  ? 95 LYS C CG  1 
ATOM 1150 C CD  . LYS B 1 95 ? 19.704  -7.796  0.731   1.00 105.62 ? 95 LYS C CD  1 
ATOM 1151 C CE  . LYS B 1 95 ? 20.250  -6.710  1.645   1.00 93.47  ? 95 LYS C CE  1 
ATOM 1152 N NZ  . LYS B 1 95 ? 21.663  -6.359  1.466   1.00 83.69  ? 95 LYS C NZ  1 
ATOM 1153 N N   . SER C 2 3  ? -21.406 -1.073  -9.764  1.00 107.02 ? 3  SER B N   1 
ATOM 1154 C CA  . SER C 2 3  ? -21.149 -1.061  -11.232 1.00 103.94 ? 3  SER B CA  1 
ATOM 1155 C C   . SER C 2 3  ? -20.034 -0.065  -11.574 1.00 115.91 ? 3  SER B C   1 
ATOM 1156 O O   . SER C 2 3  ? -19.062 -0.433  -12.234 1.00 129.59 ? 3  SER B O   1 
ATOM 1157 C CB  . SER C 2 3  ? -22.418 -0.794  -11.998 1.00 97.29  ? 3  SER B CB  1 
ATOM 1158 O OG  . SER C 2 3  ? -23.127 0.309   -11.452 1.00 121.48 ? 3  SER B OG  1 
ATOM 1159 N N   . LEU C 2 4  ? -20.174 1.178   -11.082 1.00 121.73 ? 4  LEU B N   1 
ATOM 1160 C CA  . LEU C 2 4  ? -19.087 2.163   -11.022 1.00 124.22 ? 4  LEU B CA  1 
ATOM 1161 C C   . LEU C 2 4  ? -17.855 1.645   -10.257 1.00 137.36 ? 4  LEU B C   1 
ATOM 1162 O O   . LEU C 2 4  ? -16.774 2.153   -10.529 1.00 150.13 ? 4  LEU B O   1 
ATOM 1163 C CB  . LEU C 2 4  ? -19.556 3.511   -10.452 1.00 107.12 ? 4  LEU B CB  1 
ATOM 1164 N N   . ASP C 2 5  ? -18.019 0.698   -9.297  1.00 130.29 ? 5  ASP B N   1 
ATOM 1165 C CA  . ASP C 2 5  ? -16.944 0.022   -8.556  1.00 119.18 ? 5  ASP B CA  1 
ATOM 1166 C C   . ASP C 2 5  ? -15.757 -0.366  -9.452  1.00 132.66 ? 5  ASP B C   1 
ATOM 1167 O O   . ASP C 2 5  ? -14.713 0.294   -9.349  1.00 178.26 ? 5  ASP B O   1 
ATOM 1168 C CB  . ASP C 2 5  ? -17.467 -1.116  -7.675  1.00 119.25 ? 5  ASP B CB  1 
ATOM 1169 N N   . GLU C 2 6  ? -16.003 -1.250  -10.450 1.00 115.61 ? 6  GLU B N   1 
ATOM 1170 C CA  . GLU C 2 6  ? -15.015 -1.655  -11.462 1.00 117.80 ? 6  GLU B CA  1 
ATOM 1171 C C   . GLU C 2 6  ? -14.416 -0.470  -12.253 1.00 124.24 ? 6  GLU B C   1 
ATOM 1172 O O   . GLU C 2 6  ? -13.248 -0.530  -12.676 1.00 91.56  ? 6  GLU B O   1 
ATOM 1173 C CB  . GLU C 2 6  ? -15.603 -2.616  -12.508 1.00 83.50  ? 6  GLU B CB  1 
ATOM 1174 N N   . ALA C 2 7  ? -15.261 0.562   -12.476 1.00 133.28 ? 7  ALA B N   1 
ATOM 1175 C CA  . ALA C 2 7  ? -14.935 1.778   -13.210 1.00 126.00 ? 7  ALA B CA  1 
ATOM 1176 C C   . ALA C 2 7  ? -14.056 2.734   -12.406 1.00 114.68 ? 7  ALA B C   1 
ATOM 1177 O O   . ALA C 2 7  ? -13.187 3.345   -13.007 1.00 87.13  ? 7  ALA B O   1 
ATOM 1178 C CB  . ALA C 2 7  ? -16.207 2.475   -13.692 1.00 126.76 ? 7  ALA B CB  1 
ATOM 1179 N N   . ALA C 2 8  ? -14.308 2.908   -11.094 1.00 127.10 ? 8  ALA B N   1 
ATOM 1180 C CA  . ALA C 2 8  ? -13.406 3.612   -10.170 1.00 123.80 ? 8  ALA B CA  1 
ATOM 1181 C C   . ALA C 2 8  ? -12.013 2.986   -10.080 1.00 101.87 ? 8  ALA B C   1 
ATOM 1182 O O   . ALA C 2 8  ? -11.024 3.701   -9.857  1.00 114.43 ? 8  ALA B O   1 
ATOM 1183 C CB  . ALA C 2 8  ? -14.027 3.700   -8.788  1.00 113.06 ? 8  ALA B CB  1 
ATOM 1184 N N   . ASN C 2 9  ? -11.966 1.660   -10.231 1.00 100.93 ? 9  ASN B N   1 
ATOM 1185 C CA  . ASN C 2 9  ? -10.737 0.895   -10.163 1.00 98.27  ? 9  ASN B CA  1 
ATOM 1186 C C   . ASN C 2 9  ? -9.954  1.083   -11.466 1.00 110.83 ? 9  ASN B C   1 
ATOM 1187 O O   . ASN C 2 9  ? -8.736  1.046   -11.392 1.00 109.29 ? 9  ASN B O   1 
ATOM 1188 C CB  . ASN C 2 9  ? -11.024 -0.563  -9.788  1.00 115.92 ? 9  ASN B CB  1 
ATOM 1189 C CG  . ASN C 2 9  ? -11.909 -0.762  -8.564  1.00 129.55 ? 9  ASN B CG  1 
ATOM 1190 O OD1 . ASN C 2 9  ? -12.591 -1.795  -8.490  1.00 123.61 ? 9  ASN B OD1 1 
ATOM 1191 N ND2 . ASN C 2 9  ? -12.023 0.226   -7.672  1.00 108.93 ? 9  ASN B ND2 1 
ATOM 1192 N N   . TYR C 2 10 ? -10.630 1.241   -12.628 1.00 104.13 ? 10 TYR B N   1 
ATOM 1193 C CA  . TYR C 2 10 ? -9.974  1.537   -13.898 1.00 96.67  ? 10 TYR B CA  1 
ATOM 1194 C C   . TYR C 2 10 ? -9.357  2.935   -13.927 1.00 99.69  ? 10 TYR B C   1 
ATOM 1195 O O   . TYR C 2 10 ? -8.268  3.067   -14.472 1.00 91.21  ? 10 TYR B O   1 
ATOM 1196 C CB  . TYR C 2 10 ? -10.926 1.456   -15.091 1.00 98.83  ? 10 TYR B CB  1 
ATOM 1197 C CG  . TYR C 2 10 ? -10.276 1.487   -16.466 1.00 74.03  ? 10 TYR B CG  1 
ATOM 1198 C CD1 . TYR C 2 10 ? -9.324  0.531   -16.856 1.00 96.38  ? 10 TYR B CD1 1 
ATOM 1199 C CD2 . TYR C 2 10 ? -10.630 2.458   -17.398 1.00 67.18  ? 10 TYR B CD2 1 
ATOM 1200 C CE1 . TYR C 2 10 ? -8.739  0.556   -18.123 1.00 90.93  ? 10 TYR B CE1 1 
ATOM 1201 C CE2 . TYR C 2 10 ? -10.061 2.489   -18.671 1.00 106.05 ? 10 TYR B CE2 1 
ATOM 1202 C CZ  . TYR C 2 10 ? -9.124  1.524   -19.043 1.00 105.79 ? 10 TYR B CZ  1 
ATOM 1203 O OH  . TYR C 2 10 ? -8.565  1.573   -20.293 1.00 113.58 ? 10 TYR B OH  1 
ATOM 1204 N N   . LEU C 2 11 ? -10.050 3.953   -13.379 1.00 73.63  ? 11 LEU B N   1 
ATOM 1205 C CA  . LEU C 2 11 ? -9.539  5.323   -13.273 1.00 90.56  ? 11 LEU B CA  1 
ATOM 1206 C C   . LEU C 2 11 ? -8.213  5.363   -12.497 1.00 98.95  ? 11 LEU B C   1 
ATOM 1207 O O   . LEU C 2 11 ? -7.158  5.654   -13.095 1.00 84.99  ? 11 LEU B O   1 
ATOM 1208 C CB  . LEU C 2 11 ? -10.546 6.292   -12.645 1.00 100.22 ? 11 LEU B CB  1 
ATOM 1209 C CG  . LEU C 2 11 ? -11.320 7.190   -13.610 1.00 120.35 ? 11 LEU B CG  1 
ATOM 1210 C CD1 . LEU C 2 11 ? -12.338 6.358   -14.387 1.00 124.07 ? 11 LEU B CD1 1 
ATOM 1211 C CD2 . LEU C 2 11 ? -11.965 8.349   -12.846 1.00 104.96 ? 11 LEU B CD2 1 
ATOM 1212 N N   . TYR C 2 12 ? -8.295  4.956   -11.207 1.00 102.60 ? 12 TYR B N   1 
ATOM 1213 C CA  . TYR C 2 12 ? -7.182  4.912   -10.255 1.00 92.52  ? 12 TYR B CA  1 
ATOM 1214 C C   . TYR C 2 12 ? -6.003  4.137   -10.857 1.00 77.99  ? 12 TYR B C   1 
ATOM 1215 O O   . TYR C 2 12 ? -4.883  4.632   -10.904 1.00 81.67  ? 12 TYR B O   1 
ATOM 1216 C CB  . TYR C 2 12 ? -7.685  4.351   -8.907  1.00 98.46  ? 12 TYR B CB  1 
ATOM 1217 C CG  . TYR C 2 12 ? -6.595  4.030   -7.887  1.00 96.31  ? 12 TYR B CG  1 
ATOM 1218 C CD1 . TYR C 2 12 ? -6.065  5.004   -7.024  1.00 74.14  ? 12 TYR B CD1 1 
ATOM 1219 C CD2 . TYR C 2 12 ? -6.044  2.743   -7.819  1.00 74.48  ? 12 TYR B CD2 1 
ATOM 1220 C CE1 . TYR C 2 12 ? -5.060  4.679   -6.110  1.00 57.96  ? 12 TYR B CE1 1 
ATOM 1221 C CE2 . TYR C 2 12 ? -5.027  2.425   -6.917  1.00 85.71  ? 12 TYR B CE2 1 
ATOM 1222 C CZ  . TYR C 2 12 ? -4.526  3.403   -6.065  1.00 70.35  ? 12 TYR B CZ  1 
ATOM 1223 O OH  . TYR C 2 12 ? -3.533  3.089   -5.185  1.00 88.12  ? 12 TYR B OH  1 
ATOM 1224 N N   . GLN C 2 13 ? -6.266  2.933   -11.375 1.00 77.76  ? 13 GLN B N   1 
ATOM 1225 C CA  . GLN C 2 13 ? -5.221  2.107   -11.964 1.00 61.16  ? 13 GLN B CA  1 
ATOM 1226 C C   . GLN C 2 13 ? -4.609  2.773   -13.203 1.00 59.96  ? 13 GLN B C   1 
ATOM 1227 O O   . GLN C 2 13 ? -3.427  2.585   -13.411 1.00 70.89  ? 13 GLN B O   1 
ATOM 1228 C CB  . GLN C 2 13 ? -5.819  0.713   -12.093 1.00 72.65  ? 13 GLN B CB  1 
ATOM 1229 C CG  . GLN C 2 13 ? -4.876  -0.357  -12.616 1.00 99.27  ? 13 GLN B CG  1 
ATOM 1230 C CD  . GLN C 2 13 ? -5.175  -0.783  -14.040 1.00 131.70 ? 13 GLN B CD  1 
ATOM 1231 O OE1 . GLN C 2 13 ? -5.364  -1.973  -14.321 1.00 159.15 ? 13 GLN B OE1 1 
ATOM 1232 N NE2 . GLN C 2 13 ? -5.241  0.176   -14.956 1.00 155.25 ? 13 GLN B NE2 1 
ATOM 1233 N N   . SER C 2 14 ? -5.367  3.573   -13.981 1.00 66.70  ? 14 SER B N   1 
ATOM 1234 C CA  . SER C 2 14 ? -4.882  4.214   -15.207 1.00 54.92  ? 14 SER B CA  1 
ATOM 1235 C C   . SER C 2 14 ? -4.034  5.436   -14.881 1.00 75.88  ? 14 SER B C   1 
ATOM 1236 O O   . SER C 2 14 ? -2.931  5.539   -15.426 1.00 87.23  ? 14 SER B O   1 
ATOM 1237 C CB  . SER C 2 14 ? -6.006  4.572   -16.110 1.00 69.63  ? 14 SER B CB  1 
ATOM 1238 O OG  . SER C 2 14 ? -6.714  3.374   -16.415 1.00 106.84 ? 14 SER B OG  1 
ATOM 1239 N N   . LEU C 2 15 ? -4.536  6.320   -13.987 1.00 63.78  ? 15 LEU B N   1 
ATOM 1240 C CA  . LEU C 2 15 ? -3.777  7.449   -13.426 1.00 79.46  ? 15 LEU B CA  1 
ATOM 1241 C C   . LEU C 2 15 ? -2.458  7.021   -12.743 1.00 77.50  ? 15 LEU B C   1 
ATOM 1242 O O   . LEU C 2 15 ? -1.455  7.721   -12.884 1.00 86.60  ? 15 LEU B O   1 
ATOM 1243 C CB  . LEU C 2 15 ? -4.657  8.256   -12.457 1.00 64.21  ? 15 LEU B CB  1 
ATOM 1244 C CG  . LEU C 2 15 ? -5.884  8.953   -13.061 1.00 73.20  ? 15 LEU B CG  1 
ATOM 1245 C CD1 . LEU C 2 15 ? -6.937  9.106   -11.977 1.00 82.51  ? 15 LEU B CD1 1 
ATOM 1246 C CD2 . LEU C 2 15 ? -5.530  10.293  -13.744 1.00 77.97  ? 15 LEU B CD2 1 
ATOM 1247 N N   . LEU C 2 16 ? -2.434  5.839   -12.099 1.00 73.16  ? 16 LEU B N   1 
ATOM 1248 C CA  . LEU C 2 16 ? -1.256  5.297   -11.419 1.00 40.33  ? 16 LEU B CA  1 
ATOM 1249 C C   . LEU C 2 16 ? -0.245  4.727   -12.399 1.00 61.95  ? 16 LEU B C   1 
ATOM 1250 O O   . LEU C 2 16 ? 0.941   4.992   -12.253 1.00 86.52  ? 16 LEU B O   1 
ATOM 1251 C CB  . LEU C 2 16 ? -1.783  4.273   -10.419 1.00 47.88  ? 16 LEU B CB  1 
ATOM 1252 C CG  . LEU C 2 16 ? -0.801  3.599   -9.444  1.00 60.82  ? 16 LEU B CG  1 
ATOM 1253 C CD1 . LEU C 2 16 ? -0.219  4.518   -8.390  1.00 64.15  ? 16 LEU B CD1 1 
ATOM 1254 C CD2 . LEU C 2 16 ? -1.587  2.509   -8.710  1.00 56.67  ? 16 LEU B CD2 1 
ATOM 1255 N N   . ASP C 2 17 ? -0.678  3.888   -13.342 1.00 56.68  ? 17 ASP B N   1 
ATOM 1256 C CA  . ASP C 2 17 ? 0.203   3.460   -14.432 1.00 64.74  ? 17 ASP B CA  1 
ATOM 1257 C C   . ASP C 2 17 ? 0.763   4.684   -15.201 1.00 55.44  ? 17 ASP B C   1 
ATOM 1258 O O   . ASP C 2 17 ? 1.904   4.630   -15.659 1.00 69.11  ? 17 ASP B O   1 
ATOM 1259 C CB  . ASP C 2 17 ? -0.481  2.523   -15.438 1.00 66.16  ? 17 ASP B CB  1 
ATOM 1260 C CG  . ASP C 2 17 ? -1.172  1.253   -14.949 1.00 76.96  ? 17 ASP B CG  1 
ATOM 1261 O OD1 . ASP C 2 17 ? -0.611  0.502   -14.088 1.00 55.92  ? 17 ASP B OD1 1 
ATOM 1262 O OD2 . ASP C 2 17 ? -2.256  0.973   -15.494 1.00 70.48  ? 17 ASP B OD2 1 
ATOM 1263 N N   . ASP C 2 18 ? -0.025  5.772   -15.387 1.00 71.19  ? 18 ASP B N   1 
ATOM 1264 C CA  . ASP C 2 18 ? 0.451   7.026   -15.992 1.00 66.18  ? 18 ASP B CA  1 
ATOM 1265 C C   . ASP C 2 18 ? 1.450   7.769   -15.093 1.00 93.21  ? 18 ASP B C   1 
ATOM 1266 O O   . ASP C 2 18 ? 2.196   8.580   -15.614 1.00 110.54 ? 18 ASP B O   1 
ATOM 1267 C CB  . ASP C 2 18 ? -0.672  7.997   -16.348 1.00 70.63  ? 18 ASP B CB  1 
ATOM 1268 C CG  . ASP C 2 18 ? -0.328  9.071   -17.389 1.00 74.81  ? 18 ASP B CG  1 
ATOM 1269 O OD1 . ASP C 2 18 ? 0.145   8.703   -18.503 1.00 83.16  ? 18 ASP B OD1 1 
ATOM 1270 O OD2 . ASP C 2 18 ? -0.534  10.265  -17.092 1.00 69.08  ? 18 ASP B OD2 1 
ATOM 1271 N N   . ALA C 2 19 ? 1.429   7.592   -13.756 1.00 85.90  ? 19 ALA B N   1 
ATOM 1272 C CA  . ALA C 2 19 ? 2.417   8.215   -12.862 1.00 75.12  ? 19 ALA B CA  1 
ATOM 1273 C C   . ALA C 2 19 ? 3.778   7.540   -12.921 1.00 82.83  ? 19 ALA B C   1 
ATOM 1274 O O   . ALA C 2 19 ? 4.766   8.210   -12.655 1.00 89.32  ? 19 ALA B O   1 
ATOM 1275 C CB  . ALA C 2 19 ? 1.948   8.197   -11.451 1.00 58.08  ? 19 ALA B CB  1 
ATOM 1276 N N   . VAL C 2 20 ? 3.785   6.220   -13.158 1.00 78.04  ? 20 VAL B N   1 
ATOM 1277 C CA  . VAL C 2 20 ? 4.999   5.437   -13.346 1.00 73.96  ? 20 VAL B CA  1 
ATOM 1278 C C   . VAL C 2 20 ? 5.746   5.889   -14.604 1.00 75.44  ? 20 VAL B C   1 
ATOM 1279 O O   . VAL C 2 20 ? 6.971   5.933   -14.577 1.00 98.51  ? 20 VAL B O   1 
ATOM 1280 C CB  . VAL C 2 20 ? 4.713   3.916   -13.416 1.00 51.32  ? 20 VAL B CB  1 
ATOM 1281 C CG1 . VAL C 2 20 ? 6.002   3.128   -13.707 1.00 68.33  ? 20 VAL B CG1 1 
ATOM 1282 C CG2 . VAL C 2 20 ? 4.103   3.378   -12.120 1.00 51.69  ? 20 VAL B CG2 1 
ATOM 1283 N N   . VAL C 2 21 ? 5.023   6.113   -15.713 1.00 82.80  ? 21 VAL B N   1 
ATOM 1284 C CA  . VAL C 2 21 ? 5.595   6.621   -16.959 1.00 95.52  ? 21 VAL B CA  1 
ATOM 1285 C C   . VAL C 2 21 ? 6.181   8.025   -16.703 1.00 112.51 ? 21 VAL B C   1 
ATOM 1286 O O   . VAL C 2 21 ? 7.310   8.266   -17.122 1.00 116.28 ? 21 VAL B O   1 
ATOM 1287 C CB  . VAL C 2 21 ? 4.613   6.614   -18.158 1.00 91.30  ? 21 VAL B CB  1 
ATOM 1288 C CG1 . VAL C 2 21 ? 5.272   7.114   -19.445 1.00 94.82  ? 21 VAL B CG1 1 
ATOM 1289 C CG2 . VAL C 2 21 ? 3.977   5.252   -18.452 1.00 86.02  ? 21 VAL B CG2 1 
ATOM 1290 N N   . GLY C 2 22 ? 5.444   8.906   -15.972 1.00 114.64 ? 22 GLY B N   1 
ATOM 1291 C CA  . GLY C 2 22 ? 5.875   10.222  -15.491 1.00 112.39 ? 22 GLY B CA  1 
ATOM 1292 C C   . GLY C 2 22 ? 7.348   10.283  -15.088 1.00 125.70 ? 22 GLY B C   1 
ATOM 1293 O O   . GLY C 2 22 ? 8.129   10.908  -15.814 1.00 131.66 ? 22 GLY B O   1 
ATOM 1294 N N   . ILE C 2 23 ? 7.693   9.540   -14.006 1.00 130.63 ? 23 ILE B N   1 
ATOM 1295 C CA  . ILE C 2 23 ? 9.054   9.148   -13.628 1.00 111.16 ? 23 ILE B CA  1 
ATOM 1296 C C   . ILE C 2 23 ? 9.817   8.706   -14.877 1.00 116.32 ? 23 ILE B C   1 
ATOM 1297 O O   . ILE C 2 23 ? 10.745  9.403   -15.282 1.00 108.08 ? 23 ILE B O   1 
ATOM 1298 C CB  . ILE C 2 23 ? 9.065   8.031   -12.548 1.00 94.48  ? 23 ILE B CB  1 
ATOM 1299 C CG1 . ILE C 2 23 ? 8.586   8.522   -11.186 1.00 80.03  ? 23 ILE B CG1 1 
ATOM 1300 C CG2 . ILE C 2 23 ? 10.432  7.325   -12.403 1.00 99.12  ? 23 ILE B CG2 1 
ATOM 1301 C CD1 . ILE C 2 23 ? 7.999   7.402   -10.345 1.00 64.41  ? 23 ILE B CD1 1 
ATOM 1302 N N   . PHE C 2 24 ? 9.348   7.591   -15.480 1.00 136.21 ? 24 PHE B N   1 
ATOM 1303 C CA  . PHE C 2 24 ? 10.048  6.796   -16.490 1.00 142.56 ? 24 PHE B CA  1 
ATOM 1304 C C   . PHE C 2 24 ? 10.623  7.645   -17.630 1.00 162.53 ? 24 PHE B C   1 
ATOM 1305 O O   . PHE C 2 24 ? 11.734  7.346   -18.072 1.00 161.80 ? 24 PHE B O   1 
ATOM 1306 C CB  . PHE C 2 24 ? 9.196   5.696   -17.156 1.00 133.47 ? 24 PHE B CB  1 
ATOM 1307 C CG  . PHE C 2 24 ? 9.914   4.378   -17.432 1.00 126.71 ? 24 PHE B CG  1 
ATOM 1308 C CD1 . PHE C 2 24 ? 10.921  4.271   -18.406 1.00 133.55 ? 24 PHE B CD1 1 
ATOM 1309 C CD2 . PHE C 2 24 ? 9.565   3.221   -16.719 1.00 113.38 ? 24 PHE B CD2 1 
ATOM 1310 C CE1 . PHE C 2 24 ? 11.571  3.051   -18.643 1.00 129.22 ? 24 PHE B CE1 1 
ATOM 1311 C CE2 . PHE C 2 24 ? 10.214  2.001   -16.957 1.00 118.30 ? 24 PHE B CE2 1 
ATOM 1312 C CZ  . PHE C 2 24 ? 11.218  1.915   -17.917 1.00 99.13  ? 24 PHE B CZ  1 
ATOM 1313 N N   . ASN C 2 25 ? 9.886   8.692   -18.080 1.00 193.84 ? 25 ASN B N   1 
ATOM 1314 C CA  . ASN C 2 25 ? 10.305  9.523   -19.206 1.00 199.06 ? 25 ASN B CA  1 
ATOM 1315 C C   . ASN C 2 25 ? 11.641  10.191  -18.848 1.00 195.44 ? 25 ASN B C   1 
ATOM 1316 O O   . ASN C 2 25 ? 12.649  9.828   -19.464 1.00 188.32 ? 25 ASN B O   1 
ATOM 1317 C CB  . ASN C 2 25 ? 9.140   10.296  -19.853 1.00 196.97 ? 25 ASN B CB  1 
ATOM 1318 C CG  . ASN C 2 25 ? 8.560   11.511  -19.157 1.00 160.04 ? 25 ASN B CG  1 
ATOM 1319 O OD1 . ASN C 2 25 ? 9.171   12.104  -18.256 1.00 171.24 ? 25 ASN B OD1 1 
ATOM 1320 N ND2 . ASN C 2 25 ? 7.393   11.930  -19.644 1.00 94.24  ? 25 ASN B ND2 1 
ATOM 1321 N N   . GLU C 2 26 ? 11.691  10.983  -17.755 1.00 185.17 ? 26 GLU B N   1 
ATOM 1322 C CA  . GLU C 2 26 ? 12.922  11.662  -17.337 1.00 170.13 ? 26 GLU B CA  1 
ATOM 1323 C C   . GLU C 2 26 ? 13.958  10.653  -16.757 1.00 144.71 ? 26 GLU B C   1 
ATOM 1324 O O   . GLU C 2 26 ? 13.761  10.076  -15.649 1.00 93.18  ? 26 GLU B O   1 
ATOM 1325 C CB  . GLU C 2 26 ? 12.680  12.951  -16.534 1.00 149.17 ? 26 GLU B CB  1 
ATOM 1326 C CG  . GLU C 2 26 ? 12.128  12.829  -15.114 1.00 131.13 ? 26 GLU B CG  1 
ATOM 1327 C CD  . GLU C 2 26 ? 10.627  12.870  -14.890 1.00 130.02 ? 26 GLU B CD  1 
ATOM 1328 O OE1 . GLU C 2 26 ? 9.836   13.377  -15.740 1.00 79.74  ? 26 GLU B OE1 1 
ATOM 1329 O OE2 . GLU C 2 26 ? 10.276  12.404  -13.777 1.00 133.10 ? 26 GLU B OE2 1 
ATOM 1330 N N   . SER D 2 1  ? 20.550  -7.620  18.129  1.00 157.70 ? 1  SER D N   1 
ATOM 1331 C CA  . SER D 2 1  ? 21.072  -7.400  16.750  1.00 140.55 ? 1  SER D CA  1 
ATOM 1332 C C   . SER D 2 1  ? 21.130  -5.924  16.300  1.00 133.01 ? 1  SER D C   1 
ATOM 1333 O O   . SER D 2 1  ? 21.447  -5.696  15.124  1.00 135.83 ? 1  SER D O   1 
ATOM 1334 C CB  . SER D 2 1  ? 20.298  -8.277  15.764  1.00 131.29 ? 1  SER D CB  1 
ATOM 1335 N N   . GLY D 2 2  ? 20.908  -4.928  17.205  1.00 120.00 ? 2  GLY D N   1 
ATOM 1336 C CA  . GLY D 2 2  ? 20.931  -3.503  16.880  1.00 116.79 ? 2  GLY D CA  1 
ATOM 1337 C C   . GLY D 2 2  ? 20.094  -3.216  15.637  1.00 107.99 ? 2  GLY D C   1 
ATOM 1338 O O   . GLY D 2 2  ? 18.887  -3.444  15.708  1.00 112.53 ? 2  GLY D O   1 
ATOM 1339 N N   . SER D 2 3  ? 20.766  -2.977  14.486  1.00 98.08  ? 3  SER D N   1 
ATOM 1340 C CA  . SER D 2 3  ? 20.108  -2.786  13.191  1.00 117.95 ? 3  SER D CA  1 
ATOM 1341 C C   . SER D 2 3  ? 19.105  -3.912  12.916  1.00 132.98 ? 3  SER D C   1 
ATOM 1342 O O   . SER D 2 3  ? 17.900  -3.700  13.073  1.00 129.52 ? 3  SER D O   1 
ATOM 1343 C CB  . SER D 2 3  ? 21.101  -2.651  12.047  1.00 104.88 ? 3  SER D CB  1 
ATOM 1344 O OG  . SER D 2 3  ? 20.487  -2.935  10.789  1.00 104.06 ? 3  SER D OG  1 
ATOM 1345 N N   . LEU D 2 4  ? 19.628  -5.143  12.719  1.00 142.38 ? 4  LEU D N   1 
ATOM 1346 C CA  . LEU D 2 4  ? 18.823  -6.317  12.364  1.00 149.65 ? 4  LEU D CA  1 
ATOM 1347 C C   . LEU D 2 4  ? 17.660  -6.528  13.354  1.00 159.11 ? 4  LEU D C   1 
ATOM 1348 O O   . LEU D 2 4  ? 16.557  -6.816  12.894  1.00 167.92 ? 4  LEU D O   1 
ATOM 1349 C CB  . LEU D 2 4  ? 19.668  -7.585  12.187  1.00 135.84 ? 4  LEU D CB  1 
ATOM 1350 C CG  . LEU D 2 4  ? 20.369  -7.799  10.837  1.00 124.98 ? 4  LEU D CG  1 
ATOM 1351 C CD1 . LEU D 2 4  ? 19.394  -8.265  9.785   1.00 112.07 ? 4  LEU D CD1 1 
ATOM 1352 C CD2 . LEU D 2 4  ? 21.143  -6.593  10.330  1.00 126.68 ? 4  LEU D CD2 1 
ATOM 1353 N N   . ASP D 2 5  ? 17.838  -6.196  14.656  1.00 154.75 ? 5  ASP D N   1 
ATOM 1354 C CA  . ASP D 2 5  ? 16.794  -6.323  15.668  1.00 135.19 ? 5  ASP D CA  1 
ATOM 1355 C C   . ASP D 2 5  ? 15.784  -5.179  15.512  1.00 115.91 ? 5  ASP D C   1 
ATOM 1356 O O   . ASP D 2 5  ? 14.763  -5.380  14.858  1.00 148.31 ? 5  ASP D O   1 
ATOM 1357 C CB  . ASP D 2 5  ? 17.362  -6.546  17.065  1.00 135.93 ? 5  ASP D CB  1 
ATOM 1358 C CG  . ASP D 2 5  ? 16.361  -6.437  18.204  1.00 131.39 ? 5  ASP D CG  1 
ATOM 1359 O OD1 . ASP D 2 5  ? 15.425  -7.255  18.242  1.00 118.12 ? 5  ASP D OD1 1 
ATOM 1360 O OD2 . ASP D 2 5  ? 16.473  -5.476  18.977  1.00 153.28 ? 5  ASP D OD2 1 
ATOM 1361 N N   . GLU D 2 6  ? 16.037  -4.021  16.148  1.00 108.05 ? 6  GLU D N   1 
ATOM 1362 C CA  . GLU D 2 6  ? 15.047  -2.949  16.300  1.00 115.76 ? 6  GLU D CA  1 
ATOM 1363 C C   . GLU D 2 6  ? 14.600  -2.350  14.954  1.00 136.47 ? 6  GLU D C   1 
ATOM 1364 O O   . GLU D 2 6  ? 13.445  -1.896  14.874  1.00 160.72 ? 6  GLU D O   1 
ATOM 1365 C CB  . GLU D 2 6  ? 15.415  -1.834  17.285  1.00 110.23 ? 6  GLU D CB  1 
ATOM 1366 C CG  . GLU D 2 6  ? 16.799  -1.226  17.072  1.00 132.10 ? 6  GLU D CG  1 
ATOM 1367 C CD  . GLU D 2 6  ? 17.862  -1.696  18.054  1.00 146.72 ? 6  GLU D CD  1 
ATOM 1368 O OE1 . GLU D 2 6  ? 17.933  -2.910  18.355  1.00 171.99 ? 6  GLU D OE1 1 
ATOM 1369 O OE2 . GLU D 2 6  ? 18.645  -0.844  18.508  1.00 175.89 ? 6  GLU D OE2 1 
ATOM 1370 N N   . ALA D 2 7  ? 15.454  -2.397  13.898  1.00 130.43 ? 7  ALA D N   1 
ATOM 1371 C CA  . ALA D 2 7  ? 15.074  -1.932  12.554  1.00 128.07 ? 7  ALA D CA  1 
ATOM 1372 C C   . ALA D 2 7  ? 14.067  -2.854  11.852  1.00 121.25 ? 7  ALA D C   1 
ATOM 1373 O O   . ALA D 2 7  ? 13.172  -2.351  11.172  1.00 126.21 ? 7  ALA D O   1 
ATOM 1374 C CB  . ALA D 2 7  ? 16.277  -1.675  11.658  1.00 121.18 ? 7  ALA D CB  1 
ATOM 1375 N N   . ALA D 2 8  ? 14.229  -4.185  11.984  1.00 117.63 ? 8  ALA D N   1 
ATOM 1376 C CA  . ALA D 2 8  ? 13.196  -5.151  11.586  1.00 95.98  ? 8  ALA D CA  1 
ATOM 1377 C C   . ALA D 2 8  ? 11.886  -4.983  12.360  1.00 97.01  ? 8  ALA D C   1 
ATOM 1378 O O   . ALA D 2 8  ? 10.843  -5.368  11.850  1.00 92.53  ? 8  ALA D O   1 
ATOM 1379 C CB  . ALA D 2 8  ? 13.678  -6.574  11.764  1.00 78.71  ? 8  ALA D CB  1 
ATOM 1380 N N   . ASN D 2 9  ? 11.965  -4.512  13.610  1.00 89.00  ? 9  ASN D N   1 
ATOM 1381 C CA  . ASN D 2 9  ? 10.812  -4.274  14.463  1.00 85.91  ? 9  ASN D CA  1 
ATOM 1382 C C   . ASN D 2 9  ? 10.031  -3.042  13.973  1.00 100.07 ? 9  ASN D C   1 
ATOM 1383 O O   . ASN D 2 9  ? 8.804   -3.048  14.092  1.00 116.13 ? 9  ASN D O   1 
ATOM 1384 C CB  . ASN D 2 9  ? 11.235  -4.328  15.941  1.00 76.01  ? 9  ASN D CB  1 
ATOM 1385 C CG  . ASN D 2 9  ? 11.498  -5.748  16.456  1.00 77.37  ? 9  ASN D CG  1 
ATOM 1386 O OD1 . ASN D 2 9  ? 12.605  -6.292  16.390  1.00 71.07  ? 9  ASN D OD1 1 
ATOM 1387 N ND2 . ASN D 2 9  ? 10.472  -6.455  16.901  1.00 65.95  ? 9  ASN D ND2 1 
ATOM 1388 N N   . TYR D 2 10 ? 10.722  -2.010  13.439  1.00 93.41  ? 10 TYR D N   1 
ATOM 1389 C CA  . TYR D 2 10 ? 10.095  -0.839  12.836  1.00 87.51  ? 10 TYR D CA  1 
ATOM 1390 C C   . TYR D 2 10 ? 9.355   -1.206  11.548  1.00 92.96  ? 10 TYR D C   1 
ATOM 1391 O O   . TYR D 2 10 ? 8.244   -0.709  11.346  1.00 97.14  ? 10 TYR D O   1 
ATOM 1392 C CB  . TYR D 2 10 ? 11.101  0.270   12.498  1.00 89.58  ? 10 TYR D CB  1 
ATOM 1393 C CG  . TYR D 2 10 ? 10.508  1.572   11.965  1.00 87.23  ? 10 TYR D CG  1 
ATOM 1394 C CD1 . TYR D 2 10 ? 9.762   2.416   12.794  1.00 85.82  ? 10 TYR D CD1 1 
ATOM 1395 C CD2 . TYR D 2 10 ? 10.715  1.989   10.643  1.00 103.54 ? 10 TYR D CD2 1 
ATOM 1396 C CE1 . TYR D 2 10 ? 9.231   3.622   12.323  1.00 86.38  ? 10 TYR D CE1 1 
ATOM 1397 C CE2 . TYR D 2 10 ? 10.184  3.185   10.161  1.00 89.84  ? 10 TYR D CE2 1 
ATOM 1398 C CZ  . TYR D 2 10 ? 9.437   4.006   11.001  1.00 107.61 ? 10 TYR D CZ  1 
ATOM 1399 O OH  . TYR D 2 10 ? 8.926   5.193   10.525  1.00 108.45 ? 10 TYR D OH  1 
ATOM 1400 N N   . LEU D 2 11 ? 9.998   -2.018  10.682  1.00 77.55  ? 11 LEU D N   1 
ATOM 1401 C CA  . LEU D 2 11 ? 9.414   -2.504  9.446   1.00 68.08  ? 11 LEU D CA  1 
ATOM 1402 C C   . LEU D 2 11 ? 8.089   -3.230  9.682   1.00 72.50  ? 11 LEU D C   1 
ATOM 1403 O O   . LEU D 2 11 ? 7.045   -2.747  9.240   1.00 105.65 ? 11 LEU D O   1 
ATOM 1404 C CB  . LEU D 2 11 ? 10.380  -3.350  8.603   1.00 70.91  ? 11 LEU D CB  1 
ATOM 1405 C CG  . LEU D 2 11 ? 10.926  -2.627  7.367   1.00 88.54  ? 11 LEU D CG  1 
ATOM 1406 C CD1 . LEU D 2 11 ? 11.872  -1.482  7.808   1.00 84.67  ? 11 LEU D CD1 1 
ATOM 1407 C CD2 . LEU D 2 11 ? 11.559  -3.613  6.371   1.00 88.21  ? 11 LEU D CD2 1 
ATOM 1408 N N   . TYR D 2 12 ? 8.157   -4.357  10.386  1.00 56.50  ? 12 TYR D N   1 
ATOM 1409 C CA  . TYR D 2 12 ? 7.020   -5.215  10.753  1.00 67.80  ? 12 TYR D CA  1 
ATOM 1410 C C   . TYR D 2 12 ? 5.865   -4.400  11.360  1.00 64.45  ? 12 TYR D C   1 
ATOM 1411 O O   . TYR D 2 12 ? 4.734   -4.496  10.907  1.00 73.39  ? 12 TYR D O   1 
ATOM 1412 C CB  . TYR D 2 12 ? 7.550   -6.323  11.705  1.00 77.14  ? 12 TYR D CB  1 
ATOM 1413 C CG  . TYR D 2 12 ? 6.457   -7.235  12.240  1.00 74.74  ? 12 TYR D CG  1 
ATOM 1414 C CD1 . TYR D 2 12 ? 5.904   -8.258  11.451  1.00 54.19  ? 12 TYR D CD1 1 
ATOM 1415 C CD2 . TYR D 2 12 ? 5.887   -6.986  13.491  1.00 60.85  ? 12 TYR D CD2 1 
ATOM 1416 C CE1 . TYR D 2 12 ? 4.823   -8.994  11.912  1.00 56.88  ? 12 TYR D CE1 1 
ATOM 1417 C CE2 . TYR D 2 12 ? 4.861   -7.787  13.990  1.00 59.90  ? 12 TYR D CE2 1 
ATOM 1418 C CZ  . TYR D 2 12 ? 4.323   -8.789  13.195  1.00 63.11  ? 12 TYR D CZ  1 
ATOM 1419 O OH  . TYR D 2 12 ? 3.244   -9.536  13.638  1.00 79.79  ? 12 TYR D OH  1 
ATOM 1420 N N   . GLN D 2 13 ? 6.148   -3.547  12.349  1.00 78.15  ? 13 GLN D N   1 
ATOM 1421 C CA  . GLN D 2 13 ? 5.110   -2.715  12.952  1.00 81.34  ? 13 GLN D CA  1 
ATOM 1422 C C   . GLN D 2 13 ? 4.495   -1.733  11.927  1.00 91.59  ? 13 GLN D C   1 
ATOM 1423 O O   . GLN D 2 13 ? 3.300   -1.454  12.012  1.00 106.57 ? 13 GLN D O   1 
ATOM 1424 C CB  . GLN D 2 13 ? 5.706   -2.178  14.254  1.00 93.36  ? 13 GLN D CB  1 
ATOM 1425 C CG  . GLN D 2 13 ? 4.738   -1.355  15.092  1.00 112.89 ? 13 GLN D CG  1 
ATOM 1426 C CD  . GLN D 2 13 ? 4.991   0.143   15.067  1.00 144.77 ? 13 GLN D CD  1 
ATOM 1427 O OE1 . GLN D 2 13 ? 5.135   0.782   16.120  1.00 127.25 ? 13 GLN D OE1 1 
ATOM 1428 N NE2 . GLN D 2 13 ? 5.049   0.724   13.874  1.00 144.71 ? 13 GLN D NE2 1 
ATOM 1429 N N   . SER D 2 14 ? 5.273   -1.266  10.937  1.00 79.03  ? 14 SER D N   1 
ATOM 1430 C CA  . SER D 2 14 ? 4.819   -0.303  9.939   1.00 87.92  ? 14 SER D CA  1 
ATOM 1431 C C   . SER D 2 14 ? 3.963   -0.966  8.850   1.00 88.39  ? 14 SER D C   1 
ATOM 1432 O O   . SER D 2 14 ? 2.866   -0.472  8.550   1.00 89.94  ? 14 SER D O   1 
ATOM 1433 C CB  . SER D 2 14 ? 6.012   0.435   9.382   1.00 82.36  ? 14 SER D CB  1 
ATOM 1434 O OG  . SER D 2 14 ? 6.712   1.047   10.471  1.00 91.15  ? 14 SER D OG  1 
ATOM 1435 N N   . LEU D 2 15 ? 4.455   -2.090  8.287   1.00 65.09  ? 15 LEU D N   1 
ATOM 1436 C CA  . LEU D 2 15 ? 3.695   -3.003  7.407   1.00 79.56  ? 15 LEU D CA  1 
ATOM 1437 C C   . LEU D 2 15 ? 2.366   -3.481  8.021   1.00 62.55  ? 15 LEU D C   1 
ATOM 1438 O O   . LEU D 2 15 ? 1.365   -3.597  7.315   1.00 80.02  ? 15 LEU D O   1 
ATOM 1439 C CB  . LEU D 2 15 ? 4.542   -4.222  7.007   1.00 73.83  ? 15 LEU D CB  1 
ATOM 1440 C CG  . LEU D 2 15 ? 5.774   -3.927  6.136   1.00 82.30  ? 15 LEU D CG  1 
ATOM 1441 C CD1 . LEU D 2 15 ? 6.854   -4.962  6.337   1.00 95.96  ? 15 LEU D CD1 1 
ATOM 1442 C CD2 . LEU D 2 15 ? 5.446   -3.838  4.656   1.00 89.30  ? 15 LEU D CD2 1 
ATOM 1443 N N   . LEU D 2 16 ? 2.337   -3.684  9.344   1.00 60.03  ? 16 LEU D N   1 
ATOM 1444 C CA  . LEU D 2 16 ? 1.157   -4.180  10.042  1.00 61.24  ? 16 LEU D CA  1 
ATOM 1445 C C   . LEU D 2 16 ? 0.126   -3.090  10.291  1.00 53.05  ? 16 LEU D C   1 
ATOM 1446 O O   . LEU D 2 16 ? -1.056  -3.312  10.066  1.00 80.69  ? 16 LEU D O   1 
ATOM 1447 C CB  . LEU D 2 16 ? 1.607   -4.835  11.342  1.00 57.19  ? 16 LEU D CB  1 
ATOM 1448 C CG  . LEU D 2 16 ? 0.583   -5.746  12.034  1.00 56.20  ? 16 LEU D CG  1 
ATOM 1449 C CD1 . LEU D 2 16 ? 0.289   -6.979  11.218  1.00 63.48  ? 16 LEU D CD1 1 
ATOM 1450 C CD2 . LEU D 2 16 ? 1.204   -6.210  13.308  1.00 59.49  ? 16 LEU D CD2 1 
ATOM 1451 N N   . ASP D 2 17 ? 0.557   -1.906  10.728  1.00 51.79  ? 17 ASP D N   1 
ATOM 1452 C CA  . ASP D 2 17 ? -0.306  -0.728  10.725  1.00 64.07  ? 17 ASP D CA  1 
ATOM 1453 C C   . ASP D 2 17 ? -0.871  -0.407  9.317   1.00 46.04  ? 17 ASP D C   1 
ATOM 1454 O O   . ASP D 2 17 ? -2.045  -0.023  9.238   1.00 70.90  ? 17 ASP D O   1 
ATOM 1455 C CB  . ASP D 2 17 ? 0.409   0.485   11.320  1.00 65.46  ? 17 ASP D CB  1 
ATOM 1456 C CG  . ASP D 2 17 ? 0.903   0.347   12.749  1.00 65.28  ? 17 ASP D CG  1 
ATOM 1457 O OD1 . ASP D 2 17 ? 0.238   -0.382  13.541  1.00 85.88  ? 17 ASP D OD1 1 
ATOM 1458 O OD2 . ASP D 2 17 ? 1.965   0.964   13.062  1.00 67.50  ? 17 ASP D OD2 1 
ATOM 1459 N N   . ASP D 2 18 ? -0.105  -0.597  8.216   1.00 67.38  ? 18 ASP D N   1 
ATOM 1460 C CA  . ASP D 2 18 ? -0.617  -0.451  6.821   1.00 56.39  ? 18 ASP D CA  1 
ATOM 1461 C C   . ASP D 2 18 ? -1.607  -1.564  6.458   1.00 64.30  ? 18 ASP D C   1 
ATOM 1462 O O   . ASP D 2 18 ? -2.368  -1.394  5.513   1.00 60.13  ? 18 ASP D O   1 
ATOM 1463 C CB  . ASP D 2 18 ? 0.531   -0.460  5.802   1.00 58.54  ? 18 ASP D CB  1 
ATOM 1464 C CG  . ASP D 2 18 ? 0.264   -0.128  4.341   1.00 66.97  ? 18 ASP D CG  1 
ATOM 1465 O OD1 . ASP D 2 18 ? -0.293  0.961   4.058   1.00 99.31  ? 18 ASP D OD1 1 
ATOM 1466 O OD2 . ASP D 2 18 ? 0.666   -0.938  3.487   1.00 73.84  ? 18 ASP D OD2 1 
ATOM 1467 N N   . ALA D 2 19 ? -1.570  -2.738  7.117   1.00 51.29  ? 19 ALA D N   1 
ATOM 1468 C CA  . ALA D 2 19 ? -2.531  -3.809  6.801   1.00 48.51  ? 19 ALA D CA  1 
ATOM 1469 C C   . ALA D 2 19 ? -3.883  -3.558  7.436   1.00 63.02  ? 19 ALA D C   1 
ATOM 1470 O O   . ALA D 2 19 ? -4.872  -4.098  6.943   1.00 75.37  ? 19 ALA D O   1 
ATOM 1471 C CB  . ALA D 2 19 ? -2.031  -5.136  7.270   1.00 41.72  ? 19 ALA D CB  1 
ATOM 1472 N N   . VAL D 2 20 ? -3.876  -2.881  8.598   1.00 54.80  ? 20 VAL D N   1 
ATOM 1473 C CA  . VAL D 2 20 ? -5.080  -2.521  9.334   1.00 69.63  ? 20 VAL D CA  1 
ATOM 1474 C C   . VAL D 2 20 ? -5.893  -1.516  8.525   1.00 76.99  ? 20 VAL D C   1 
ATOM 1475 O O   . VAL D 2 20 ? -7.116  -1.602  8.553   1.00 107.91 ? 20 VAL D O   1 
ATOM 1476 C CB  . VAL D 2 20 ? -4.770  -1.941  10.734  1.00 65.25  ? 20 VAL D CB  1 
ATOM 1477 C CG1 . VAL D 2 20 ? -5.999  -1.344  11.437  1.00 75.48  ? 20 VAL D CG1 1 
ATOM 1478 C CG2 . VAL D 2 20 ? -4.110  -2.987  11.642  1.00 76.13  ? 20 VAL D CG2 1 
ATOM 1479 N N   . VAL D 2 21 ? -5.220  -0.536  7.896   1.00 88.06  ? 21 VAL D N   1 
ATOM 1480 C CA  . VAL D 2 21 ? -5.888  0.460   7.064   1.00 78.70  ? 21 VAL D CA  1 
ATOM 1481 C C   . VAL D 2 21 ? -6.506  -0.262  5.837   1.00 99.85  ? 21 VAL D C   1 
ATOM 1482 O O   . VAL D 2 21 ? -7.666  0.000   5.518   1.00 100.20 ? 21 VAL D O   1 
ATOM 1483 C CB  . VAL D 2 21 ? -4.944  1.615   6.657   1.00 69.32  ? 21 VAL D CB  1 
ATOM 1484 C CG1 . VAL D 2 21 ? -5.691  2.677   5.860   1.00 70.46  ? 21 VAL D CG1 1 
ATOM 1485 C CG2 . VAL D 2 21 ? -4.211  2.317   7.816   1.00 72.42  ? 21 VAL D CG2 1 
ATOM 1486 N N   . GLY D 2 22 ? -5.759  -1.207  5.204   1.00 118.93 ? 22 GLY D N   1 
ATOM 1487 C CA  . GLY D 2 22 ? -6.226  -2.132  4.162   1.00 117.96 ? 22 GLY D CA  1 
ATOM 1488 C C   . GLY D 2 22 ? -7.684  -2.593  4.326   1.00 121.63 ? 22 GLY D C   1 
ATOM 1489 O O   . GLY D 2 22 ? -8.535  -2.163  3.545   1.00 146.29 ? 22 GLY D O   1 
ATOM 1490 N N   . ILE D 2 23 ? -7.946  -3.383  5.393   1.00 92.23  ? 23 ILE D N   1 
ATOM 1491 C CA  . ILE D 2 23 ? -9.273  -3.632  5.959   1.00 81.55  ? 23 ILE D CA  1 
ATOM 1492 C C   . ILE D 2 23 ? -10.077 -2.338  6.036   1.00 93.52  ? 23 ILE D C   1 
ATOM 1493 O O   . ILE D 2 23 ? -11.082 -2.231  5.344   1.00 106.00 ? 23 ILE D O   1 
ATOM 1494 C CB  . ILE D 2 23 ? -9.180  -4.350  7.327   1.00 75.28  ? 23 ILE D CB  1 
ATOM 1495 C CG1 . ILE D 2 23 ? -8.852  -5.820  7.114   1.00 66.37  ? 23 ILE D CG1 1 
ATOM 1496 C CG2 . ILE D 2 23 ? -10.426 -4.216  8.231   1.00 73.93  ? 23 ILE D CG2 1 
ATOM 1497 C CD1 . ILE D 2 23 ? -8.027  -6.404  8.227   1.00 76.20  ? 23 ILE D CD1 1 
ATOM 1498 N N   . PHE D 2 24 ? -9.585  -1.388  6.848   1.00 81.18  ? 24 PHE D N   1 
ATOM 1499 C CA  . PHE D 2 24 ? -10.298 -0.178  7.281   1.00 103.30 ? 24 PHE D CA  1 
ATOM 1500 C C   . PHE D 2 24 ? -10.963 0.584   6.133   1.00 109.07 ? 24 PHE D C   1 
ATOM 1501 O O   . PHE D 2 24 ? -12.062 1.089   6.352   1.00 97.05  ? 24 PHE D O   1 
ATOM 1502 C CB  . PHE D 2 24 ? -9.427  0.846   8.026   1.00 96.08  ? 24 PHE D CB  1 
ATOM 1503 C CG  . PHE D 2 24 ? -10.195 1.715   9.003   1.00 110.91 ? 24 PHE D CG  1 
ATOM 1504 C CD1 . PHE D 2 24 ? -10.739 2.932   8.583   1.00 127.75 ? 24 PHE D CD1 1 
ATOM 1505 C CD2 . PHE D 2 24 ? -10.359 1.322   10.340  1.00 95.30  ? 24 PHE D CD2 1 
ATOM 1506 C CE1 . PHE D 2 24 ? -11.442 3.746   9.477   1.00 146.27 ? 24 PHE D CE1 1 
ATOM 1507 C CE2 . PHE D 2 24 ? -11.065 2.136   11.238  1.00 120.66 ? 24 PHE D CE2 1 
ATOM 1508 C CZ  . PHE D 2 24 ? -11.603 3.351   10.805  1.00 131.34 ? 24 PHE D CZ  1 
ATOM 1509 N N   . ASN D 2 25 ? -10.309 0.660   4.949   1.00 133.62 ? 25 ASN D N   1 
ATOM 1510 C CA  . ASN D 2 25 ? -10.835 1.407   3.810   1.00 135.59 ? 25 ASN D CA  1 
ATOM 1511 C C   . ASN D 2 25 ? -12.192 0.802   3.417   1.00 147.87 ? 25 ASN D C   1 
ATOM 1512 O O   . ASN D 2 25 ? -13.201 1.486   3.617   1.00 152.42 ? 25 ASN D O   1 
ATOM 1513 C CB  . ASN D 2 25 ? -9.758  1.745   2.764   1.00 135.44 ? 25 ASN D CB  1 
ATOM 1514 C CG  . ASN D 2 25 ? -9.272  0.671   1.810   1.00 124.36 ? 25 ASN D CG  1 
ATOM 1515 O OD1 . ASN D 2 25 ? -9.868  -0.415  1.653   1.00 82.55  ? 25 ASN D OD1 1 
ATOM 1516 N ND2 . ASN D 2 25 ? -8.217  1.046   1.084   1.00 95.48  ? 25 ASN D ND2 1 
ATOM 1517 N N   . GLU D 2 26 ? -12.233 -0.502  3.057   1.00 147.29 ? 26 GLU D N   1 
ATOM 1518 C CA  . GLU D 2 26 ? -13.479 -1.172  2.672   1.00 134.85 ? 26 GLU D CA  1 
ATOM 1519 C C   . GLU D 2 26 ? -14.413 -1.278  3.896   1.00 118.06 ? 26 GLU D C   1 
ATOM 1520 O O   . GLU D 2 26 ? -14.374 -2.272  4.613   1.00 91.99  ? 26 GLU D O   1 
ATOM 1521 C CB  . GLU D 2 26 ? -13.270 -2.436  1.817   1.00 129.65 ? 26 GLU D CB  1 
ATOM 1522 C CG  . GLU D 2 26 ? -12.692 -3.714  2.449   1.00 115.87 ? 26 GLU D CG  1 
ATOM 1523 C CD  . GLU D 2 26 ? -11.197 -3.992  2.468   1.00 114.92 ? 26 GLU D CD  1 
ATOM 1524 O OE1 . GLU D 2 26 ? -10.477 -3.339  1.675   1.00 122.92 ? 26 GLU D OE1 1 
ATOM 1525 O OE2 . GLU D 2 26 ? -10.766 -4.914  3.250   1.00 78.32  ? 26 GLU D OE2 1 
ATOM 1526 N N   . THR D 2 27 ? -15.192 -0.198  4.155   1.00 111.86 ? 27 THR D N   1 
ATOM 1527 C CA  . THR D 2 27 ? -16.281 -0.144  5.131   1.00 134.27 ? 27 THR D CA  1 
ATOM 1528 C C   . THR D 2 27 ? -17.536 0.292   4.391   1.00 141.58 ? 27 THR D C   1 
ATOM 1529 O O   . THR D 2 27 ? -17.524 1.427   3.850   1.00 130.90 ? 27 THR D O   1 
ATOM 1530 C CB  . THR D 2 27 ? -15.997 0.806   6.306   1.00 118.92 ? 27 THR D CB  1 
ATOM 1531 O OG1 . THR D 2 27 ? -14.655 0.638   6.745   1.00 132.02 ? 27 THR D OG1 1 
ATOM 1532 C CG2 . THR D 2 27 ? -16.920 0.565   7.492   1.00 98.41  ? 27 THR D CG2 1 
# 
